data_9K3A
#
_entry.id   9K3A
#
_cell.length_a   1.00
_cell.length_b   1.00
_cell.length_c   1.00
_cell.angle_alpha   90.00
_cell.angle_beta   90.00
_cell.angle_gamma   90.00
#
_symmetry.space_group_name_H-M   'P 1'
#
loop_
_entity.id
_entity.type
_entity.pdbx_description
1 polymer 'Tail protein'
2 polymer 'Tail protein'
#
loop_
_entity_poly.entity_id
_entity_poly.type
_entity_poly.pdbx_seq_one_letter_code
_entity_poly.pdbx_strand_id
1 'polypeptide(L)'
;MSKHCGLEANQKATDNEPKKRIRWNKSQRTLIEKLTADKHRKLRQSRRTADIYGDEVSAAQSQKLAEIEEVLIRSAGDVI
SLDRGQYDKWASLVSAKLGWRRGNPLNPSLNYSQAGEVREALKDARRVAQNLINDASHIRMLDGIKRFDDIYRQIMKPLG
MTTDDARALFNETIEIGSIPKNNKIYGNSEGVRLINSLRHSDYIERAKGYGLNDEAIETLLRAATDVHSVFDEMRVIAEA
TGHNIEELQNLGYFPRIATRDFNIRLRKALETDTALADVIMSEGVEQVKALNPLSSVWQKSRKFNYFVPDDLEVASKLLN
TSSDEIAEMLLNPREWMEFLTSSVSSSQIETMTELGVMSKLPMTSREVFEQLVDQYELPYKHINEMFKLDPHVAAEEYAR
VLRQAVGNSAMLKTVVKDGLAAGWAVPEKMLKDLSPKERANFVPLSFQKLDQFMSPEQLEAAGKVYVHRVVSDQWRSMLE
ISMSANKLGAFASAWSHLSTFLNKSVLASRNVLYVGTNFLSGFVLTNAVGANVFTVPHAMMDISNYLAKGLDAFDGTKPF
AKIGGEWISKREFFKQFLLKRGSDITPGTVSTTSSGGDANPFTSFKSIGALADVRSAKRALEYLWSYSSSFGDPVRGTKG
AAEYVGSLLNEATDNFFSPFAKMASFLDTMYKWNAYTSLVERQGAAELANTIAQGMTLEPISRIGRKFDNWRDLSRHIDD
YFFTFDDPGTTTKVISKYVRPFANWSMQSTPAMLRAALRSPQKFSAYAKLLQLYNRGNNDDEPLNQSQLTDWQDDEYPVI
LQRDALQTGDGNGGLLVLFPHTFDPITDTLNVIDNAGRTVNILFGNKYGGNERDNRNSVTGKKDGLTSMLTELFNDTYWA
KPAGLLLGIDSFTGQKIDASKYNNYLGFEMHPLAEALLGMYTPLDAINRTNLFDTFGRREYKDYRDRTVVEEKPGLFGGQ
RTNSDAQSLAWETAVKNGNWSALALMTMGARVRLIDTARNTQMTLDEIKTGIDELQKANVNAARQLTLNPEKLSESERNK
RTERLTESLTAEYQMKYDYARLINYMKAKRIPPKRLLFEMQQRSVNVSDLEPVGGKQRLQLESDFRRRIEEINK
;
A
2 'polypeptide(L)'
;MSIIKDVQDSNDPQLDKFNNEDAPKLAPVIPTPQPTDAGLSLGSTPVGVNPQAVIETESTPQPLTPEQQALTDSYNEASR
LTTNVQPMSELVQPQQALPTPTNIDSQQPTVFESANQFNLSATDNLLQQGKITQELINETQLTQSHIPTVYSTPYDGDEW
DLDFEASLERAGVLPGQKPSPETFNSQFNAQPTNEDASRSFNPNALKRSQFDVEGALAAIRNINTQEGLTGYQTIKPWGE
GALSSLMYGLGVVSNTIRGGVIDAVNVRNRVVNQLPKPIQGVLNFNPASALTGQQLIRPDANYRGSYTLDAIRGRQYSFT
ANSTNKDEPIGITGFKAFDDLAERMRQNRNARYNAINKTFGREIAKPVAVEERWSTDLSFWAGFGLDTILDPIDSIGVAW
KASGLLLGNAPSYVKRGIPTNTGRVIVTPAASERKLLPPGRTRYTPPGKPDGYELGLTEPLTNNKYQVVQTPKGEVSIPV
GQPTVQAKLPSIASNNKVTSLTLRREIRRPDGVIDVEFTPNPGAFDRVTGISNEPLAQLPSSEARRPLEPTQFETIQTPN
GEVQVPINQPSAPRQLPGTRTYSQPNWRWSRVVDGYINPEGMQPIIEVVRRKPEVFTTNSTSGYSPNWEYWSAPKVDDLY
IPAPIDVEFKVIPNKPSNLPLKPSSLSEDIVQGVDGEVRVPSSTQPNSQLALPYGEPYPLTQWDLSLETNPPQIGQRIDN
NITVAKNQGEAIDDVINNAPRTVEYNVSGLEIPRRNVTPQGFPKLEPRYDIKPPETPRVIELAPESVTVIREALDSNDWV
KAYDELLRKRVPVSDIKRKLETGRIDEAVNDLRKLIGDIKPKTAPEPKPVAPKRQRRRVIKADGTAVYETVRVNPETQLL
DAAITNINVVANVVDVPSMSVSQSTPASPLAIDAASDALRPVSPGTPLVAPTSEVNKQLVDQLTRLTETERMMKRRGASP
ETLERIRTQKLELRKAIADGDELAEPKVKPEPVTPAINKTVLTGTMTMSELSQQLLDNVPGSRIDPDKVRRVERKLSEVE
ALMKVIPNPITGEPLLGSANTRKFRTWAKDSSTSPTAYLNKLGLQEYPLLYRLFERDGAAIDIDALAHPEFRVILDKPLP
DKTSRQVVVSNTPSLTKPTVQSESKAITEMTINELRSERKLLKSQINELDDPSDLIERLMELDDAINNLDITKPENLKVV
QDEVIPETQHGTSPEVVKLTQQKLDIENEVINTGVRVQELELELARQKVQLEDALSRIEETADINPHDVISEPLPSGRAR
RVPTEIPPNDGTILTQKEAARFYDISEGNFKNGDTKPRPALVHTKHMVSDVVVPNDVIQREFDNIMNMGGITQPIVITPV
GLDDVYIKYAVVDNHAIYEAAKLAREADPRKFENVNVIVIHPSKADPSYFADEVLPTNTTEGSLYHGTRVKGWTPGNGGV
GEWGSGTYFSKSSQAASDNAIKPLRPALGEVIDNVTQPTIHEVLPDFKRTVDVNSPVDGDFSAALLMSANELMDGSEFTS
FKRSIMKPGTVQLRDTIKTPADIYAAIEKYAAKNDIEWTPERTHKFKSRINERLRLVGVDALTDGDTTLVINPDAVSVIN
SHLLDETDAIGTSIARYNSASEAAGRNSGIPTANANQAEASVMLQRQMYEETIEKLEDAKRQQRTAITKSHEIDEQLTQT
AQAEQTTKRQQRVAKSQKRAEREAERLGKKRDNPCQF
;
B
#
# COMPACT_ATOMS: atom_id res chain seq x y z
N SER A 2 17.40 40.77 45.15
CA SER A 2 18.14 39.62 45.67
C SER A 2 19.55 39.58 45.09
N LYS A 3 20.50 40.16 45.82
CA LYS A 3 21.86 40.26 45.33
C LYS A 3 22.69 39.01 45.58
N HIS A 4 22.19 38.04 46.35
CA HIS A 4 22.93 36.79 46.49
C HIS A 4 22.56 35.85 45.35
N CYS A 5 22.54 36.40 44.14
CA CYS A 5 22.27 35.69 42.90
C CYS A 5 22.83 36.54 41.78
N GLY A 6 22.44 36.25 40.54
CA GLY A 6 22.79 37.12 39.44
C GLY A 6 21.58 37.43 38.58
N LEU A 7 21.82 37.93 37.37
CA LEU A 7 20.75 37.95 36.38
C LEU A 7 20.65 36.64 35.64
N GLU A 8 21.63 35.80 35.94
CA GLU A 8 21.72 34.44 35.44
C GLU A 8 21.41 33.51 36.60
N ALA A 9 20.66 32.44 36.33
CA ALA A 9 20.11 31.50 37.30
C ALA A 9 19.03 32.14 38.17
N ASN A 10 18.70 33.41 37.93
CA ASN A 10 17.58 34.06 38.58
C ASN A 10 16.31 33.97 37.74
N GLN A 11 16.45 34.12 36.42
CA GLN A 11 15.36 33.92 35.48
C GLN A 11 15.31 32.51 34.94
N LYS A 12 16.43 31.79 34.97
CA LYS A 12 16.46 30.40 34.52
C LYS A 12 15.85 29.45 35.53
N ALA A 13 15.50 29.92 36.73
CA ALA A 13 14.92 29.06 37.74
C ALA A 13 13.60 28.46 37.27
N THR A 14 12.76 29.26 36.61
CA THR A 14 11.51 28.78 36.05
C THR A 14 11.50 28.99 34.54
N ASP A 15 10.70 28.18 33.84
CA ASP A 15 10.53 28.31 32.40
C ASP A 15 9.08 28.71 32.12
N ASN A 16 8.88 29.53 31.10
CA ASN A 16 7.54 29.96 30.71
C ASN A 16 7.33 30.02 29.21
N GLU A 17 8.38 29.99 28.41
CA GLU A 17 8.21 30.09 26.97
C GLU A 17 7.60 28.80 26.44
N PRO A 18 6.52 28.86 25.65
CA PRO A 18 5.92 27.64 25.11
C PRO A 18 6.73 27.14 23.92
N LYS A 19 7.06 25.86 23.94
CA LYS A 19 7.77 25.23 22.84
C LYS A 19 6.78 24.65 21.84
N LYS A 20 7.22 24.52 20.60
CA LYS A 20 6.40 24.00 19.52
C LYS A 20 6.76 22.54 19.25
N ARG A 21 5.78 21.66 19.36
CA ARG A 21 6.00 20.23 19.19
C ARG A 21 5.08 19.62 18.15
N ILE A 22 4.32 20.44 17.42
CA ILE A 22 3.45 19.96 16.35
C ILE A 22 4.24 20.03 15.05
N ARG A 23 4.45 18.88 14.42
CA ARG A 23 5.23 18.81 13.19
C ARG A 23 4.44 18.03 12.14
N TRP A 24 4.28 18.63 10.96
CA TRP A 24 3.62 17.95 9.85
C TRP A 24 4.14 18.57 8.55
N ASN A 25 5.07 17.88 7.91
CA ASN A 25 5.56 18.33 6.61
C ASN A 25 4.50 18.10 5.54
N LYS A 26 4.62 18.84 4.44
CA LYS A 26 3.64 18.71 3.36
C LYS A 26 3.72 17.36 2.66
N SER A 27 4.85 16.66 2.76
CA SER A 27 5.02 15.38 2.09
C SER A 27 4.62 14.20 2.97
N GLN A 28 4.11 14.44 4.17
CA GLN A 28 3.75 13.36 5.07
C GLN A 28 2.35 12.84 4.78
N ARG A 29 2.19 11.53 4.87
CA ARG A 29 0.91 10.87 4.69
C ARG A 29 0.50 10.18 5.99
N THR A 30 -0.80 10.15 6.24
CA THR A 30 -1.30 9.46 7.43
C THR A 30 -1.16 7.95 7.27
N LEU A 31 -1.20 7.25 8.40
CA LEU A 31 -1.06 5.80 8.37
C LEU A 31 -2.20 5.15 7.61
N ILE A 32 -3.43 5.63 7.80
CA ILE A 32 -4.58 5.08 7.08
C ILE A 32 -4.41 5.29 5.58
N GLU A 33 -3.94 6.47 5.18
CA GLU A 33 -3.74 6.74 3.76
C GLU A 33 -2.73 5.79 3.15
N LYS A 34 -1.60 5.57 3.83
CA LYS A 34 -0.59 4.66 3.30
C LYS A 34 -1.10 3.22 3.24
N LEU A 35 -1.80 2.77 4.28
CA LEU A 35 -2.32 1.41 4.28
C LEU A 35 -3.33 1.21 3.15
N THR A 36 -4.25 2.16 2.99
CA THR A 36 -5.26 2.05 1.94
C THR A 36 -4.62 2.15 0.56
N ALA A 37 -3.60 3.00 0.41
CA ALA A 37 -2.92 3.09 -0.87
C ALA A 37 -2.25 1.78 -1.22
N ASP A 38 -1.60 1.14 -0.25
CA ASP A 38 -0.97 -0.16 -0.50
C ASP A 38 -2.01 -1.19 -0.89
N LYS A 39 -3.11 -1.27 -0.13
CA LYS A 39 -4.13 -2.26 -0.41
C LYS A 39 -4.76 -2.06 -1.78
N HIS A 40 -5.06 -0.82 -2.13
CA HIS A 40 -5.70 -0.56 -3.41
C HIS A 40 -4.71 -0.70 -4.57
N ARG A 41 -3.43 -0.44 -4.34
CA ARG A 41 -2.43 -0.75 -5.35
C ARG A 41 -2.38 -2.24 -5.62
N LYS A 42 -2.38 -3.06 -4.56
CA LYS A 42 -2.36 -4.50 -4.74
C LYS A 42 -3.64 -4.97 -5.44
N LEU A 43 -4.78 -4.35 -5.13
CA LEU A 43 -6.01 -4.68 -5.83
C LEU A 43 -5.94 -4.31 -7.31
N ARG A 44 -5.38 -3.14 -7.60
CA ARG A 44 -5.28 -2.68 -8.99
C ARG A 44 -4.35 -3.57 -9.81
N GLN A 45 -3.30 -4.10 -9.19
CA GLN A 45 -2.39 -4.98 -9.92
C GLN A 45 -3.05 -6.28 -10.35
N SER A 46 -4.18 -6.64 -9.73
CA SER A 46 -4.87 -7.89 -10.02
C SER A 46 -6.31 -7.65 -10.43
N ARG A 47 -6.58 -6.53 -11.10
CA ARG A 47 -7.94 -6.17 -11.48
C ARG A 47 -8.32 -6.88 -12.78
N ARG A 48 -9.51 -6.55 -13.29
CA ARG A 48 -9.98 -7.03 -14.58
C ARG A 48 -10.21 -5.82 -15.47
N THR A 49 -9.30 -5.61 -16.42
CA THR A 49 -9.39 -4.46 -17.31
C THR A 49 -10.65 -4.53 -18.15
N ALA A 50 -11.32 -3.40 -18.31
CA ALA A 50 -12.53 -3.35 -19.12
C ALA A 50 -12.20 -3.63 -20.57
N ASP A 51 -13.18 -4.22 -21.28
CA ASP A 51 -12.93 -4.69 -22.63
C ASP A 51 -12.97 -3.56 -23.65
N ILE A 52 -13.45 -2.38 -23.26
CA ILE A 52 -13.51 -1.20 -24.14
C ILE A 52 -12.78 -0.07 -23.44
N TYR A 53 -12.06 0.74 -24.22
CA TYR A 53 -11.15 1.73 -23.63
C TYR A 53 -11.90 2.76 -22.79
N GLY A 54 -13.04 3.24 -23.28
CA GLY A 54 -13.82 4.19 -22.49
C GLY A 54 -14.25 3.61 -21.16
N ASP A 55 -14.71 2.36 -21.17
CA ASP A 55 -15.05 1.69 -19.92
C ASP A 55 -13.82 1.52 -19.04
N GLU A 56 -12.64 1.34 -19.65
CA GLU A 56 -11.42 1.23 -18.85
C GLU A 56 -11.09 2.56 -18.15
N VAL A 57 -11.26 3.68 -18.85
CA VAL A 57 -11.03 4.98 -18.23
C VAL A 57 -12.04 5.22 -17.12
N SER A 58 -13.31 4.87 -17.37
CA SER A 58 -14.33 5.00 -16.33
C SER A 58 -13.98 4.14 -15.12
N ALA A 59 -13.48 2.93 -15.36
CA ALA A 59 -13.10 2.05 -14.27
C ALA A 59 -11.92 2.60 -13.47
N ALA A 60 -10.95 3.21 -14.16
CA ALA A 60 -9.82 3.80 -13.45
C ALA A 60 -10.27 4.95 -12.57
N GLN A 61 -11.15 5.81 -13.09
CA GLN A 61 -11.69 6.89 -12.28
C GLN A 61 -12.47 6.35 -11.09
N SER A 62 -13.27 5.30 -11.32
CA SER A 62 -14.04 4.70 -10.23
C SER A 62 -13.13 4.10 -9.17
N GLN A 63 -12.02 3.50 -9.58
CA GLN A 63 -11.10 2.90 -8.62
C GLN A 63 -10.40 3.97 -7.79
N LYS A 64 -9.98 5.07 -8.41
CA LYS A 64 -9.39 6.16 -7.64
C LYS A 64 -10.41 6.72 -6.64
N LEU A 65 -11.65 6.91 -7.09
CA LEU A 65 -12.69 7.38 -6.19
C LEU A 65 -12.94 6.40 -5.05
N ALA A 66 -12.93 5.10 -5.35
CA ALA A 66 -13.13 4.10 -4.31
C ALA A 66 -12.03 4.13 -3.28
N GLU A 67 -10.78 4.31 -3.72
CA GLU A 67 -9.68 4.46 -2.77
C GLU A 67 -9.88 5.68 -1.89
N ILE A 68 -10.28 6.80 -2.48
CA ILE A 68 -10.51 8.01 -1.69
C ILE A 68 -11.60 7.79 -0.65
N GLU A 69 -12.71 7.17 -1.07
CA GLU A 69 -13.82 6.96 -0.14
C GLU A 69 -13.46 5.98 0.97
N GLU A 70 -12.69 4.95 0.65
CA GLU A 70 -12.25 4.04 1.70
C GLU A 70 -11.33 4.75 2.68
N VAL A 71 -10.44 5.63 2.19
CA VAL A 71 -9.61 6.42 3.09
C VAL A 71 -10.49 7.24 4.03
N LEU A 72 -11.49 7.92 3.47
CA LEU A 72 -12.37 8.76 4.28
C LEU A 72 -13.10 7.93 5.34
N ILE A 73 -13.68 6.80 4.94
CA ILE A 73 -14.47 5.99 5.86
C ILE A 73 -13.60 5.43 6.96
N ARG A 74 -12.42 4.92 6.61
CA ARG A 74 -11.55 4.33 7.61
C ARG A 74 -11.01 5.39 8.57
N SER A 75 -10.69 6.58 8.06
CA SER A 75 -10.24 7.66 8.95
C SER A 75 -11.34 8.06 9.92
N ALA A 76 -12.57 8.22 9.41
CA ALA A 76 -13.68 8.59 10.28
C ALA A 76 -13.96 7.51 11.33
N GLY A 77 -13.91 6.25 10.92
CA GLY A 77 -14.12 5.17 11.87
C GLY A 77 -13.04 5.12 12.93
N ASP A 78 -11.79 5.35 12.54
CA ASP A 78 -10.69 5.39 13.50
C ASP A 78 -10.91 6.52 14.51
N VAL A 79 -11.35 7.68 14.04
CA VAL A 79 -11.63 8.79 14.94
C VAL A 79 -12.75 8.44 15.91
N ILE A 80 -13.84 7.88 15.39
CA ILE A 80 -15.01 7.60 16.23
C ILE A 80 -14.69 6.52 17.26
N SER A 81 -13.87 5.53 16.89
CA SER A 81 -13.55 4.46 17.83
C SER A 81 -12.85 4.99 19.08
N LEU A 82 -12.06 6.05 18.94
CA LEU A 82 -11.32 6.58 20.09
C LEU A 82 -12.24 7.37 21.02
N ASP A 83 -12.83 8.45 20.51
CA ASP A 83 -13.70 9.32 21.28
C ASP A 83 -15.05 9.39 20.58
N ARG A 84 -16.08 8.79 21.19
CA ARG A 84 -17.39 8.74 20.56
C ARG A 84 -17.97 10.13 20.38
N GLY A 85 -17.81 11.00 21.40
CA GLY A 85 -18.36 12.35 21.32
C GLY A 85 -17.84 13.14 20.15
N GLN A 86 -16.68 12.76 19.60
CA GLN A 86 -16.13 13.45 18.43
C GLN A 86 -17.07 13.37 17.24
N TYR A 87 -18.02 12.44 17.26
CA TYR A 87 -19.04 12.43 16.21
C TYR A 87 -19.87 13.70 16.24
N ASP A 88 -20.36 14.08 17.43
CA ASP A 88 -21.27 15.22 17.52
C ASP A 88 -20.58 16.51 17.11
N LYS A 89 -19.32 16.68 17.52
CA LYS A 89 -18.57 17.86 17.09
C LYS A 89 -18.28 17.82 15.60
N TRP A 90 -18.22 16.64 15.00
CA TRP A 90 -17.91 16.53 13.58
C TRP A 90 -19.14 16.80 12.72
N ALA A 91 -20.19 16.01 12.91
CA ALA A 91 -21.37 16.12 12.06
C ALA A 91 -21.97 17.53 12.14
N SER A 92 -22.07 18.08 13.36
CA SER A 92 -22.61 19.42 13.52
C SER A 92 -21.82 20.44 12.71
N LEU A 93 -20.52 20.22 12.52
CA LEU A 93 -19.77 21.12 11.65
C LEU A 93 -20.10 20.88 10.19
N VAL A 94 -20.20 19.61 9.78
CA VAL A 94 -20.55 19.31 8.40
C VAL A 94 -21.97 19.78 8.12
N SER A 95 -22.86 19.66 9.10
CA SER A 95 -24.19 20.25 8.98
C SER A 95 -24.12 21.76 8.83
N ALA A 96 -23.14 22.39 9.49
CA ALA A 96 -22.96 23.84 9.35
C ALA A 96 -22.52 24.19 7.93
N LYS A 97 -21.63 23.39 7.35
CA LYS A 97 -21.11 23.62 6.01
C LYS A 97 -21.83 22.80 4.95
N LEU A 98 -23.05 22.34 5.23
CA LEU A 98 -23.79 21.51 4.29
C LEU A 98 -24.20 22.34 3.08
N GLY A 99 -23.58 22.07 1.94
CA GLY A 99 -24.00 22.71 0.70
C GLY A 99 -22.95 23.58 0.05
N TRP A 100 -22.18 24.30 0.86
CA TRP A 100 -21.20 25.26 0.37
C TRP A 100 -19.80 24.94 0.87
N ARG A 101 -19.46 23.66 0.88
CA ARG A 101 -18.12 23.21 1.26
C ARG A 101 -17.26 23.10 0.02
N ARG A 102 -16.19 23.89 -0.05
CA ARG A 102 -15.28 23.91 -1.18
C ARG A 102 -13.95 23.31 -0.73
N GLY A 103 -13.69 22.08 -1.15
CA GLY A 103 -12.52 21.36 -0.68
C GLY A 103 -12.85 19.92 -0.31
N ASN A 104 -14.06 19.50 -0.63
CA ASN A 104 -14.48 18.12 -0.34
C ASN A 104 -13.58 17.15 -1.08
N PRO A 105 -12.96 16.19 -0.39
CA PRO A 105 -12.04 15.26 -1.08
C PRO A 105 -12.70 14.48 -2.21
N LEU A 106 -14.00 14.21 -2.12
CA LEU A 106 -14.67 13.45 -3.17
C LEU A 106 -14.63 14.18 -4.50
N ASN A 107 -14.84 15.48 -4.50
CA ASN A 107 -14.76 16.27 -5.73
C ASN A 107 -13.33 16.74 -5.96
N PRO A 108 -12.70 16.36 -7.09
CA PRO A 108 -11.37 16.88 -7.44
C PRO A 108 -11.39 18.39 -7.67
N ALA A 121 -22.69 33.46 -11.73
CA ALA A 121 -21.96 33.14 -10.51
C ALA A 121 -22.53 31.90 -9.84
N LEU A 122 -22.02 30.74 -10.23
CA LEU A 122 -22.47 29.45 -9.70
C LEU A 122 -23.98 29.27 -9.88
N LYS A 123 -24.47 29.66 -11.06
CA LYS A 123 -25.88 29.52 -11.37
C LYS A 123 -26.26 28.11 -11.80
N ASP A 124 -25.29 27.26 -12.14
CA ASP A 124 -25.57 25.90 -12.55
C ASP A 124 -26.16 25.11 -11.40
N ALA A 125 -27.43 24.71 -11.54
CA ALA A 125 -28.09 23.93 -10.48
C ALA A 125 -27.42 22.58 -10.29
N ARG A 126 -26.81 22.03 -11.34
CA ARG A 126 -26.20 20.70 -11.24
C ARG A 126 -25.04 20.70 -10.25
N ARG A 127 -24.18 21.72 -10.32
CA ARG A 127 -23.02 21.76 -9.42
C ARG A 127 -23.44 21.97 -7.97
N VAL A 128 -24.42 22.85 -7.74
CA VAL A 128 -24.93 23.07 -6.38
C VAL A 128 -25.53 21.78 -5.84
N ALA A 129 -26.33 21.09 -6.65
CA ALA A 129 -26.90 19.83 -6.22
C ALA A 129 -25.83 18.79 -5.95
N GLN A 130 -24.78 18.77 -6.76
CA GLN A 130 -23.70 17.80 -6.56
C GLN A 130 -22.99 18.04 -5.24
N ASN A 131 -22.68 19.30 -4.93
CA ASN A 131 -22.05 19.62 -3.65
C ASN A 131 -22.96 19.26 -2.49
N LEU A 132 -24.26 19.57 -2.61
CA LEU A 132 -25.22 19.24 -1.58
C LEU A 132 -25.27 17.73 -1.35
N ILE A 133 -25.27 16.96 -2.42
CA ILE A 133 -25.35 15.51 -2.33
C ILE A 133 -24.07 14.93 -1.72
N ASN A 134 -22.91 15.49 -2.07
CA ASN A 134 -21.67 15.04 -1.46
C ASN A 134 -21.65 15.28 0.04
N ASP A 135 -22.11 16.46 0.47
CA ASP A 135 -22.16 16.74 1.90
C ASP A 135 -23.16 15.83 2.62
N ALA A 136 -24.30 15.57 1.98
CA ALA A 136 -25.25 14.63 2.56
C ALA A 136 -24.64 13.24 2.69
N SER A 137 -23.85 12.83 1.70
CA SER A 137 -23.16 11.54 1.78
C SER A 137 -22.19 11.52 2.95
N HIS A 138 -21.47 12.61 3.17
CA HIS A 138 -20.57 12.68 4.33
C HIS A 138 -21.34 12.49 5.62
N ILE A 139 -22.45 13.21 5.78
CA ILE A 139 -23.21 13.12 7.03
C ILE A 139 -23.79 11.73 7.22
N ARG A 140 -24.32 11.13 6.15
CA ARG A 140 -24.87 9.78 6.27
C ARG A 140 -23.78 8.76 6.60
N MET A 141 -22.58 8.94 6.05
CA MET A 141 -21.47 8.05 6.40
C MET A 141 -21.11 8.17 7.88
N LEU A 142 -21.09 9.40 8.40
CA LEU A 142 -20.81 9.57 9.82
C LEU A 142 -21.89 8.92 10.68
N ASP A 143 -23.16 9.07 10.27
CA ASP A 143 -24.25 8.43 11.03
C ASP A 143 -24.11 6.92 11.01
N GLY A 144 -23.76 6.35 9.85
CA GLY A 144 -23.57 4.91 9.77
C GLY A 144 -22.43 4.44 10.65
N ILE A 145 -21.33 5.20 10.69
CA ILE A 145 -20.21 4.84 11.54
C ILE A 145 -20.61 4.90 13.01
N LYS A 146 -21.42 5.89 13.38
CA LYS A 146 -21.90 5.95 14.76
C LYS A 146 -22.78 4.74 15.10
N ARG A 147 -23.67 4.36 14.18
CA ARG A 147 -24.51 3.19 14.43
C ARG A 147 -23.67 1.93 14.57
N PHE A 148 -22.65 1.78 13.71
CA PHE A 148 -21.76 0.64 13.82
C PHE A 148 -21.00 0.67 15.14
N ASP A 149 -20.62 1.86 15.60
CA ASP A 149 -19.93 1.97 16.89
C ASP A 149 -20.84 1.55 18.03
N ASP A 150 -22.11 1.94 17.99
CA ASP A 150 -23.05 1.52 19.04
C ASP A 150 -23.20 0.01 19.05
N ILE A 151 -23.37 -0.59 17.86
CA ILE A 151 -23.50 -2.04 17.77
C ILE A 151 -22.23 -2.73 18.29
N TYR A 152 -21.06 -2.19 17.91
CA TYR A 152 -19.79 -2.74 18.36
C TYR A 152 -19.65 -2.68 19.87
N ARG A 153 -20.01 -1.54 20.48
CA ARG A 153 -19.92 -1.43 21.92
C ARG A 153 -20.85 -2.42 22.61
N GLN A 154 -22.08 -2.57 22.09
CA GLN A 154 -23.01 -3.52 22.69
C GLN A 154 -22.48 -4.95 22.62
N ILE A 155 -21.86 -5.32 21.49
CA ILE A 155 -21.34 -6.67 21.36
C ILE A 155 -20.12 -6.87 22.25
N MET A 156 -19.23 -5.88 22.31
CA MET A 156 -17.95 -6.00 22.98
C MET A 156 -18.00 -5.68 24.46
N LYS A 157 -19.17 -5.31 24.98
CA LYS A 157 -19.28 -5.03 26.41
C LYS A 157 -18.87 -6.20 27.30
N PRO A 158 -19.33 -7.44 27.10
CA PRO A 158 -19.01 -8.52 28.04
C PRO A 158 -17.70 -9.24 27.80
N LEU A 159 -17.12 -9.15 26.60
CA LEU A 159 -15.91 -9.92 26.32
C LEU A 159 -14.74 -9.46 27.18
N GLY A 160 -14.56 -8.15 27.33
CA GLY A 160 -13.55 -7.63 28.23
C GLY A 160 -12.11 -7.84 27.79
N MET A 161 -11.69 -7.18 26.72
CA MET A 161 -10.30 -7.14 26.31
C MET A 161 -9.78 -5.71 26.35
N THR A 162 -8.47 -5.58 26.16
CA THR A 162 -7.80 -4.30 26.28
C THR A 162 -8.30 -3.32 25.24
N THR A 163 -8.20 -2.02 25.56
CA THR A 163 -8.71 -0.99 24.68
C THR A 163 -7.96 -0.96 23.35
N ASP A 164 -6.64 -1.22 23.38
CA ASP A 164 -5.87 -1.25 22.14
C ASP A 164 -6.36 -2.35 21.21
N ASP A 165 -6.60 -3.54 21.75
CA ASP A 165 -7.14 -4.63 20.94
C ASP A 165 -8.53 -4.30 20.42
N ALA A 166 -9.36 -3.65 21.25
CA ALA A 166 -10.69 -3.28 20.81
C ALA A 166 -10.64 -2.30 19.65
N ARG A 167 -9.77 -1.30 19.72
CA ARG A 167 -9.65 -0.34 18.64
C ARG A 167 -9.08 -0.98 17.39
N ALA A 168 -8.11 -1.89 17.55
CA ALA A 168 -7.56 -2.60 16.39
C ALA A 168 -8.64 -3.44 15.71
N LEU A 169 -9.47 -4.12 16.50
CA LEU A 169 -10.56 -4.90 15.92
C LEU A 169 -11.59 -4.01 15.24
N PHE A 170 -11.87 -2.84 15.83
CA PHE A 170 -12.78 -1.88 15.20
C PHE A 170 -12.26 -1.47 13.82
N ASN A 171 -10.99 -1.06 13.76
CA ASN A 171 -10.42 -0.63 12.49
C ASN A 171 -10.39 -1.78 11.48
N GLU A 172 -10.05 -2.98 11.93
CA GLU A 172 -10.01 -4.13 11.03
C GLU A 172 -11.40 -4.46 10.50
N THR A 173 -12.43 -4.37 11.35
CA THR A 173 -13.79 -4.62 10.89
C THR A 173 -14.21 -3.58 9.86
N ILE A 174 -13.87 -2.31 10.10
CA ILE A 174 -14.19 -1.27 9.13
C ILE A 174 -13.51 -1.54 7.80
N GLU A 175 -12.24 -1.95 7.84
CA GLU A 175 -11.52 -2.25 6.61
C GLU A 175 -12.13 -3.44 5.88
N ILE A 176 -12.48 -4.50 6.62
CA ILE A 176 -12.98 -5.72 6.00
C ILE A 176 -14.38 -5.52 5.45
N GLY A 177 -15.14 -4.58 6.02
CA GLY A 177 -16.50 -4.34 5.53
C GLY A 177 -16.56 -3.83 4.11
N SER A 178 -15.44 -3.35 3.56
CA SER A 178 -15.39 -2.81 2.22
C SER A 178 -15.06 -3.85 1.16
N ILE A 179 -15.08 -5.13 1.52
CA ILE A 179 -14.70 -6.17 0.55
C ILE A 179 -15.65 -6.24 -0.64
N PRO A 180 -16.98 -6.27 -0.46
CA PRO A 180 -17.85 -6.31 -1.65
C PRO A 180 -17.68 -5.10 -2.56
N LYS A 181 -17.50 -3.91 -1.97
CA LYS A 181 -17.34 -2.71 -2.77
C LYS A 181 -16.08 -2.79 -3.63
N ASN A 182 -14.96 -3.22 -3.04
CA ASN A 182 -13.73 -3.33 -3.80
C ASN A 182 -13.79 -4.47 -4.81
N ASN A 183 -14.47 -5.56 -4.48
CA ASN A 183 -14.62 -6.65 -5.43
C ASN A 183 -15.40 -6.22 -6.66
N LYS A 184 -16.49 -5.47 -6.46
CA LYS A 184 -17.30 -5.05 -7.60
C LYS A 184 -16.62 -3.93 -8.38
N ILE A 185 -15.99 -2.99 -7.68
CA ILE A 185 -15.37 -1.85 -8.37
C ILE A 185 -14.20 -2.31 -9.23
N TYR A 186 -13.43 -3.28 -8.75
CA TYR A 186 -12.26 -3.77 -9.48
C TYR A 186 -12.59 -4.89 -10.45
N GLY A 187 -13.88 -5.23 -10.62
CA GLY A 187 -14.29 -6.12 -11.68
C GLY A 187 -14.52 -7.56 -11.32
N ASN A 188 -14.57 -7.90 -10.03
CA ASN A 188 -14.79 -9.28 -9.58
C ASN A 188 -13.73 -10.23 -10.14
N SER A 189 -12.54 -9.71 -10.39
CA SER A 189 -11.45 -10.55 -10.87
C SER A 189 -11.07 -11.55 -9.78
N GLU A 190 -10.65 -12.74 -10.21
CA GLU A 190 -10.34 -13.80 -9.25
C GLU A 190 -9.23 -13.39 -8.30
N GLY A 191 -8.25 -12.60 -8.77
CA GLY A 191 -7.21 -12.13 -7.89
C GLY A 191 -7.71 -11.19 -6.81
N VAL A 192 -8.62 -10.28 -7.18
CA VAL A 192 -9.19 -9.35 -6.21
C VAL A 192 -9.97 -10.12 -5.14
N ARG A 193 -10.78 -11.08 -5.58
CA ARG A 193 -11.53 -11.90 -4.62
C ARG A 193 -10.58 -12.69 -3.73
N LEU A 194 -9.49 -13.20 -4.28
CA LEU A 194 -8.54 -13.96 -3.47
C LEU A 194 -7.87 -13.08 -2.41
N ILE A 195 -7.46 -11.87 -2.79
CA ILE A 195 -6.84 -10.96 -1.82
C ILE A 195 -7.82 -10.62 -0.71
N ASN A 196 -9.05 -10.25 -1.09
CA ASN A 196 -10.04 -9.88 -0.09
C ASN A 196 -10.43 -11.08 0.77
N SER A 197 -10.43 -12.28 0.21
CA SER A 197 -10.74 -13.48 0.99
C SER A 197 -9.63 -13.77 2.00
N LEU A 198 -8.38 -13.58 1.61
CA LEU A 198 -7.29 -13.75 2.57
C LEU A 198 -7.42 -12.75 3.72
N ARG A 199 -7.70 -11.49 3.40
CA ARG A 199 -7.87 -10.50 4.46
C ARG A 199 -9.05 -10.84 5.36
N HIS A 200 -10.16 -11.26 4.76
CA HIS A 200 -11.35 -11.62 5.54
C HIS A 200 -11.08 -12.83 6.43
N SER A 201 -10.34 -13.81 5.92
CA SER A 201 -10.01 -14.98 6.73
C SER A 201 -9.13 -14.60 7.91
N ASP A 202 -8.15 -13.73 7.69
CA ASP A 202 -7.34 -13.27 8.82
C ASP A 202 -8.19 -12.54 9.85
N TYR A 203 -9.10 -11.68 9.40
CA TYR A 203 -9.98 -10.97 10.33
C TYR A 203 -10.86 -11.94 11.11
N ILE A 204 -11.39 -12.96 10.43
CA ILE A 204 -12.25 -13.94 11.10
C ILE A 204 -11.46 -14.70 12.15
N GLU A 205 -10.23 -15.10 11.82
CA GLU A 205 -9.39 -15.77 12.81
C GLU A 205 -9.16 -14.90 14.03
N ARG A 206 -8.83 -13.63 13.82
CA ARG A 206 -8.59 -12.73 14.94
C ARG A 206 -9.85 -12.55 15.79
N ALA A 207 -10.99 -12.33 15.13
CA ALA A 207 -12.24 -12.10 15.85
C ALA A 207 -12.65 -13.32 16.66
N LYS A 208 -12.53 -14.51 16.08
CA LYS A 208 -12.86 -15.73 16.80
C LYS A 208 -11.90 -15.95 17.96
N GLY A 209 -10.63 -15.58 17.79
CA GLY A 209 -9.69 -15.65 18.90
C GLY A 209 -10.09 -14.70 20.03
N TYR A 210 -10.62 -13.53 19.69
CA TYR A 210 -11.01 -12.56 20.71
C TYR A 210 -12.29 -12.97 21.45
N GLY A 211 -13.03 -13.96 20.96
CA GLY A 211 -14.19 -14.46 21.65
C GLY A 211 -15.52 -14.22 20.96
N LEU A 212 -15.54 -13.52 19.83
CA LEU A 212 -16.79 -13.30 19.11
C LEU A 212 -17.33 -14.60 18.55
N ASN A 213 -18.65 -14.72 18.51
CA ASN A 213 -19.30 -15.87 17.90
C ASN A 213 -19.60 -15.54 16.44
N ASP A 214 -20.32 -16.44 15.76
CA ASP A 214 -20.60 -16.24 14.34
C ASP A 214 -21.64 -15.13 14.13
N GLU A 215 -22.67 -15.09 14.98
CA GLU A 215 -23.73 -14.09 14.80
C GLU A 215 -23.21 -12.69 15.05
N ALA A 216 -22.38 -12.50 16.07
CA ALA A 216 -21.83 -11.18 16.34
C ALA A 216 -20.94 -10.71 15.20
N ILE A 217 -20.10 -11.61 14.68
CA ILE A 217 -19.25 -11.27 13.54
C ILE A 217 -20.09 -10.90 12.33
N GLU A 218 -21.15 -11.68 12.07
CA GLU A 218 -22.02 -11.39 10.94
C GLU A 218 -22.68 -10.02 11.09
N THR A 219 -23.16 -9.70 12.30
CA THR A 219 -23.79 -8.41 12.52
C THR A 219 -22.79 -7.26 12.33
N LEU A 220 -21.58 -7.42 12.86
CA LEU A 220 -20.57 -6.36 12.71
C LEU A 220 -20.21 -6.17 11.23
N LEU A 221 -20.02 -7.27 10.50
CA LEU A 221 -19.69 -7.16 9.08
C LEU A 221 -20.85 -6.55 8.30
N ARG A 222 -22.09 -6.89 8.66
CA ARG A 222 -23.25 -6.30 8.01
C ARG A 222 -23.28 -4.79 8.23
N ALA A 223 -23.03 -4.35 9.45
CA ALA A 223 -23.02 -2.91 9.73
C ALA A 223 -21.90 -2.21 8.98
N ALA A 224 -20.70 -2.81 8.94
CA ALA A 224 -19.59 -2.20 8.23
C ALA A 224 -19.87 -2.09 6.74
N THR A 225 -20.40 -3.16 6.14
CA THR A 225 -20.73 -3.14 4.72
C THR A 225 -21.83 -2.14 4.42
N ASP A 226 -22.77 -1.96 5.34
CA ASP A 226 -23.76 -0.91 5.20
C ASP A 226 -23.11 0.46 5.23
N VAL A 227 -22.11 0.65 6.09
CA VAL A 227 -21.41 1.92 6.16
C VAL A 227 -20.72 2.22 4.85
N HIS A 228 -20.06 1.22 4.26
CA HIS A 228 -19.24 1.48 3.07
C HIS A 228 -20.07 1.73 1.82
N SER A 229 -21.33 1.31 1.79
CA SER A 229 -22.15 1.46 0.60
C SER A 229 -22.96 2.74 0.60
N VAL A 230 -22.64 3.69 1.48
CA VAL A 230 -23.45 4.90 1.59
C VAL A 230 -23.25 5.80 0.38
N PHE A 231 -21.99 5.96 -0.06
CA PHE A 231 -21.69 6.92 -1.11
C PHE A 231 -22.32 6.53 -2.44
N ASP A 232 -22.17 5.27 -2.85
CA ASP A 232 -22.77 4.81 -4.09
C ASP A 232 -24.29 4.83 -4.00
N GLU A 233 -24.83 4.56 -2.82
CA GLU A 233 -26.28 4.66 -2.63
C GLU A 233 -26.76 6.09 -2.83
N MET A 234 -26.04 7.07 -2.29
CA MET A 234 -26.40 8.47 -2.50
C MET A 234 -26.29 8.86 -3.96
N ARG A 235 -25.24 8.40 -4.63
CA ARG A 235 -25.08 8.74 -6.05
C ARG A 235 -26.19 8.14 -6.89
N VAL A 236 -26.58 6.90 -6.59
CA VAL A 236 -27.70 6.27 -7.29
C VAL A 236 -28.99 7.05 -7.04
N ILE A 237 -29.21 7.46 -5.79
CA ILE A 237 -30.39 8.28 -5.48
C ILE A 237 -30.37 9.56 -6.28
N ALA A 238 -29.22 10.23 -6.33
CA ALA A 238 -29.12 11.51 -7.03
C ALA A 238 -29.39 11.36 -8.51
N GLU A 239 -28.80 10.33 -9.13
CA GLU A 239 -28.94 10.21 -10.57
C GLU A 239 -30.30 9.64 -10.98
N ALA A 240 -30.93 8.88 -10.10
CA ALA A 240 -32.18 8.22 -10.46
C ALA A 240 -33.35 9.19 -10.46
N THR A 241 -33.35 10.19 -9.58
CA THR A 241 -34.45 11.13 -9.47
C THR A 241 -34.22 12.43 -10.22
N GLY A 242 -33.14 12.51 -11.01
CA GLY A 242 -32.86 13.75 -11.73
C GLY A 242 -32.62 14.93 -10.82
N HIS A 243 -31.97 14.70 -9.67
CA HIS A 243 -31.62 15.75 -8.73
C HIS A 243 -32.87 16.51 -8.25
N ASN A 244 -33.76 15.75 -7.61
CA ASN A 244 -34.97 16.30 -7.01
C ASN A 244 -34.74 16.46 -5.52
N ILE A 245 -34.42 17.68 -5.10
CA ILE A 245 -34.05 17.92 -3.70
C ILE A 245 -35.20 17.59 -2.76
N GLU A 246 -36.43 17.86 -3.18
CA GLU A 246 -37.59 17.59 -2.32
C GLU A 246 -37.72 16.10 -2.02
N GLU A 247 -37.57 15.25 -3.04
CA GLU A 247 -37.68 13.81 -2.81
C GLU A 247 -36.51 13.29 -1.97
N LEU A 248 -35.31 13.83 -2.19
CA LEU A 248 -34.17 13.44 -1.38
C LEU A 248 -34.39 13.80 0.09
N GLN A 249 -34.94 14.99 0.35
CA GLN A 249 -35.27 15.35 1.72
C GLN A 249 -36.36 14.46 2.30
N ASN A 250 -37.34 14.09 1.47
CA ASN A 250 -38.41 13.20 1.92
C ASN A 250 -37.88 11.83 2.30
N LEU A 251 -36.93 11.30 1.52
CA LEU A 251 -36.37 9.99 1.81
C LEU A 251 -35.66 9.96 3.16
N GLY A 252 -35.34 11.11 3.73
CA GLY A 252 -34.71 11.17 5.03
C GLY A 252 -33.20 11.16 4.98
N TYR A 253 -32.58 11.44 3.83
CA TYR A 253 -31.13 11.40 3.73
C TYR A 253 -30.48 12.70 4.19
N PHE A 254 -31.17 13.79 4.06
CA PHE A 254 -30.71 15.11 4.44
C PHE A 254 -31.26 15.48 5.81
N PRO A 255 -30.43 15.96 6.72
CA PRO A 255 -30.96 16.53 7.96
C PRO A 255 -31.85 17.72 7.65
N ARG A 256 -32.97 17.81 8.36
CA ARG A 256 -33.97 18.83 8.05
C ARG A 256 -33.45 20.22 8.39
N ILE A 257 -32.83 20.37 9.56
CA ILE A 257 -32.37 21.69 10.00
C ILE A 257 -31.26 22.20 9.08
N ALA A 258 -30.29 21.34 8.75
CA ALA A 258 -29.20 21.75 7.88
C ALA A 258 -29.70 22.11 6.48
N THR A 259 -30.62 21.31 5.94
CA THR A 259 -31.17 21.60 4.63
C THR A 259 -31.96 22.90 4.64
N ARG A 260 -32.71 23.15 5.72
CA ARG A 260 -33.43 24.42 5.84
C ARG A 260 -32.47 25.59 5.89
N ASP A 261 -31.38 25.45 6.64
CA ASP A 261 -30.37 26.52 6.71
C ASP A 261 -29.74 26.76 5.35
N PHE A 262 -29.43 25.69 4.62
CA PHE A 262 -28.83 25.85 3.30
C PHE A 262 -29.82 26.51 2.33
N ASN A 263 -31.09 26.14 2.40
CA ASN A 263 -32.09 26.78 1.55
C ASN A 263 -32.22 28.26 1.86
N ILE A 264 -32.21 28.61 3.15
CA ILE A 264 -32.26 30.02 3.55
C ILE A 264 -31.04 30.77 3.02
N ARG A 265 -29.85 30.15 3.14
CA ARG A 265 -28.63 30.79 2.65
C ARG A 265 -28.70 30.98 1.14
N LEU A 266 -29.19 29.98 0.40
CA LEU A 266 -29.25 30.10 -1.05
C LEU A 266 -30.25 31.16 -1.49
N ARG A 267 -31.42 31.20 -0.86
CA ARG A 267 -32.40 32.24 -1.17
C ARG A 267 -31.90 33.63 -0.80
N LYS A 268 -31.21 33.76 0.33
CA LYS A 268 -30.65 35.05 0.71
C LYS A 268 -29.56 35.49 -0.25
N ALA A 269 -28.77 34.56 -0.77
CA ALA A 269 -27.82 34.89 -1.82
C ALA A 269 -28.55 35.34 -3.07
N LEU A 270 -28.11 36.44 -3.66
CA LEU A 270 -28.78 37.02 -4.81
C LEU A 270 -28.06 36.66 -6.11
N ASN A 292 -19.24 43.76 18.50
CA ASN A 292 -19.25 42.36 18.92
C ASN A 292 -17.94 41.99 19.63
N PRO A 293 -17.91 42.17 20.95
CA PRO A 293 -16.68 41.89 21.70
C PRO A 293 -16.41 40.39 21.79
N LEU A 294 -15.15 40.06 22.03
CA LEU A 294 -14.74 38.67 22.15
C LEU A 294 -15.33 38.02 23.40
N SER A 295 -15.62 38.83 24.43
CA SER A 295 -16.12 38.27 25.68
C SER A 295 -17.46 37.56 25.48
N SER A 296 -18.35 38.16 24.70
CA SER A 296 -19.67 37.58 24.51
C SER A 296 -19.59 36.24 23.78
N VAL A 297 -18.83 36.19 22.69
CA VAL A 297 -18.74 34.95 21.92
C VAL A 297 -18.01 33.88 22.72
N TRP A 298 -16.97 34.25 23.48
CA TRP A 298 -16.28 33.27 24.30
C TRP A 298 -17.20 32.73 25.40
N GLN A 299 -17.99 33.61 26.03
CA GLN A 299 -18.91 33.17 27.06
C GLN A 299 -19.95 32.23 26.49
N LYS A 300 -20.46 32.55 25.29
CA LYS A 300 -21.42 31.66 24.65
C LYS A 300 -20.80 30.31 24.31
N SER A 301 -19.55 30.32 23.82
CA SER A 301 -18.88 29.07 23.50
C SER A 301 -18.66 28.22 24.75
N ARG A 302 -18.25 28.83 25.85
CA ARG A 302 -18.03 28.07 27.07
C ARG A 302 -19.34 27.54 27.65
N LYS A 303 -20.42 28.32 27.55
CA LYS A 303 -21.67 27.95 28.19
C LYS A 303 -22.24 26.66 27.59
N PHE A 304 -22.18 26.53 26.27
CA PHE A 304 -22.70 25.35 25.60
C PHE A 304 -21.62 24.29 25.47
N ASN A 305 -21.95 23.05 25.87
CA ASN A 305 -21.04 21.93 25.69
C ASN A 305 -21.00 21.46 24.24
N TYR A 306 -22.13 21.54 23.53
CA TYR A 306 -22.17 21.08 22.15
C TYR A 306 -21.47 22.08 21.24
N PHE A 307 -21.37 21.72 19.96
CA PHE A 307 -20.70 22.57 19.00
C PHE A 307 -21.54 23.81 18.71
N VAL A 308 -20.87 24.96 18.69
CA VAL A 308 -21.51 26.25 18.45
C VAL A 308 -20.78 26.90 17.27
N PRO A 309 -21.46 27.41 16.25
CA PRO A 309 -20.73 28.05 15.15
C PRO A 309 -19.98 29.30 15.58
N ASP A 310 -20.56 30.08 16.51
CA ASP A 310 -19.88 31.26 17.02
C ASP A 310 -18.57 30.90 17.71
N ASP A 311 -18.44 29.67 18.20
CA ASP A 311 -17.16 29.21 18.74
C ASP A 311 -16.05 29.35 17.72
N LEU A 312 -16.33 29.00 16.46
CA LEU A 312 -15.34 29.20 15.41
C LEU A 312 -14.88 30.65 15.36
N GLU A 313 -15.81 31.59 15.56
CA GLU A 313 -15.44 33.00 15.54
C GLU A 313 -14.39 33.31 16.60
N VAL A 314 -14.45 32.64 17.75
CA VAL A 314 -13.42 32.80 18.76
C VAL A 314 -12.06 32.42 18.18
N ALA A 315 -11.99 31.23 17.58
CA ALA A 315 -10.76 30.82 16.92
C ALA A 315 -10.40 31.75 15.77
N SER A 316 -11.39 32.48 15.23
CA SER A 316 -11.09 33.46 14.20
C SER A 316 -10.21 34.57 14.74
N LYS A 317 -10.44 34.99 15.99
CA LYS A 317 -9.69 36.12 16.54
C LYS A 317 -8.26 35.74 16.89
N LEU A 318 -8.04 34.51 17.37
CA LEU A 318 -6.72 34.11 17.83
C LEU A 318 -5.76 33.82 16.68
N LEU A 319 -6.28 33.49 15.50
CA LEU A 319 -5.44 33.05 14.39
C LEU A 319 -5.43 34.02 13.21
N ASN A 320 -6.10 35.17 13.33
CA ASN A 320 -6.19 36.14 12.24
C ASN A 320 -6.74 35.51 10.97
N THR A 321 -7.72 34.62 11.12
CA THR A 321 -8.23 33.80 10.04
C THR A 321 -9.75 33.81 10.06
N SER A 322 -10.36 33.85 8.88
CA SER A 322 -11.81 33.88 8.81
C SER A 322 -12.40 32.56 9.30
N SER A 323 -13.63 32.65 9.80
CA SER A 323 -14.29 31.47 10.35
C SER A 323 -14.50 30.40 9.29
N ASP A 324 -14.90 30.80 8.09
CA ASP A 324 -15.10 29.83 7.02
C ASP A 324 -13.80 29.12 6.67
N GLU A 325 -12.70 29.87 6.59
CA GLU A 325 -11.41 29.25 6.30
C GLU A 325 -11.01 28.29 7.41
N ILE A 326 -11.26 28.66 8.67
CA ILE A 326 -10.93 27.76 9.78
C ILE A 326 -11.76 26.49 9.71
N ALA A 327 -13.05 26.60 9.37
CA ALA A 327 -13.87 25.41 9.22
C ALA A 327 -13.37 24.52 8.09
N GLU A 328 -12.99 25.13 6.96
CA GLU A 328 -12.48 24.34 5.85
C GLU A 328 -11.20 23.62 6.22
N MET A 329 -10.29 24.29 6.94
CA MET A 329 -9.08 23.63 7.39
C MET A 329 -9.38 22.53 8.39
N LEU A 330 -10.37 22.75 9.25
CA LEU A 330 -10.73 21.73 10.24
C LEU A 330 -11.26 20.48 9.58
N LEU A 331 -12.05 20.64 8.51
CA LEU A 331 -12.63 19.48 7.85
C LEU A 331 -11.58 18.64 7.12
N ASN A 332 -10.42 19.20 6.81
CA ASN A 332 -9.35 18.46 6.15
C ASN A 332 -8.19 18.26 7.12
N PRO A 333 -7.94 17.05 7.60
CA PRO A 333 -6.94 16.89 8.67
C PRO A 333 -5.55 17.36 8.30
N ARG A 334 -5.04 16.95 7.14
CA ARG A 334 -3.67 17.30 6.75
C ARG A 334 -3.52 18.81 6.61
N GLU A 335 -4.52 19.47 6.03
CA GLU A 335 -4.49 20.92 5.90
C GLU A 335 -4.48 21.58 7.27
N TRP A 336 -5.25 21.03 8.21
CA TRP A 336 -5.27 21.57 9.57
C TRP A 336 -3.90 21.43 10.24
N MET A 337 -3.25 20.27 10.06
CA MET A 337 -1.92 20.08 10.64
C MET A 337 -0.91 21.04 10.02
N GLU A 338 -0.98 21.22 8.69
CA GLU A 338 -0.06 22.15 8.04
C GLU A 338 -0.26 23.57 8.57
N PHE A 339 -1.52 23.98 8.72
CA PHE A 339 -1.82 25.31 9.24
C PHE A 339 -1.29 25.46 10.67
N LEU A 340 -1.47 24.43 11.49
CA LEU A 340 -0.98 24.49 12.87
C LEU A 340 0.55 24.57 12.92
N THR A 341 1.23 23.79 12.08
CA THR A 341 2.68 23.70 12.17
C THR A 341 3.40 24.81 11.41
N SER A 342 2.72 25.57 10.56
CA SER A 342 3.39 26.56 9.74
C SER A 342 3.07 28.00 10.14
N SER A 343 1.79 28.37 10.20
CA SER A 343 1.40 29.76 10.36
C SER A 343 0.90 30.10 11.76
N VAL A 344 0.98 29.17 12.71
CA VAL A 344 0.49 29.39 14.06
C VAL A 344 1.61 29.08 15.04
N SER A 345 1.87 30.01 15.95
CA SER A 345 2.95 29.88 16.92
C SER A 345 2.52 29.04 18.11
N SER A 346 3.49 28.69 18.95
CA SER A 346 3.20 27.89 20.14
C SER A 346 2.34 28.67 21.14
N SER A 347 2.60 29.97 21.28
CA SER A 347 1.82 30.77 22.23
C SER A 347 0.35 30.80 21.83
N GLN A 348 0.07 30.89 20.53
CA GLN A 348 -1.31 30.89 20.07
C GLN A 348 -2.00 29.55 20.38
N ILE A 349 -1.27 28.44 20.20
CA ILE A 349 -1.84 27.13 20.53
C ILE A 349 -2.13 27.04 22.02
N GLU A 350 -1.20 27.50 22.86
CA GLU A 350 -1.42 27.46 24.30
C GLU A 350 -2.63 28.30 24.69
N THR A 351 -2.75 29.50 24.12
CA THR A 351 -3.90 30.35 24.43
C THR A 351 -5.20 29.71 23.97
N MET A 352 -5.21 29.13 22.76
CA MET A 352 -6.42 28.51 22.25
C MET A 352 -6.84 27.32 23.10
N THR A 353 -5.88 26.46 23.48
CA THR A 353 -6.21 25.31 24.31
C THR A 353 -6.70 25.75 25.68
N GLU A 354 -6.04 26.73 26.29
CA GLU A 354 -6.43 27.18 27.62
C GLU A 354 -7.72 27.97 27.61
N LEU A 355 -8.23 28.34 26.44
CA LEU A 355 -9.55 28.98 26.34
C LEU A 355 -10.66 27.97 26.12
N GLY A 356 -10.37 26.68 26.16
CA GLY A 356 -11.37 25.65 25.97
C GLY A 356 -11.83 25.46 24.55
N VAL A 357 -11.12 26.04 23.57
CA VAL A 357 -11.53 25.92 22.18
C VAL A 357 -11.33 24.49 21.67
N MET A 358 -10.19 23.88 22.01
CA MET A 358 -9.85 22.57 21.46
C MET A 358 -10.80 21.48 21.94
N SER A 359 -11.56 21.72 23.01
CA SER A 359 -12.53 20.74 23.49
C SER A 359 -13.81 20.74 22.67
N LYS A 360 -13.97 21.69 21.74
CA LYS A 360 -15.17 21.78 20.93
C LYS A 360 -14.89 21.74 19.43
N LEU A 361 -13.70 22.12 19.00
CA LEU A 361 -13.35 21.97 17.59
C LEU A 361 -13.16 20.48 17.28
N PRO A 362 -13.83 19.94 16.27
CA PRO A 362 -13.74 18.50 16.03
C PRO A 362 -12.37 18.08 15.54
N MET A 363 -11.99 16.86 15.87
CA MET A 363 -10.76 16.24 15.37
C MET A 363 -11.14 15.27 14.26
N THR A 364 -10.64 15.52 13.05
CA THR A 364 -11.04 14.75 11.88
C THR A 364 -10.14 13.55 11.60
N SER A 365 -8.99 13.45 12.26
CA SER A 365 -8.12 12.30 12.08
C SER A 365 -7.40 12.01 13.39
N ARG A 366 -7.03 10.74 13.57
CA ARG A 366 -6.30 10.35 14.77
C ARG A 366 -4.93 11.05 14.83
N GLU A 367 -4.39 11.44 13.67
CA GLU A 367 -3.14 12.17 13.66
C GLU A 367 -3.26 13.51 14.35
N VAL A 368 -4.41 14.19 14.20
CA VAL A 368 -4.63 15.45 14.89
C VAL A 368 -4.55 15.26 16.39
N PHE A 369 -5.25 14.24 16.89
CA PHE A 369 -5.25 13.97 18.33
C PHE A 369 -3.86 13.60 18.81
N GLU A 370 -3.13 12.77 18.06
CA GLU A 370 -1.80 12.36 18.49
C GLU A 370 -0.84 13.54 18.53
N GLN A 371 -0.90 14.42 17.53
CA GLN A 371 0.01 15.56 17.51
C GLN A 371 -0.35 16.57 18.59
N LEU A 372 -1.65 16.76 18.85
CA LEU A 372 -2.05 17.64 19.95
C LEU A 372 -1.59 17.08 21.29
N VAL A 373 -1.63 15.76 21.45
CA VAL A 373 -1.10 15.13 22.65
C VAL A 373 0.40 15.37 22.74
N ASP A 374 1.10 15.26 21.62
CA ASP A 374 2.54 15.53 21.60
C ASP A 374 2.85 16.96 21.99
N GLN A 375 1.97 17.90 21.61
CA GLN A 375 2.24 19.31 21.92
C GLN A 375 2.25 19.57 23.42
N TYR A 376 1.26 19.04 24.14
CA TYR A 376 1.17 19.26 25.59
C TYR A 376 2.04 18.22 26.27
N GLU A 377 3.30 18.58 26.48
CA GLU A 377 4.28 17.64 27.03
C GLU A 377 4.11 17.52 28.53
N LEU A 378 3.84 16.31 29.01
CA LEU A 378 3.82 16.02 30.43
C LEU A 378 5.25 16.00 30.95
N PRO A 379 5.44 15.93 32.27
CA PRO A 379 6.82 15.87 32.78
C PRO A 379 7.62 14.70 32.24
N TYR A 380 6.94 13.60 31.87
CA TYR A 380 7.61 12.43 31.32
C TYR A 380 6.89 12.02 30.04
N LYS A 381 7.66 11.90 28.95
CA LYS A 381 7.06 11.65 27.64
C LYS A 381 6.38 10.29 27.57
N HIS A 382 6.81 9.33 28.38
CA HIS A 382 6.20 8.00 28.31
C HIS A 382 4.72 8.04 28.67
N ILE A 383 4.32 8.97 29.55
CA ILE A 383 2.89 9.09 29.86
C ILE A 383 2.13 9.59 28.63
N ASN A 384 2.71 10.50 27.86
CA ASN A 384 2.07 10.92 26.62
C ASN A 384 2.00 9.76 25.64
N GLU A 385 3.04 8.93 25.60
CA GLU A 385 3.00 7.75 24.74
C GLU A 385 1.86 6.82 25.13
N MET A 386 1.65 6.62 26.44
CA MET A 386 0.53 5.80 26.89
C MET A 386 -0.80 6.49 26.61
N PHE A 387 -0.85 7.81 26.70
CA PHE A 387 -2.09 8.53 26.46
C PHE A 387 -2.51 8.46 24.99
N LYS A 388 -1.53 8.40 24.09
CA LYS A 388 -1.87 8.28 22.66
C LYS A 388 -2.66 7.01 22.40
N LEU A 389 -2.31 5.91 23.06
CA LEU A 389 -2.96 4.62 22.83
C LEU A 389 -4.18 4.44 23.74
N ASP A 390 -3.96 4.46 25.06
CA ASP A 390 -5.03 4.26 26.04
C ASP A 390 -4.95 5.34 27.10
N PRO A 391 -5.81 6.37 27.05
CA PRO A 391 -5.71 7.46 28.02
C PRO A 391 -5.93 7.05 29.47
N HIS A 392 -6.82 6.09 29.74
CA HIS A 392 -7.10 5.72 31.12
C HIS A 392 -5.87 5.17 31.82
N VAL A 393 -5.14 4.29 31.14
CA VAL A 393 -3.92 3.74 31.73
C VAL A 393 -2.88 4.83 31.90
N ALA A 394 -2.86 5.81 30.99
CA ALA A 394 -1.93 6.93 31.14
C ALA A 394 -2.24 7.75 32.38
N ALA A 395 -3.52 8.04 32.62
CA ALA A 395 -3.90 8.78 33.83
C ALA A 395 -3.56 7.99 35.08
N GLU A 396 -3.80 6.68 35.06
CA GLU A 396 -3.45 5.84 36.20
C GLU A 396 -1.95 5.84 36.45
N GLU A 397 -1.15 5.76 35.38
CA GLU A 397 0.30 5.77 35.52
C GLU A 397 0.79 7.11 36.04
N TYR A 398 0.18 8.21 35.59
CA TYR A 398 0.55 9.53 36.10
C TYR A 398 0.25 9.65 37.59
N ALA A 399 -0.94 9.20 38.00
CA ALA A 399 -1.27 9.23 39.43
C ALA A 399 -0.33 8.35 40.23
N ARG A 400 0.02 7.18 39.70
CA ARG A 400 0.96 6.29 40.38
C ARG A 400 2.33 6.95 40.52
N VAL A 401 2.80 7.64 39.49
CA VAL A 401 4.09 8.31 39.57
C VAL A 401 4.06 9.40 40.62
N LEU A 402 2.98 10.18 40.65
CA LEU A 402 2.87 11.22 41.67
C LEU A 402 2.87 10.62 43.07
N ARG A 403 2.12 9.54 43.28
CA ARG A 403 2.08 8.91 44.59
C ARG A 403 3.45 8.36 44.98
N GLN A 404 4.15 7.74 44.02
CA GLN A 404 5.47 7.18 44.31
C GLN A 404 6.45 8.28 44.68
N ALA A 405 6.42 9.40 43.96
CA ALA A 405 7.30 10.51 44.32
C ALA A 405 6.92 11.11 45.67
N VAL A 406 5.63 11.03 46.03
CA VAL A 406 5.21 11.45 47.35
C VAL A 406 5.81 10.54 48.42
N GLY A 407 5.83 9.24 48.16
CA GLY A 407 6.25 8.29 49.18
C GLY A 407 7.69 8.49 49.62
N ASN A 408 8.58 8.79 48.68
CA ASN A 408 10.00 8.97 49.00
C ASN A 408 10.39 10.44 49.14
N SER A 409 9.41 11.33 49.27
CA SER A 409 9.69 12.76 49.32
C SER A 409 10.47 13.12 50.58
N ALA A 410 10.99 14.35 50.60
CA ALA A 410 11.83 14.80 51.70
C ALA A 410 11.07 14.98 53.00
N MET A 411 9.74 15.04 52.94
CA MET A 411 8.94 15.32 54.12
C MET A 411 8.32 14.08 54.76
N LEU A 412 7.87 13.11 53.95
CA LEU A 412 7.14 11.97 54.51
C LEU A 412 8.04 11.05 55.33
N LYS A 413 9.36 11.24 55.27
CA LYS A 413 10.29 10.39 56.00
C LYS A 413 10.81 11.03 57.28
N THR A 414 10.85 12.36 57.36
CA THR A 414 11.47 13.04 58.49
C THR A 414 10.49 13.95 59.25
N VAL A 415 9.20 13.72 59.13
CA VAL A 415 8.24 14.54 59.88
C VAL A 415 8.39 14.30 61.37
N VAL A 416 8.42 13.03 61.78
CA VAL A 416 8.50 12.71 63.20
C VAL A 416 9.85 13.13 63.77
N LYS A 417 10.93 12.92 63.02
CA LYS A 417 12.26 13.27 63.50
C LYS A 417 12.38 14.78 63.72
N ASP A 418 11.94 15.57 62.74
CA ASP A 418 12.10 17.02 62.85
C ASP A 418 11.10 17.64 63.81
N GLY A 419 9.91 17.06 63.95
CA GLY A 419 8.93 17.62 64.85
C GLY A 419 9.36 17.57 66.30
N LEU A 420 9.87 16.42 66.74
CA LEU A 420 10.27 16.26 68.12
C LEU A 420 11.60 16.93 68.43
N ALA A 421 12.33 17.41 67.42
CA ALA A 421 13.58 18.12 67.64
C ALA A 421 13.37 19.62 67.74
N ALA A 422 12.75 20.23 66.74
CA ALA A 422 12.45 21.65 66.78
C ALA A 422 11.40 21.99 67.84
N GLY A 423 10.68 21.00 68.35
CA GLY A 423 9.72 21.21 69.41
C GLY A 423 8.30 21.48 68.97
N TRP A 424 8.06 21.66 67.67
CA TRP A 424 6.70 21.94 67.21
C TRP A 424 5.81 20.72 67.21
N ALA A 425 6.35 19.54 67.51
CA ALA A 425 5.56 18.34 67.73
C ALA A 425 5.64 17.94 69.20
N VAL A 426 4.50 17.61 69.78
CA VAL A 426 4.38 17.30 71.20
C VAL A 426 4.03 15.83 71.34
N PRO A 427 4.77 15.06 72.12
CA PRO A 427 4.43 13.64 72.30
C PRO A 427 3.10 13.47 73.01
N GLU A 428 2.48 12.30 72.80
CA GLU A 428 1.15 12.04 73.32
C GLU A 428 1.12 12.11 74.84
N LYS A 429 2.13 11.57 75.51
CA LYS A 429 2.15 11.60 76.97
C LYS A 429 2.37 13.02 77.49
N MET A 430 3.03 13.88 76.72
CA MET A 430 3.26 15.26 77.15
C MET A 430 1.99 16.09 77.10
N LEU A 431 1.04 15.70 76.24
CA LEU A 431 -0.20 16.47 76.11
C LEU A 431 -1.04 16.40 77.38
N LYS A 432 -0.90 15.33 78.17
CA LYS A 432 -1.73 15.17 79.35
C LYS A 432 -1.50 16.28 80.37
N ASP A 433 -0.24 16.67 80.58
CA ASP A 433 0.09 17.66 81.59
C ASP A 433 0.54 18.99 81.02
N LEU A 434 0.93 19.06 79.75
CA LEU A 434 1.46 20.31 79.21
C LEU A 434 0.36 21.32 78.90
N SER A 435 -0.82 20.85 78.50
CA SER A 435 -1.83 21.72 77.91
C SER A 435 -3.00 21.94 78.85
N PRO A 436 -3.11 23.10 79.50
CA PRO A 436 -4.33 23.43 80.26
C PRO A 436 -5.50 23.72 79.34
N LYS A 437 -5.29 24.63 78.39
CA LYS A 437 -6.32 25.02 77.42
C LYS A 437 -5.97 24.64 75.99
N GLU A 438 -4.69 24.61 75.65
CA GLU A 438 -4.24 24.31 74.30
C GLU A 438 -4.47 22.86 73.91
N ARG A 439 -4.91 22.02 74.85
CA ARG A 439 -5.29 20.65 74.50
C ARG A 439 -6.43 20.64 73.48
N ALA A 440 -7.34 21.60 73.55
CA ALA A 440 -8.39 21.72 72.54
C ALA A 440 -7.84 22.14 71.19
N ASN A 441 -6.64 22.71 71.15
CA ASN A 441 -6.01 23.15 69.92
C ASN A 441 -5.01 22.13 69.37
N PHE A 442 -4.96 20.93 69.95
CA PHE A 442 -4.03 19.89 69.53
C PHE A 442 -4.78 18.70 68.96
N VAL A 443 -4.21 18.10 67.92
CA VAL A 443 -4.85 17.05 67.14
C VAL A 443 -3.74 16.12 66.65
N PRO A 444 -3.99 14.84 66.44
CA PRO A 444 -2.93 13.95 65.97
C PRO A 444 -2.59 14.15 64.50
N LEU A 445 -1.36 13.76 64.17
CA LEU A 445 -0.91 13.78 62.77
C LEU A 445 -1.58 12.71 61.92
N SER A 446 -1.66 11.49 62.44
CA SER A 446 -2.09 10.37 61.62
C SER A 446 -3.58 10.47 61.29
N PHE A 447 -3.93 10.09 60.06
CA PHE A 447 -5.31 10.00 59.61
C PHE A 447 -5.55 8.61 59.01
N GLN A 448 -6.79 8.39 58.57
CA GLN A 448 -7.17 7.07 58.07
C GLN A 448 -6.41 6.70 56.81
N LYS A 449 -6.32 7.61 55.85
CA LYS A 449 -5.70 7.30 54.57
C LYS A 449 -4.17 7.28 54.63
N LEU A 450 -3.57 7.80 55.69
CA LEU A 450 -2.12 7.76 55.82
C LEU A 450 -1.60 6.32 55.82
N ASP A 451 -2.46 5.36 56.17
CA ASP A 451 -2.06 3.96 56.13
C ASP A 451 -1.66 3.51 54.73
N GLN A 452 -2.20 4.16 53.70
CA GLN A 452 -1.90 3.78 52.33
C GLN A 452 -0.70 4.50 51.73
N PHE A 453 -0.02 5.33 52.51
CA PHE A 453 1.21 5.98 52.07
C PHE A 453 2.45 5.46 52.77
N MET A 454 2.40 5.25 54.09
CA MET A 454 3.58 4.87 54.86
C MET A 454 3.47 3.42 55.32
N SER A 455 4.60 2.89 55.76
CA SER A 455 4.66 1.54 56.29
C SER A 455 3.89 1.45 57.60
N PRO A 456 3.28 0.29 57.89
CA PRO A 456 2.53 0.16 59.15
C PRO A 456 3.37 0.39 60.39
N GLU A 457 4.66 0.05 60.35
CA GLU A 457 5.52 0.34 61.50
C GLU A 457 5.73 1.84 61.67
N GLN A 458 5.84 2.58 60.57
CA GLN A 458 5.93 4.02 60.65
C GLN A 458 4.60 4.66 60.99
N LEU A 459 3.49 3.98 60.71
CA LEU A 459 2.19 4.47 61.15
C LEU A 459 2.10 4.52 62.67
N GLU A 460 2.72 3.55 63.35
CA GLU A 460 2.75 3.56 64.80
C GLU A 460 3.48 4.79 65.33
N ALA A 461 4.63 5.12 64.73
CA ALA A 461 5.37 6.29 65.16
C ALA A 461 4.61 7.57 64.84
N ALA A 462 3.95 7.63 63.69
CA ALA A 462 3.21 8.83 63.31
C ALA A 462 1.96 9.01 64.17
N GLY A 463 1.39 7.92 64.69
CA GLY A 463 0.19 8.02 65.51
C GLY A 463 0.42 8.49 66.93
N LYS A 464 1.67 8.59 67.35
CA LYS A 464 2.01 9.03 68.70
C LYS A 464 2.32 10.52 68.77
N VAL A 465 2.10 11.27 67.70
CA VAL A 465 2.48 12.67 67.61
C VAL A 465 1.22 13.53 67.57
N TYR A 466 1.21 14.58 68.39
CA TYR A 466 0.12 15.55 68.44
C TYR A 466 0.69 16.93 68.15
N VAL A 467 0.00 17.70 67.31
CA VAL A 467 0.45 19.02 66.92
C VAL A 467 -0.75 19.95 66.88
N HIS A 468 -0.48 21.21 66.53
CA HIS A 468 -1.55 22.18 66.41
C HIS A 468 -2.47 21.84 65.24
N ARG A 469 -3.73 22.26 65.36
CA ARG A 469 -4.72 21.96 64.34
C ARG A 469 -4.35 22.58 63.00
N VAL A 470 -3.93 23.85 63.01
CA VAL A 470 -3.45 24.48 61.78
C VAL A 470 -2.22 23.75 61.27
N VAL A 471 -1.39 23.25 62.18
CA VAL A 471 -0.19 22.53 61.78
C VAL A 471 -0.56 21.26 61.03
N SER A 472 -1.50 20.48 61.60
CA SER A 472 -1.92 19.24 60.97
C SER A 472 -2.60 19.50 59.63
N ASP A 473 -3.45 20.53 59.57
CA ASP A 473 -4.12 20.83 58.30
C ASP A 473 -3.12 21.26 57.24
N GLN A 474 -2.11 22.05 57.61
CA GLN A 474 -1.09 22.45 56.65
C GLN A 474 -0.30 21.26 56.15
N TRP A 475 0.07 20.34 57.05
CA TRP A 475 0.82 19.17 56.61
C TRP A 475 -0.01 18.28 55.71
N ARG A 476 -1.28 18.05 56.07
CA ARG A 476 -2.15 17.24 55.23
C ARG A 476 -2.35 17.89 53.87
N SER A 477 -2.45 19.22 53.82
CA SER A 477 -2.61 19.90 52.55
C SER A 477 -1.34 19.81 51.71
N MET A 478 -0.17 19.92 52.35
CA MET A 478 1.08 19.76 51.62
C MET A 478 1.18 18.36 51.03
N LEU A 479 0.69 17.36 51.75
CA LEU A 479 0.64 16.00 51.22
C LEU A 479 -0.39 15.89 50.09
N GLU A 480 -1.52 16.57 50.22
CA GLU A 480 -2.60 16.48 49.23
C GLU A 480 -2.20 17.11 47.91
N ILE A 481 -1.63 18.32 47.94
CA ILE A 481 -1.35 19.04 46.70
C ILE A 481 -0.31 18.30 45.86
N SER A 482 0.73 17.78 46.52
CA SER A 482 1.83 17.13 45.81
C SER A 482 1.49 15.72 45.36
N MET A 483 0.31 15.20 45.68
CA MET A 483 -0.09 13.85 45.31
C MET A 483 -1.15 13.82 44.22
N SER A 484 -2.09 14.75 44.25
CA SER A 484 -3.20 14.75 43.29
C SER A 484 -2.80 15.46 42.01
N ALA A 485 -3.19 14.88 40.88
CA ALA A 485 -2.88 15.49 39.59
C ALA A 485 -3.66 16.80 39.38
N ASN A 486 -4.92 16.83 39.80
CA ASN A 486 -5.76 18.00 39.55
C ASN A 486 -5.25 19.22 40.31
N LYS A 487 -5.02 19.07 41.61
CA LYS A 487 -4.55 20.21 42.41
C LYS A 487 -3.17 20.66 41.95
N LEU A 488 -2.29 19.71 41.64
CA LEU A 488 -0.96 20.07 41.16
C LEU A 488 -1.04 20.81 39.84
N GLY A 489 -1.94 20.40 38.95
CA GLY A 489 -2.13 21.12 37.71
C GLY A 489 -2.67 22.52 37.91
N ALA A 490 -3.61 22.68 38.84
CA ALA A 490 -4.14 24.01 39.13
C ALA A 490 -3.05 24.93 39.68
N PHE A 491 -2.26 24.41 40.63
CA PHE A 491 -1.15 25.20 41.17
C PHE A 491 -0.14 25.55 40.09
N ALA A 492 0.15 24.59 39.20
CA ALA A 492 1.08 24.86 38.11
C ALA A 492 0.55 25.94 37.18
N SER A 493 -0.75 25.91 36.88
CA SER A 493 -1.33 26.94 36.02
C SER A 493 -1.23 28.31 36.68
N ALA A 494 -1.56 28.40 37.97
CA ALA A 494 -1.48 29.67 38.66
C ALA A 494 -0.05 30.20 38.70
N TRP A 495 0.91 29.33 39.03
CA TRP A 495 2.30 29.76 39.08
C TRP A 495 2.84 30.10 37.70
N SER A 496 2.37 29.39 36.67
CA SER A 496 2.79 29.71 35.31
C SER A 496 2.34 31.11 34.94
N HIS A 497 1.08 31.44 35.22
CA HIS A 497 0.58 32.78 34.92
C HIS A 497 1.38 33.84 35.69
N LEU A 498 1.54 33.62 37.00
CA LEU A 498 2.25 34.61 37.81
C LEU A 498 3.68 34.82 37.33
N SER A 499 4.40 33.72 37.05
CA SER A 499 5.80 33.84 36.69
C SER A 499 5.97 34.36 35.27
N THR A 500 5.07 34.01 34.35
CA THR A 500 5.19 34.53 32.99
C THR A 500 4.80 35.98 32.90
N PHE A 501 4.01 36.48 33.87
CA PHE A 501 3.80 37.93 33.92
C PHE A 501 4.83 38.65 34.77
N LEU A 502 5.56 37.93 35.63
CA LEU A 502 6.68 38.53 36.35
C LEU A 502 7.91 38.66 35.45
N ASN A 503 8.14 37.68 34.58
CA ASN A 503 9.39 37.65 33.81
C ASN A 503 9.46 38.80 32.81
N LYS A 504 8.33 39.21 32.25
CA LYS A 504 8.34 40.29 31.27
C LYS A 504 8.63 41.65 31.90
N SER A 505 8.55 41.75 33.22
CA SER A 505 8.92 42.97 33.94
C SER A 505 10.40 42.87 34.31
N VAL A 506 11.20 43.82 33.82
CA VAL A 506 12.63 43.77 34.04
C VAL A 506 12.97 43.89 35.53
N LEU A 507 12.31 44.79 36.24
CA LEU A 507 12.61 44.97 37.65
C LEU A 507 12.09 43.81 38.48
N ALA A 508 10.85 43.38 38.24
CA ALA A 508 10.23 42.36 39.07
C ALA A 508 10.78 40.96 38.84
N SER A 509 11.59 40.77 37.80
CA SER A 509 12.11 39.44 37.49
C SER A 509 13.24 39.01 38.41
N ARG A 510 13.71 39.88 39.30
CA ARG A 510 14.89 39.60 40.10
C ARG A 510 14.60 38.82 41.38
N ASN A 511 13.33 38.57 41.69
CA ASN A 511 12.95 37.80 42.88
C ASN A 511 11.90 36.73 42.54
N VAL A 512 12.15 36.02 41.43
CA VAL A 512 11.27 34.95 40.99
C VAL A 512 11.23 33.81 42.00
N LEU A 513 12.39 33.40 42.50
CA LEU A 513 12.40 32.29 43.45
C LEU A 513 11.72 32.68 44.76
N TYR A 514 11.94 33.91 45.23
CA TYR A 514 11.28 34.36 46.45
C TYR A 514 9.76 34.37 46.27
N VAL A 515 9.28 34.96 45.16
CA VAL A 515 7.84 35.03 44.96
C VAL A 515 7.26 33.64 44.76
N GLY A 516 7.99 32.74 44.12
CA GLY A 516 7.49 31.38 43.97
C GLY A 516 7.40 30.64 45.29
N THR A 517 8.40 30.83 46.16
CA THR A 517 8.36 30.20 47.47
C THR A 517 7.18 30.71 48.28
N ASN A 518 6.95 32.02 48.26
CA ASN A 518 5.79 32.58 48.96
C ASN A 518 4.49 32.11 48.32
N PHE A 519 4.46 31.99 46.99
CA PHE A 519 3.28 31.49 46.30
C PHE A 519 2.92 30.10 46.78
N LEU A 520 3.92 29.23 46.87
CA LEU A 520 3.69 27.86 47.30
C LEU A 520 3.24 27.82 48.76
N SER A 521 3.88 28.61 49.62
CA SER A 521 3.49 28.64 51.02
C SER A 521 2.04 29.08 51.18
N GLY A 522 1.65 30.14 50.47
CA GLY A 522 0.28 30.59 50.53
C GLY A 522 -0.69 29.59 49.95
N PHE A 523 -0.28 28.86 48.91
CA PHE A 523 -1.13 27.81 48.35
C PHE A 523 -1.41 26.73 49.37
N VAL A 524 -0.36 26.28 50.06
CA VAL A 524 -0.53 25.25 51.09
C VAL A 524 -1.42 25.77 52.20
N LEU A 525 -1.21 27.02 52.63
CA LEU A 525 -2.03 27.61 53.69
C LEU A 525 -3.50 27.65 53.27
N THR A 526 -3.77 28.11 52.04
CA THR A 526 -5.13 28.24 51.58
C THR A 526 -5.83 26.89 51.49
N ASN A 527 -5.12 25.87 50.98
CA ASN A 527 -5.76 24.55 50.91
C ASN A 527 -5.89 23.95 52.30
N ALA A 528 -5.07 24.40 53.25
CA ALA A 528 -5.22 23.94 54.64
C ALA A 528 -6.44 24.55 55.28
N VAL A 529 -6.74 25.81 54.97
CA VAL A 529 -7.92 26.47 55.52
C VAL A 529 -9.19 25.71 55.13
N GLY A 530 -9.16 25.04 53.99
CA GLY A 530 -10.35 24.47 53.41
C GLY A 530 -10.90 25.25 52.24
N ALA A 531 -10.20 26.28 51.79
CA ALA A 531 -10.66 27.09 50.68
C ALA A 531 -10.56 26.32 49.36
N ASN A 532 -11.35 26.74 48.39
CA ASN A 532 -11.33 26.14 47.07
C ASN A 532 -10.02 26.49 46.37
N VAL A 533 -9.19 25.48 46.14
CA VAL A 533 -7.91 25.69 45.47
C VAL A 533 -8.12 26.20 44.05
N PHE A 534 -9.08 25.62 43.33
CA PHE A 534 -9.27 25.92 41.92
C PHE A 534 -9.80 27.32 41.67
N THR A 535 -10.24 28.03 42.71
CA THR A 535 -10.65 29.42 42.58
C THR A 535 -9.50 30.39 42.85
N VAL A 536 -8.29 29.88 43.11
CA VAL A 536 -7.15 30.77 43.33
C VAL A 536 -6.91 31.70 42.15
N PRO A 537 -6.94 31.26 40.89
CA PRO A 537 -6.78 32.23 39.80
C PRO A 537 -7.81 33.35 39.83
N HIS A 538 -9.06 33.03 40.15
CA HIS A 538 -10.10 34.05 40.18
C HIS A 538 -9.73 35.20 41.10
N ALA A 539 -9.37 34.88 42.35
CA ALA A 539 -8.94 35.91 43.28
C ALA A 539 -7.72 36.64 42.75
N MET A 540 -6.79 35.90 42.12
CA MET A 540 -5.61 36.54 41.55
C MET A 540 -5.99 37.61 40.54
N MET A 541 -7.09 37.42 39.81
CA MET A 541 -7.59 38.49 38.97
C MET A 541 -8.27 39.59 39.77
N ASP A 542 -9.10 39.20 40.75
CA ASP A 542 -9.97 40.16 41.41
C ASP A 542 -9.16 41.28 42.07
N ILE A 543 -8.20 40.90 42.91
CA ILE A 543 -7.33 41.90 43.52
C ILE A 543 -6.62 42.70 42.43
N SER A 544 -6.09 41.98 41.42
CA SER A 544 -5.42 42.65 40.31
C SER A 544 -6.32 43.67 39.64
N ASN A 545 -7.64 43.44 39.64
CA ASN A 545 -8.56 44.45 39.18
C ASN A 545 -8.68 45.58 40.20
N TYR A 546 -9.00 45.23 41.44
CA TYR A 546 -9.28 46.26 42.45
C TYR A 546 -8.07 47.15 42.66
N LEU A 547 -6.91 46.55 42.95
CA LEU A 547 -5.68 47.30 43.15
C LEU A 547 -5.33 48.18 41.97
N ALA A 548 -6.05 48.03 40.86
CA ALA A 548 -5.87 48.83 39.67
C ALA A 548 -7.06 49.74 39.37
N LYS A 549 -8.27 49.31 39.70
CA LYS A 549 -9.49 49.96 39.24
C LYS A 549 -10.30 50.57 40.37
N GLY A 550 -10.37 49.90 41.50
CA GLY A 550 -11.22 50.30 42.60
C GLY A 550 -12.44 49.39 42.71
N LEU A 551 -13.29 49.73 43.67
CA LEU A 551 -14.48 48.92 43.91
C LEU A 551 -15.46 48.94 42.75
N ASP A 552 -15.28 49.87 41.80
CA ASP A 552 -16.18 49.94 40.65
C ASP A 552 -16.05 48.72 39.75
N ALA A 553 -14.92 48.03 39.77
CA ALA A 553 -14.70 46.84 38.95
C ALA A 553 -15.26 45.60 39.63
N PHE A 554 -16.50 45.72 40.09
CA PHE A 554 -17.19 44.62 40.71
C PHE A 554 -18.68 44.76 40.43
N ASP A 555 -19.40 43.73 40.85
CA ASP A 555 -20.81 43.52 40.56
C ASP A 555 -21.65 43.90 41.77
N GLY A 556 -22.55 44.86 41.60
CA GLY A 556 -23.45 45.23 42.68
C GLY A 556 -24.91 44.87 42.47
N THR A 557 -25.27 44.47 41.25
CA THR A 557 -26.68 44.28 40.90
C THR A 557 -27.15 42.84 41.01
N LYS A 558 -26.26 41.85 41.05
CA LYS A 558 -26.82 40.53 41.17
C LYS A 558 -26.26 39.84 42.42
N PRO A 559 -26.99 38.90 43.02
CA PRO A 559 -26.50 38.25 44.24
C PRO A 559 -25.23 37.44 43.99
N PHE A 560 -24.30 37.51 44.93
CA PHE A 560 -23.01 36.84 44.82
C PHE A 560 -22.81 35.74 45.85
N ALA A 561 -22.95 36.06 47.13
CA ALA A 561 -22.74 35.07 48.19
C ALA A 561 -23.72 35.35 49.32
N LYS A 562 -24.24 34.26 49.90
CA LYS A 562 -25.13 34.35 51.05
C LYS A 562 -24.30 34.26 52.33
N ILE A 563 -24.24 35.35 53.08
CA ILE A 563 -23.46 35.41 54.30
C ILE A 563 -24.22 36.27 55.30
N GLY A 564 -24.26 35.82 56.55
CA GLY A 564 -25.08 36.47 57.54
C GLY A 564 -26.49 35.93 57.52
N GLY A 565 -27.43 36.76 57.06
CA GLY A 565 -28.81 36.32 56.93
C GLY A 565 -29.46 36.75 55.63
N GLU A 566 -28.65 37.26 54.69
CA GLU A 566 -29.17 37.75 53.44
C GLU A 566 -28.08 37.66 52.38
N TRP A 567 -28.51 37.74 51.11
CA TRP A 567 -27.58 37.67 49.99
C TRP A 567 -26.88 39.01 49.81
N ILE A 568 -25.56 38.97 49.69
CA ILE A 568 -24.73 40.17 49.58
C ILE A 568 -24.01 40.11 48.24
N SER A 569 -24.08 41.19 47.48
CA SER A 569 -23.47 41.23 46.17
C SER A 569 -21.95 41.25 46.27
N LYS A 570 -21.29 41.03 45.13
CA LYS A 570 -19.84 40.91 45.13
C LYS A 570 -19.16 42.20 45.54
N ARG A 571 -19.65 43.33 45.05
CA ARG A 571 -19.07 44.62 45.43
C ARG A 571 -19.22 44.87 46.92
N GLU A 572 -20.41 44.63 47.46
CA GLU A 572 -20.64 44.79 48.89
C GLU A 572 -19.82 43.79 49.68
N PHE A 573 -19.70 42.56 49.17
CA PHE A 573 -18.91 41.54 49.86
C PHE A 573 -17.45 41.96 49.96
N PHE A 574 -16.87 42.46 48.87
CA PHE A 574 -15.49 42.90 48.91
C PHE A 574 -15.31 44.14 49.78
N LYS A 575 -16.28 45.05 49.75
CA LYS A 575 -16.22 46.23 50.62
C LYS A 575 -16.20 45.82 52.08
N GLN A 576 -17.07 44.88 52.47
CA GLN A 576 -17.10 44.44 53.86
C GLN A 576 -15.86 43.64 54.21
N PHE A 577 -15.32 42.88 53.25
CA PHE A 577 -14.05 42.20 53.46
C PHE A 577 -12.95 43.20 53.81
N LEU A 578 -12.85 44.27 53.02
CA LEU A 578 -11.83 45.28 53.28
C LEU A 578 -12.08 45.98 54.61
N LEU A 579 -13.34 46.24 54.93
CA LEU A 579 -13.67 46.91 56.18
C LEU A 579 -13.26 46.07 57.38
N LYS A 580 -13.56 44.77 57.36
CA LYS A 580 -13.28 43.92 58.51
C LYS A 580 -11.82 43.46 58.53
N ARG A 581 -11.12 43.56 57.40
CA ARG A 581 -9.75 43.06 57.34
C ARG A 581 -8.80 43.90 58.20
N GLY A 582 -9.02 45.22 58.24
CA GLY A 582 -8.08 46.08 58.93
C GLY A 582 -7.84 47.43 58.25
N SER A 604 -2.81 57.04 38.59
CA SER A 604 -2.60 55.69 38.05
C SER A 604 -3.27 54.71 38.99
N PHE A 605 -2.55 53.83 39.67
CA PHE A 605 -3.17 52.93 40.62
C PHE A 605 -3.67 53.69 41.83
N LYS A 606 -4.93 53.47 42.19
CA LYS A 606 -5.55 54.23 43.26
C LYS A 606 -5.34 53.57 44.62
N SER A 607 -5.80 52.32 44.76
CA SER A 607 -5.95 51.68 46.06
C SER A 607 -4.69 51.00 46.60
N ILE A 608 -3.49 51.36 46.14
CA ILE A 608 -2.28 50.68 46.64
C ILE A 608 -2.17 50.87 48.15
N GLY A 609 -2.55 52.04 48.65
CA GLY A 609 -2.48 52.30 50.08
C GLY A 609 -3.33 51.36 50.91
N ALA A 610 -4.30 50.68 50.29
CA ALA A 610 -5.09 49.69 51.03
C ALA A 610 -4.25 48.50 51.47
N LEU A 611 -3.12 48.24 50.79
CA LEU A 611 -2.26 47.14 51.17
C LEU A 611 -1.49 47.41 52.46
N ALA A 612 -1.25 48.68 52.78
CA ALA A 612 -0.49 49.06 53.98
C ALA A 612 -1.48 49.28 55.12
N ASP A 613 -1.85 48.19 55.79
CA ASP A 613 -2.74 48.24 56.93
C ASP A 613 -2.10 47.50 58.11
N VAL A 614 -2.80 47.47 59.23
CA VAL A 614 -2.26 46.86 60.45
C VAL A 614 -2.03 45.37 60.24
N ARG A 615 -3.02 44.69 59.65
CA ARG A 615 -3.00 43.23 59.54
C ARG A 615 -1.93 42.72 58.61
N SER A 616 -1.72 43.38 57.47
CA SER A 616 -0.78 42.86 56.47
C SER A 616 0.67 43.03 56.91
N ALA A 617 0.96 44.03 57.75
CA ALA A 617 2.33 44.23 58.20
C ALA A 617 2.82 43.02 59.01
N LYS A 618 1.98 42.51 59.90
CA LYS A 618 2.37 41.35 60.70
C LYS A 618 2.55 40.12 59.83
N ARG A 619 1.67 39.93 58.85
CA ARG A 619 1.81 38.79 57.95
C ARG A 619 3.08 38.89 57.12
N ALA A 620 3.39 40.07 56.61
CA ALA A 620 4.63 40.26 55.86
C ALA A 620 5.84 40.01 56.75
N LEU A 621 5.76 40.44 58.02
CA LEU A 621 6.84 40.16 58.96
C LEU A 621 7.01 38.66 59.17
N GLU A 622 5.89 37.93 59.28
CA GLU A 622 5.96 36.50 59.47
C GLU A 622 6.59 35.80 58.26
N TYR A 623 6.17 36.19 57.06
CA TYR A 623 6.76 35.62 55.85
C TYR A 623 8.24 35.92 55.77
N LEU A 624 8.63 37.17 56.08
CA LEU A 624 10.04 37.54 56.05
C LEU A 624 10.84 36.76 57.06
N TRP A 625 10.28 36.56 58.27
CA TRP A 625 10.94 35.75 59.27
C TRP A 625 11.15 34.33 58.78
N SER A 626 10.11 33.72 58.19
CA SER A 626 10.24 32.35 57.71
C SER A 626 11.32 32.25 56.63
N TYR A 627 11.32 33.19 55.68
CA TYR A 627 12.30 33.14 54.60
C TYR A 627 13.72 33.36 55.13
N SER A 628 13.90 34.37 56.00
CA SER A 628 15.22 34.70 56.50
C SER A 628 15.70 33.74 57.58
N SER A 629 14.84 32.86 58.08
CA SER A 629 15.25 31.83 59.01
C SER A 629 15.61 30.54 58.29
N SER A 630 14.77 30.11 57.35
CA SER A 630 15.03 28.89 56.61
C SER A 630 16.12 29.10 55.55
N PHE A 631 16.19 30.29 54.96
CA PHE A 631 17.34 30.66 54.14
C PHE A 631 17.92 31.98 54.65
N GLY A 632 18.81 32.59 53.85
CA GLY A 632 19.35 33.88 54.19
C GLY A 632 18.35 35.00 53.93
N ASP A 633 18.82 36.25 54.10
CA ASP A 633 17.97 37.38 53.82
C ASP A 633 17.69 37.47 52.31
N PRO A 634 16.57 38.10 51.94
CA PRO A 634 16.31 38.34 50.51
C PRO A 634 17.22 39.38 49.88
N VAL A 635 18.18 39.94 50.60
CA VAL A 635 19.02 41.01 50.07
C VAL A 635 20.43 40.51 49.79
N ARG A 636 21.14 40.09 50.85
CA ARG A 636 22.57 39.83 50.75
C ARG A 636 22.97 38.37 50.94
N GLY A 637 22.06 37.50 51.36
CA GLY A 637 22.40 36.11 51.56
C GLY A 637 22.95 35.82 52.95
N THR A 638 24.18 36.23 53.22
CA THR A 638 24.77 36.00 54.54
C THR A 638 24.24 37.02 55.53
N LYS A 639 23.24 36.61 56.32
CA LYS A 639 22.59 37.47 57.30
C LYS A 639 21.75 36.59 58.20
N GLY A 640 21.76 36.90 59.49
CA GLY A 640 21.12 36.05 60.46
C GLY A 640 19.61 36.01 60.32
N ALA A 641 19.01 35.05 61.03
CA ALA A 641 17.56 34.89 60.97
C ALA A 641 16.85 36.01 61.71
N ALA A 642 17.32 36.35 62.91
CA ALA A 642 16.68 37.34 63.74
C ALA A 642 17.22 38.75 63.53
N GLU A 643 18.45 38.88 63.04
CA GLU A 643 19.05 40.20 62.87
C GLU A 643 18.30 41.03 61.83
N TYR A 644 17.84 40.41 60.74
CA TYR A 644 17.16 41.16 59.69
C TYR A 644 15.84 41.75 60.18
N VAL A 645 14.99 40.92 60.78
CA VAL A 645 13.69 41.39 61.24
C VAL A 645 13.86 42.38 62.39
N GLY A 646 14.82 42.13 63.28
CA GLY A 646 15.07 43.07 64.37
C GLY A 646 15.56 44.42 63.87
N SER A 647 16.43 44.42 62.87
CA SER A 647 16.91 45.67 62.30
C SER A 647 15.80 46.42 61.58
N LEU A 648 14.96 45.69 60.84
CA LEU A 648 13.89 46.35 60.08
C LEU A 648 12.74 46.79 60.98
N LEU A 649 12.63 46.22 62.18
CA LEU A 649 11.53 46.51 63.07
C LEU A 649 11.89 47.54 64.15
N ASN A 650 12.95 47.30 64.91
CA ASN A 650 13.34 48.20 65.99
C ASN A 650 13.96 49.48 65.49
N GLU A 651 14.37 49.54 64.23
CA GLU A 651 15.01 50.71 63.64
C GLU A 651 14.64 50.74 62.16
N ALA A 652 15.42 51.49 61.39
CA ALA A 652 15.22 51.63 59.94
C ALA A 652 13.88 52.29 59.63
N THR A 653 13.75 53.52 60.14
CA THR A 653 12.55 54.30 59.89
C THR A 653 12.42 54.62 58.41
N ASP A 654 11.18 54.63 57.92
CA ASP A 654 10.83 54.92 56.53
C ASP A 654 11.35 53.86 55.56
N ASN A 655 11.93 52.76 56.05
CA ASN A 655 12.44 51.69 55.22
C ASN A 655 11.66 50.40 55.38
N PHE A 656 10.47 50.47 55.97
CA PHE A 656 9.61 49.30 56.08
C PHE A 656 8.91 49.06 54.73
N PHE A 657 8.21 47.93 54.64
CA PHE A 657 7.55 47.50 53.40
C PHE A 657 8.56 47.45 52.24
N SER A 658 9.54 46.56 52.39
CA SER A 658 10.45 46.29 51.29
C SER A 658 9.69 45.60 50.16
N PRO A 659 10.23 45.63 48.94
CA PRO A 659 9.56 44.94 47.83
C PRO A 659 9.17 43.51 48.16
N PHE A 660 10.02 42.80 48.91
CA PHE A 660 9.67 41.46 49.38
C PHE A 660 8.43 41.50 50.27
N ALA A 661 8.39 42.46 51.21
CA ALA A 661 7.23 42.59 52.08
C ALA A 661 5.98 42.97 51.29
N LYS A 662 6.14 43.87 50.31
CA LYS A 662 4.99 44.27 49.49
C LYS A 662 4.42 43.09 48.73
N MET A 663 5.30 42.29 48.09
CA MET A 663 4.83 41.13 47.35
C MET A 663 4.20 40.09 48.27
N ALA A 664 4.78 39.88 49.44
CA ALA A 664 4.22 38.94 50.40
C ALA A 664 2.83 39.38 50.85
N SER A 665 2.67 40.68 51.14
CA SER A 665 1.38 41.20 51.54
C SER A 665 0.36 41.07 50.42
N PHE A 666 0.76 41.36 49.18
CA PHE A 666 -0.11 41.16 48.03
C PHE A 666 -0.58 39.72 47.95
N LEU A 667 0.36 38.77 48.00
CA LEU A 667 -0.01 37.37 47.89
C LEU A 667 -0.98 36.97 49.01
N ASP A 668 -0.65 37.34 50.25
CA ASP A 668 -1.49 36.95 51.37
C ASP A 668 -2.89 37.55 51.24
N THR A 669 -2.98 38.80 50.80
CA THR A 669 -4.28 39.41 50.57
C THR A 669 -5.07 38.62 49.54
N MET A 670 -4.41 38.19 48.46
CA MET A 670 -5.14 37.45 47.43
C MET A 670 -5.61 36.10 47.96
N TYR A 671 -4.76 35.38 48.71
CA TYR A 671 -5.20 34.10 49.28
C TYR A 671 -6.34 34.28 50.26
N LYS A 672 -6.25 35.31 51.11
CA LYS A 672 -7.30 35.53 52.09
C LYS A 672 -8.62 35.88 51.38
N TRP A 673 -8.55 36.66 50.31
CA TRP A 673 -9.74 36.93 49.52
C TRP A 673 -10.31 35.65 48.94
N ASN A 674 -9.45 34.79 48.41
CA ASN A 674 -9.92 33.51 47.87
C ASN A 674 -10.61 32.68 48.94
N ALA A 675 -10.00 32.60 50.12
CA ALA A 675 -10.60 31.85 51.23
C ALA A 675 -11.96 32.44 51.62
N TYR A 676 -12.06 33.76 51.67
CA TYR A 676 -13.32 34.40 52.04
C TYR A 676 -14.42 34.10 51.04
N THR A 677 -14.11 34.19 49.74
CA THR A 677 -15.14 33.86 48.76
C THR A 677 -15.47 32.38 48.74
N SER A 678 -14.51 31.52 49.05
CA SER A 678 -14.75 30.08 48.93
C SER A 678 -15.38 29.47 50.17
N LEU A 679 -15.33 30.14 51.31
CA LEU A 679 -15.84 29.56 52.55
C LEU A 679 -17.27 29.95 52.87
N VAL A 680 -17.91 30.77 52.05
CA VAL A 680 -19.29 31.18 52.28
C VAL A 680 -20.18 30.43 51.31
N GLU A 681 -21.49 30.51 51.55
CA GLU A 681 -22.48 29.88 50.67
C GLU A 681 -22.64 30.75 49.43
N ARG A 682 -22.16 30.25 48.29
CA ARG A 682 -22.16 31.02 47.06
C ARG A 682 -23.40 30.70 46.23
N GLN A 683 -23.42 31.19 44.99
CA GLN A 683 -24.56 31.00 44.10
C GLN A 683 -24.49 29.60 43.50
N GLY A 684 -25.32 29.33 42.49
CA GLY A 684 -25.43 27.99 41.95
C GLY A 684 -24.15 27.50 41.30
N ALA A 685 -23.47 28.38 40.54
CA ALA A 685 -22.31 27.95 39.77
C ALA A 685 -21.14 27.59 40.66
N ALA A 686 -20.81 28.46 41.63
CA ALA A 686 -19.65 28.23 42.47
C ALA A 686 -19.91 27.22 43.57
N GLU A 687 -21.17 26.96 43.91
CA GLU A 687 -21.47 26.02 44.99
C GLU A 687 -20.98 24.62 44.66
N LEU A 688 -21.20 24.16 43.43
CA LEU A 688 -20.76 22.82 43.05
C LEU A 688 -19.24 22.71 43.09
N ALA A 689 -18.53 23.71 42.57
CA ALA A 689 -17.08 23.68 42.60
C ALA A 689 -16.55 23.68 44.03
N ASN A 690 -17.15 24.50 44.90
CA ASN A 690 -16.74 24.50 46.29
C ASN A 690 -17.00 23.15 46.94
N THR A 691 -18.16 22.55 46.67
CA THR A 691 -18.48 21.26 47.27
C THR A 691 -17.49 20.19 46.82
N ILE A 692 -17.13 20.20 45.53
CA ILE A 692 -16.16 19.23 45.04
C ILE A 692 -14.80 19.45 45.70
N ALA A 693 -14.38 20.71 45.82
CA ALA A 693 -13.09 21.00 46.45
C ALA A 693 -13.08 20.54 47.91
N GLN A 694 -14.21 20.71 48.62
CA GLN A 694 -14.28 20.20 49.98
C GLN A 694 -14.26 18.68 50.01
N GLY A 695 -14.90 18.04 49.03
CA GLY A 695 -14.90 16.58 48.97
C GLY A 695 -13.59 15.96 48.52
N MET A 696 -12.66 16.78 48.02
CA MET A 696 -11.34 16.27 47.66
C MET A 696 -10.48 15.90 48.85
N THR A 697 -10.79 16.43 50.04
CA THR A 697 -9.94 16.25 51.20
C THR A 697 -9.86 14.78 51.60
N LEU A 698 -8.68 14.36 52.07
CA LEU A 698 -8.47 12.95 52.44
C LEU A 698 -9.42 12.50 53.54
N GLU A 699 -9.57 13.31 54.59
CA GLU A 699 -10.35 12.81 55.71
C GLU A 699 -11.83 13.10 55.46
N PRO A 700 -12.72 12.20 55.88
CA PRO A 700 -14.15 12.35 55.61
C PRO A 700 -14.74 13.65 56.16
N ILE A 701 -14.02 14.12 57.25
CA ILE A 701 -14.36 15.37 58.01
C ILE A 701 -13.49 16.67 58.10
N SER A 702 -12.54 17.12 57.20
CA SER A 702 -11.86 18.50 57.24
C SER A 702 -12.97 19.40 56.94
N ARG A 703 -13.92 18.69 56.41
CA ARG A 703 -15.11 19.48 56.26
C ARG A 703 -15.67 19.05 57.65
N ILE A 704 -15.64 19.95 58.64
CA ILE A 704 -16.20 19.63 59.99
C ILE A 704 -16.95 20.97 59.99
N GLY A 705 -17.96 21.12 59.14
CA GLY A 705 -18.71 22.39 59.03
C GLY A 705 -18.01 23.72 58.84
N ARG A 706 -17.27 23.84 57.73
CA ARG A 706 -16.49 25.09 57.47
C ARG A 706 -17.48 25.91 56.64
N LYS A 707 -18.66 25.37 56.33
CA LYS A 707 -19.67 26.19 55.61
C LYS A 707 -19.89 27.07 56.84
N PHE A 708 -19.66 28.38 56.70
CA PHE A 708 -19.78 29.28 57.85
C PHE A 708 -20.87 30.16 57.28
N ASP A 709 -21.76 30.64 58.15
CA ASP A 709 -22.92 31.40 57.72
C ASP A 709 -22.93 32.85 58.18
N ASN A 710 -22.13 33.20 59.19
CA ASN A 710 -22.08 34.57 59.68
C ASN A 710 -20.63 35.06 59.67
N TRP A 711 -20.49 36.39 59.70
CA TRP A 711 -19.17 37.00 59.50
C TRP A 711 -18.24 36.69 60.66
N ARG A 712 -18.76 36.66 61.90
CA ARG A 712 -17.90 36.49 63.07
C ARG A 712 -17.17 35.16 63.05
N ASP A 713 -17.89 34.06 62.80
CA ASP A 713 -17.25 32.75 62.80
C ASP A 713 -16.23 32.62 61.67
N LEU A 714 -16.57 33.13 60.49
CA LEU A 714 -15.63 33.06 59.36
C LEU A 714 -14.37 33.87 59.64
N SER A 715 -14.52 35.06 60.20
CA SER A 715 -13.36 35.89 60.53
C SER A 715 -12.52 35.22 61.61
N ARG A 716 -13.16 34.61 62.60
CA ARG A 716 -12.40 33.91 63.64
C ARG A 716 -11.63 32.72 63.04
N HIS A 717 -12.26 31.98 62.12
CA HIS A 717 -11.59 30.86 61.47
C HIS A 717 -10.38 31.34 60.68
N ILE A 718 -10.55 32.42 59.91
CA ILE A 718 -9.46 32.95 59.11
C ILE A 718 -8.34 33.45 60.01
N ASP A 719 -8.66 34.11 61.12
CA ASP A 719 -7.63 34.57 62.04
C ASP A 719 -6.95 33.40 62.72
N ASP A 720 -7.67 32.30 62.92
CA ASP A 720 -7.07 31.09 63.46
C ASP A 720 -6.03 30.54 62.50
N TYR A 721 -6.35 30.50 61.21
CA TYR A 721 -5.42 29.98 60.22
C TYR A 721 -4.46 31.02 59.66
N PHE A 722 -4.51 32.25 60.15
CA PHE A 722 -3.55 33.29 59.80
C PHE A 722 -3.02 33.91 61.08
N PHE A 723 -1.73 33.71 61.34
CA PHE A 723 -1.16 33.80 62.68
C PHE A 723 -0.92 35.22 63.17
N THR A 724 -0.10 36.00 62.46
CA THR A 724 0.35 37.34 62.90
C THR A 724 0.94 37.15 64.29
N PHE A 725 0.70 38.07 65.23
CA PHE A 725 0.89 37.82 66.64
C PHE A 725 -0.32 38.40 67.36
N ASP A 726 -0.24 38.43 68.68
CA ASP A 726 -1.30 38.89 69.59
C ASP A 726 -2.64 38.25 69.14
N ASP A 727 -3.72 39.04 69.12
CA ASP A 727 -5.06 38.63 68.70
C ASP A 727 -5.70 37.73 69.74
N PRO A 728 -7.03 37.62 69.76
CA PRO A 728 -7.66 36.61 70.62
C PRO A 728 -7.23 35.44 69.76
N GLY A 729 -6.31 34.65 70.31
CA GLY A 729 -5.79 33.50 69.55
C GLY A 729 -5.12 33.06 70.84
N THR A 730 -4.67 31.80 70.91
CA THR A 730 -4.07 31.26 72.16
C THR A 730 -3.03 31.96 73.03
N THR A 731 -1.93 32.42 72.44
CA THR A 731 -0.92 33.20 73.20
C THR A 731 0.08 33.44 72.07
N THR A 732 1.06 34.32 72.29
CA THR A 732 2.11 34.51 71.25
C THR A 732 3.18 33.44 71.46
N LYS A 733 3.44 33.07 72.71
CA LYS A 733 4.49 32.10 73.00
C LYS A 733 4.19 30.73 72.41
N VAL A 734 2.94 30.28 72.53
CA VAL A 734 2.55 28.98 71.98
C VAL A 734 2.66 29.03 70.47
N ILE A 735 2.26 30.15 69.88
CA ILE A 735 2.40 30.34 68.44
C ILE A 735 3.87 30.28 68.05
N SER A 736 4.74 30.84 68.87
CA SER A 736 6.16 30.89 68.55
C SER A 736 6.89 29.59 68.84
N LYS A 737 6.32 28.71 69.66
CA LYS A 737 7.01 27.49 70.03
C LYS A 737 6.47 26.26 69.33
N TYR A 738 5.22 26.29 68.84
CA TYR A 738 4.61 25.09 68.29
C TYR A 738 4.02 25.24 66.89
N VAL A 739 3.95 26.45 66.33
CA VAL A 739 3.32 26.68 65.04
C VAL A 739 4.27 27.29 64.02
N ARG A 740 4.84 28.45 64.33
CA ARG A 740 5.78 29.09 63.42
C ARG A 740 7.02 28.25 63.10
N PRO A 741 7.65 27.53 64.05
CA PRO A 741 8.72 26.62 63.64
C PRO A 741 8.27 25.57 62.63
N PHE A 742 6.99 25.17 62.65
CA PHE A 742 6.51 24.27 61.62
C PHE A 742 6.59 24.91 60.24
N ALA A 743 6.11 26.15 60.12
CA ALA A 743 6.20 26.84 58.83
C ALA A 743 7.66 27.05 58.43
N ASN A 744 8.52 27.32 59.41
CA ASN A 744 9.95 27.39 59.16
C ASN A 744 10.46 26.10 58.52
N TRP A 745 10.09 24.96 59.09
CA TRP A 745 10.55 23.68 58.56
C TRP A 745 9.92 23.39 57.21
N SER A 746 8.65 23.75 57.04
CA SER A 746 7.94 23.46 55.79
C SER A 746 8.55 24.23 54.64
N MET A 747 9.01 25.46 54.90
CA MET A 747 9.67 26.23 53.86
C MET A 747 10.93 25.51 53.36
N GLN A 748 11.56 24.71 54.21
CA GLN A 748 12.74 23.96 53.83
C GLN A 748 12.43 22.53 53.35
N SER A 749 11.22 22.05 53.59
CA SER A 749 10.90 20.65 53.31
C SER A 749 9.77 20.51 52.31
N THR A 750 9.80 21.28 51.23
CA THR A 750 8.78 21.17 50.20
C THR A 750 8.90 19.83 49.47
N PRO A 751 7.79 19.25 49.05
CA PRO A 751 7.83 17.93 48.41
C PRO A 751 8.51 17.98 47.05
N ALA A 752 8.83 16.80 46.54
CA ALA A 752 9.51 16.68 45.25
C ALA A 752 8.64 17.19 44.11
N MET A 753 7.38 16.73 44.08
CA MET A 753 6.52 17.05 42.95
C MET A 753 6.19 18.53 42.90
N LEU A 754 6.01 19.16 44.07
CA LEU A 754 5.74 20.59 44.10
C LEU A 754 6.93 21.38 43.55
N ARG A 755 8.15 20.99 43.93
CA ARG A 755 9.33 21.65 43.40
C ARG A 755 9.43 21.45 41.89
N ALA A 756 9.15 20.24 41.41
CA ALA A 756 9.20 19.99 39.97
C ALA A 756 8.18 20.82 39.23
N ALA A 757 6.94 20.89 39.75
CA ALA A 757 5.89 21.66 39.10
C ALA A 757 6.22 23.15 39.09
N LEU A 758 6.74 23.66 40.21
CA LEU A 758 7.15 25.06 40.27
C LEU A 758 8.36 25.34 39.38
N ARG A 759 9.17 24.32 39.08
CA ARG A 759 10.28 24.52 38.16
C ARG A 759 9.79 24.66 36.72
N SER A 760 8.85 23.81 36.31
CA SER A 760 8.30 23.84 34.96
C SER A 760 6.79 23.63 35.06
N PRO A 761 6.00 24.71 34.96
CA PRO A 761 4.56 24.60 35.19
C PRO A 761 3.77 24.21 33.96
N GLN A 762 4.33 24.45 32.77
CA GLN A 762 3.64 24.06 31.55
C GLN A 762 3.48 22.55 31.48
N LYS A 763 4.51 21.80 31.87
CA LYS A 763 4.44 20.35 31.84
C LYS A 763 3.36 19.80 32.76
N PHE A 764 2.97 20.56 33.78
CA PHE A 764 1.95 20.08 34.72
C PHE A 764 0.56 20.61 34.42
N SER A 765 0.44 21.77 33.77
CA SER A 765 -0.83 22.13 33.17
C SER A 765 -1.13 21.30 31.93
N ALA A 766 -0.12 20.61 31.41
CA ALA A 766 -0.34 19.69 30.31
C ALA A 766 -1.34 18.59 30.66
N TYR A 767 -1.54 18.28 31.94
CA TYR A 767 -2.55 17.28 32.30
C TYR A 767 -3.95 17.75 31.91
N ALA A 768 -4.32 18.96 32.32
CA ALA A 768 -5.62 19.49 31.91
C ALA A 768 -5.67 19.73 30.41
N LYS A 769 -4.55 20.15 29.81
CA LYS A 769 -4.54 20.33 28.36
C LYS A 769 -4.81 19.01 27.63
N LEU A 770 -4.24 17.91 28.13
CA LEU A 770 -4.54 16.58 27.58
C LEU A 770 -6.01 16.22 27.79
N LEU A 771 -6.51 16.39 29.01
CA LEU A 771 -7.88 15.99 29.30
C LEU A 771 -8.88 16.84 28.53
N GLN A 772 -8.45 17.96 27.96
CA GLN A 772 -9.29 18.68 27.01
C GLN A 772 -9.66 17.82 25.81
N LEU A 773 -8.80 16.88 25.43
CA LEU A 773 -9.01 16.08 24.23
C LEU A 773 -9.88 14.86 24.47
N TYR A 774 -9.64 14.13 25.56
CA TYR A 774 -10.42 12.94 25.89
C TYR A 774 -10.77 12.99 27.37
N ASN A 775 -12.06 13.08 27.67
CA ASN A 775 -12.52 13.26 29.05
C ASN A 775 -13.75 12.41 29.33
N ARG A 776 -13.73 11.15 28.90
CA ARG A 776 -14.80 10.22 29.23
C ARG A 776 -14.30 9.18 30.23
N GLY A 777 -15.25 8.50 30.87
CA GLY A 777 -14.92 7.46 31.81
C GLY A 777 -15.03 6.06 31.22
N ASN A 778 -14.21 5.16 31.76
CA ASN A 778 -14.19 3.79 31.26
C ASN A 778 -15.44 3.02 31.71
N ASN A 779 -15.93 3.30 32.91
CA ASN A 779 -17.04 2.55 33.50
C ASN A 779 -18.28 2.60 32.63
N ASP A 780 -18.84 3.80 32.46
CA ASP A 780 -20.04 3.98 31.65
C ASP A 780 -20.12 5.45 31.25
N ASP A 781 -21.21 5.80 30.55
CA ASP A 781 -21.49 7.17 30.16
C ASP A 781 -22.82 7.64 30.72
N GLU A 782 -23.29 6.99 31.79
CA GLU A 782 -24.53 7.41 32.42
C GLU A 782 -24.34 8.73 33.17
N PRO A 783 -23.45 8.83 34.19
CA PRO A 783 -23.32 10.10 34.89
C PRO A 783 -22.34 11.04 34.20
N LEU A 784 -22.85 12.10 33.58
CA LEU A 784 -22.01 13.11 32.95
C LEU A 784 -22.81 14.39 32.81
N ASN A 785 -22.50 15.40 33.63
CA ASN A 785 -23.20 16.67 33.62
C ASN A 785 -22.21 17.82 33.74
N GLN A 786 -21.14 17.79 32.94
CA GLN A 786 -20.15 18.86 32.99
C GLN A 786 -20.72 20.22 32.55
N SER A 787 -21.87 20.24 31.88
CA SER A 787 -22.44 21.51 31.44
C SER A 787 -22.93 22.36 32.59
N GLN A 788 -23.28 21.75 33.73
CA GLN A 788 -23.80 22.54 34.85
C GLN A 788 -22.69 23.29 35.57
N LEU A 789 -21.46 22.78 35.54
CA LEU A 789 -20.38 23.47 36.23
C LEU A 789 -19.83 24.62 35.41
N THR A 790 -19.89 24.53 34.08
CA THR A 790 -19.30 25.54 33.21
C THR A 790 -20.10 26.83 33.16
N ASP A 791 -21.31 26.86 33.72
CA ASP A 791 -22.16 28.06 33.68
C ASP A 791 -21.76 29.04 34.78
N TRP A 792 -20.51 29.49 34.72
CA TRP A 792 -19.95 30.42 35.69
C TRP A 792 -20.43 31.83 35.34
N GLN A 793 -21.42 32.33 36.07
CA GLN A 793 -21.97 33.65 35.84
C GLN A 793 -21.40 34.70 36.78
N ASP A 794 -20.51 34.33 37.69
CA ASP A 794 -20.01 35.27 38.68
C ASP A 794 -19.02 36.26 38.08
N ASP A 795 -18.16 35.81 37.18
CA ASP A 795 -17.10 36.64 36.63
C ASP A 795 -17.04 36.47 35.12
N GLU A 796 -16.40 37.43 34.46
CA GLU A 796 -16.16 37.39 33.02
C GLU A 796 -14.71 37.03 32.70
N TYR A 797 -14.03 36.34 33.61
CA TYR A 797 -12.66 35.91 33.43
C TYR A 797 -12.60 34.62 32.61
N PRO A 798 -11.54 34.41 31.82
CA PRO A 798 -11.43 33.23 30.96
C PRO A 798 -10.87 31.99 31.67
N VAL A 799 -11.47 31.66 32.81
CA VAL A 799 -11.10 30.46 33.57
C VAL A 799 -12.20 29.44 33.40
N ILE A 800 -11.85 28.23 32.98
CA ILE A 800 -12.81 27.17 32.75
C ILE A 800 -12.59 26.09 33.79
N LEU A 801 -13.63 25.78 34.54
CA LEU A 801 -13.60 24.71 35.53
C LEU A 801 -14.33 23.51 34.96
N GLN A 802 -13.63 22.38 34.84
CA GLN A 802 -14.20 21.16 34.30
C GLN A 802 -14.06 20.04 35.31
N ARG A 803 -14.74 18.93 35.04
CA ARG A 803 -14.65 17.75 35.88
C ARG A 803 -13.69 16.74 35.25
N ASP A 804 -13.28 15.77 36.07
CA ASP A 804 -12.35 14.73 35.66
C ASP A 804 -13.07 13.39 35.58
N ALA A 805 -12.78 12.64 34.53
CA ALA A 805 -13.38 11.32 34.35
C ALA A 805 -12.36 10.21 34.10
N LEU A 806 -11.09 10.55 33.85
CA LEU A 806 -10.10 9.51 33.59
C LEU A 806 -9.67 8.79 34.86
N GLN A 807 -9.56 9.52 35.98
CA GLN A 807 -9.13 8.91 37.22
C GLN A 807 -10.20 7.96 37.76
N THR A 808 -9.74 6.86 38.36
CA THR A 808 -10.65 5.88 38.95
C THR A 808 -10.93 6.18 40.42
N GLY A 809 -9.88 6.42 41.20
CA GLY A 809 -10.04 6.70 42.61
C GLY A 809 -8.85 7.40 43.25
N ASP A 810 -9.13 8.33 44.16
CA ASP A 810 -10.49 8.73 44.50
C ASP A 810 -10.85 10.04 43.82
N GLY A 811 -10.00 10.47 42.89
CA GLY A 811 -10.25 11.69 42.16
C GLY A 811 -11.20 11.51 41.00
N ASN A 812 -12.20 10.65 41.18
CA ASN A 812 -13.17 10.40 40.13
C ASN A 812 -14.00 11.62 39.79
N GLY A 813 -14.06 12.61 40.68
CA GLY A 813 -14.76 13.85 40.41
C GLY A 813 -13.85 15.05 40.50
N GLY A 814 -12.61 14.91 40.02
CA GLY A 814 -11.65 15.98 40.15
C GLY A 814 -12.05 17.21 39.36
N LEU A 815 -11.37 18.31 39.67
CA LEU A 815 -11.59 19.60 39.01
C LEU A 815 -10.36 19.99 38.20
N LEU A 816 -10.60 20.53 37.02
CA LEU A 816 -9.56 20.98 36.11
C LEU A 816 -9.72 22.47 35.88
N VAL A 817 -8.62 23.21 36.02
CA VAL A 817 -8.58 24.64 35.79
C VAL A 817 -7.93 24.91 34.45
N LEU A 818 -8.63 25.63 33.58
CA LEU A 818 -8.09 26.09 32.31
C LEU A 818 -7.96 27.61 32.39
N PHE A 819 -6.73 28.09 32.39
CA PHE A 819 -6.45 29.51 32.53
C PHE A 819 -5.33 29.91 31.58
N PRO A 820 -5.60 30.75 30.58
CA PRO A 820 -4.53 31.21 29.69
C PRO A 820 -3.44 31.93 30.47
N HIS A 821 -2.20 31.69 30.08
CA HIS A 821 -1.06 32.30 30.75
C HIS A 821 -0.73 33.68 30.20
N THR A 822 -1.47 34.17 29.21
CA THR A 822 -1.22 35.48 28.63
C THR A 822 -2.41 36.42 28.84
N PHE A 823 -3.11 36.29 29.97
CA PHE A 823 -4.29 37.09 30.25
C PHE A 823 -3.93 38.22 31.21
N ASP A 824 -4.20 39.45 30.79
CA ASP A 824 -3.91 40.63 31.60
C ASP A 824 -5.20 41.11 32.24
N PRO A 825 -5.39 40.94 33.56
CA PRO A 825 -6.68 41.29 34.16
C PRO A 825 -6.96 42.78 34.20
N ILE A 826 -5.92 43.62 34.35
CA ILE A 826 -6.15 45.05 34.48
C ILE A 826 -6.71 45.63 33.19
N THR A 827 -6.07 45.32 32.06
CA THR A 827 -6.50 45.85 30.78
C THR A 827 -7.41 44.90 30.01
N ASP A 828 -7.67 43.70 30.55
CA ASP A 828 -8.60 42.74 29.95
C ASP A 828 -8.20 42.40 28.51
N THR A 829 -6.92 42.11 28.31
CA THR A 829 -6.41 41.75 27.00
C THR A 829 -5.57 40.49 27.09
N LEU A 830 -5.47 39.78 25.97
CA LEU A 830 -4.59 38.63 25.83
C LEU A 830 -3.34 39.06 25.06
N ASN A 831 -2.17 38.83 25.64
CA ASN A 831 -0.90 39.23 25.04
C ASN A 831 -0.27 37.99 24.41
N VAL A 832 -0.64 37.71 23.17
CA VAL A 832 -0.13 36.54 22.48
C VAL A 832 1.15 36.91 21.74
N ILE A 833 1.92 35.89 21.38
CA ILE A 833 3.16 36.06 20.64
C ILE A 833 2.96 35.49 19.25
N ASP A 834 3.12 36.34 18.23
CA ASP A 834 2.91 35.91 16.86
C ASP A 834 4.05 34.99 16.41
N ASN A 835 3.83 34.35 15.27
CA ASN A 835 4.82 33.41 14.75
C ASN A 835 6.13 34.13 14.42
N ALA A 836 6.04 35.34 13.87
CA ALA A 836 7.25 36.11 13.59
C ALA A 836 8.00 36.43 14.87
N GLY A 837 7.28 36.83 15.93
CA GLY A 837 7.93 37.17 17.18
C GLY A 837 7.45 38.48 17.76
N ARG A 838 6.38 39.02 17.20
CA ARG A 838 5.83 40.31 17.63
C ARG A 838 4.63 40.08 18.53
N THR A 839 4.67 40.69 19.71
CA THR A 839 3.54 40.57 20.64
C THR A 839 2.32 41.28 20.07
N VAL A 840 1.16 40.64 20.20
CA VAL A 840 -0.11 41.17 19.72
C VAL A 840 -1.12 41.11 20.87
N ASN A 841 -1.83 42.21 21.08
CA ASN A 841 -2.84 42.30 22.12
C ASN A 841 -4.21 42.09 21.51
N ILE A 842 -4.98 41.16 22.07
CA ILE A 842 -6.32 40.84 21.62
C ILE A 842 -7.30 41.26 22.71
N LEU A 843 -8.29 42.06 22.33
CA LEU A 843 -9.27 42.54 23.28
C LEU A 843 -10.17 41.41 23.76
N PHE A 844 -10.44 41.37 25.06
CA PHE A 844 -11.36 40.42 25.66
C PHE A 844 -12.65 41.09 26.11
N GLY A 845 -13.02 42.20 25.51
CA GLY A 845 -14.24 42.90 25.87
C GLY A 845 -14.03 44.37 26.17
N ASP A 864 -0.70 49.95 30.83
CA ASP A 864 -0.36 49.74 32.22
C ASP A 864 -1.07 48.51 32.79
N GLY A 865 -0.58 47.33 32.43
CA GLY A 865 -1.18 46.08 32.86
C GLY A 865 -0.58 45.56 34.16
N LEU A 866 -0.65 44.23 34.31
CA LEU A 866 -0.09 43.57 35.49
C LEU A 866 1.39 43.83 35.66
N THR A 867 2.12 43.96 34.54
CA THR A 867 3.56 44.25 34.63
C THR A 867 3.81 45.61 35.26
N SER A 868 2.96 46.60 34.93
CA SER A 868 3.07 47.88 35.58
C SER A 868 2.84 47.76 37.08
N MET A 869 1.88 46.93 37.48
CA MET A 869 1.60 46.77 38.91
C MET A 869 2.78 46.09 39.61
N LEU A 870 3.38 45.11 38.97
CA LEU A 870 4.53 44.44 39.58
C LEU A 870 5.74 45.37 39.67
N THR A 871 5.95 46.20 38.64
CA THR A 871 7.03 47.18 38.69
C THR A 871 6.79 48.18 39.81
N GLU A 872 5.54 48.63 39.97
CA GLU A 872 5.27 49.59 41.04
C GLU A 872 5.29 48.92 42.42
N LEU A 873 5.12 47.61 42.48
CA LEU A 873 5.24 46.91 43.76
C LEU A 873 6.70 46.76 44.16
N PHE A 874 7.59 46.68 43.18
CA PHE A 874 8.99 46.34 43.41
C PHE A 874 9.92 47.53 43.26
N ASN A 875 9.37 48.75 43.16
CA ASN A 875 10.21 49.92 42.99
C ASN A 875 10.90 50.26 44.31
N ASP A 876 11.65 51.37 44.29
CA ASP A 876 12.36 51.87 45.44
C ASP A 876 11.50 52.70 46.39
N THR A 877 10.24 52.97 46.02
CA THR A 877 9.38 53.74 46.91
C THR A 877 9.07 52.96 48.18
N TYR A 878 9.09 53.65 49.31
CA TYR A 878 8.91 53.06 50.62
C TYR A 878 7.80 53.76 51.37
N TRP A 879 7.08 53.01 52.21
CA TRP A 879 6.03 53.59 53.05
C TRP A 879 6.59 53.94 54.41
N ALA A 880 5.88 54.80 55.13
CA ALA A 880 6.39 55.47 56.33
C ALA A 880 5.60 55.02 57.56
N LYS A 881 6.21 54.14 58.35
CA LYS A 881 5.71 53.63 59.63
C LYS A 881 4.23 53.24 59.61
N PRO A 882 3.81 52.20 58.86
CA PRO A 882 2.41 51.74 58.93
C PRO A 882 2.10 51.13 60.28
N ALA A 883 1.05 51.64 60.94
CA ALA A 883 0.58 51.10 62.20
C ALA A 883 1.67 50.96 63.25
N GLY A 884 1.70 49.82 63.93
CA GLY A 884 2.52 49.61 65.11
C GLY A 884 4.00 49.95 64.98
N LEU A 885 4.75 49.13 64.26
CA LEU A 885 6.21 49.25 64.19
C LEU A 885 6.81 49.51 65.55
N LEU A 886 6.47 48.66 66.53
CA LEU A 886 6.76 48.96 67.93
C LEU A 886 8.11 48.38 68.29
N LEU A 887 8.32 47.06 68.23
CA LEU A 887 9.56 46.44 68.66
C LEU A 887 9.54 44.97 68.29
N GLY A 888 10.66 44.30 68.51
CA GLY A 888 10.80 42.89 68.22
C GLY A 888 9.90 42.00 69.04
N ILE A 889 8.92 41.38 68.37
CA ILE A 889 7.93 40.46 68.96
C ILE A 889 7.59 40.76 70.43
N PRO A 912 17.10 19.54 72.60
CA PRO A 912 18.07 19.14 71.59
C PRO A 912 17.67 17.87 70.86
N LEU A 913 18.66 17.06 70.48
CA LEU A 913 18.37 15.78 69.86
C LEU A 913 17.89 14.74 70.87
N ALA A 914 18.30 14.90 72.13
CA ALA A 914 17.93 13.93 73.16
C ALA A 914 16.42 13.93 73.40
N GLU A 915 15.79 15.11 73.43
CA GLU A 915 14.35 15.16 73.63
C GLU A 915 13.61 14.60 72.43
N ALA A 916 14.14 14.80 71.22
CA ALA A 916 13.56 14.17 70.05
C ALA A 916 13.65 12.65 70.14
N LEU A 917 14.78 12.15 70.64
CA LEU A 917 14.94 10.72 70.87
C LEU A 917 13.95 10.21 71.91
N LEU A 918 13.72 11.00 72.96
CA LEU A 918 12.86 10.58 74.07
C LEU A 918 11.38 10.67 73.74
N GLY A 919 10.98 11.55 72.81
CA GLY A 919 9.57 11.81 72.59
C GLY A 919 8.76 10.62 72.10
N MET A 920 9.40 9.64 71.47
CA MET A 920 8.70 8.49 70.92
C MET A 920 8.42 7.41 71.96
N TYR A 921 8.87 7.60 73.20
CA TYR A 921 8.69 6.58 74.23
C TYR A 921 7.21 6.38 74.54
N THR A 922 6.81 5.13 74.66
CA THR A 922 5.44 4.78 75.02
C THR A 922 5.41 3.82 76.21
N LEU A 969 -3.63 0.76 84.51
CA LEU A 969 -3.82 -0.63 84.87
C LEU A 969 -2.67 -1.13 85.76
N ALA A 970 -2.22 -2.36 85.49
CA ALA A 970 -1.13 -2.95 86.27
C ALA A 970 0.20 -2.25 86.07
N TRP A 971 0.42 -1.61 84.93
CA TRP A 971 1.71 -0.98 84.67
C TRP A 971 1.95 0.22 85.57
N GLU A 972 0.96 1.10 85.73
CA GLU A 972 1.12 2.27 86.59
C GLU A 972 1.25 1.86 88.05
N THR A 973 0.42 0.91 88.49
CA THR A 973 0.51 0.43 89.86
C THR A 973 1.85 -0.24 90.13
N ALA A 974 2.41 -0.94 89.14
CA ALA A 974 3.76 -1.47 89.27
C ALA A 974 4.77 -0.35 89.41
N VAL A 975 4.92 0.47 88.37
CA VAL A 975 5.79 1.64 88.45
C VAL A 975 4.95 2.87 88.73
N LYS A 976 4.68 3.12 90.00
CA LYS A 976 4.09 4.38 90.47
C LYS A 976 5.11 5.26 91.18
N ASN A 977 5.71 4.78 92.26
CA ASN A 977 6.90 5.41 92.85
C ASN A 977 7.73 4.31 93.52
N GLY A 978 9.02 4.59 93.72
CA GLY A 978 9.92 3.75 94.49
C GLY A 978 9.84 2.27 94.19
N ASN A 979 9.96 1.89 92.91
CA ASN A 979 9.89 0.50 92.53
C ASN A 979 11.08 0.16 91.66
N TRP A 980 11.60 -1.05 91.83
CA TRP A 980 12.75 -1.54 91.08
C TRP A 980 12.42 -2.70 90.16
N SER A 981 11.37 -3.47 90.48
CA SER A 981 11.02 -4.64 89.67
C SER A 981 10.50 -4.23 88.29
N ALA A 982 10.23 -2.94 88.08
CA ALA A 982 9.73 -2.48 86.79
C ALA A 982 10.66 -2.90 85.66
N LEU A 983 11.97 -2.81 85.88
CA LEU A 983 12.94 -3.23 84.88
C LEU A 983 12.71 -4.69 84.47
N ALA A 984 12.50 -5.56 85.45
CA ALA A 984 12.28 -6.98 85.19
C ALA A 984 10.91 -7.26 84.59
N LEU A 985 10.04 -6.26 84.51
CA LEU A 985 8.74 -6.40 83.87
C LEU A 985 8.65 -5.66 82.54
N MET A 986 9.67 -4.89 82.19
CA MET A 986 9.63 -4.15 80.94
C MET A 986 10.83 -4.37 80.01
N THR A 987 11.92 -5.00 80.47
CA THR A 987 13.09 -5.20 79.63
C THR A 987 12.73 -5.95 78.35
N MET A 988 11.84 -6.93 78.46
CA MET A 988 11.34 -7.67 77.31
C MET A 988 10.05 -7.03 76.79
N GLY A 989 9.86 -7.13 75.48
CA GLY A 989 8.68 -6.56 74.85
C GLY A 989 8.98 -5.87 73.53
N ALA A 990 8.25 -6.25 72.48
CA ALA A 990 8.47 -5.64 71.17
C ALA A 990 7.94 -4.22 71.12
N ARG A 991 6.82 -3.94 71.78
CA ARG A 991 6.28 -2.59 71.82
C ARG A 991 7.21 -1.65 72.58
N VAL A 992 7.96 -2.16 73.56
CA VAL A 992 8.89 -1.34 74.33
C VAL A 992 10.18 -1.09 73.59
N ARG A 993 10.37 -1.70 72.43
CA ARG A 993 11.60 -1.53 71.67
C ARG A 993 11.66 -0.16 71.00
N LEU A 994 12.09 0.86 71.75
CA LEU A 994 12.08 2.21 71.21
C LEU A 994 13.15 2.39 70.14
N ILE A 995 14.20 1.57 70.15
CA ILE A 995 15.20 1.65 69.09
C ILE A 995 14.59 1.27 67.75
N ASP A 996 13.59 0.36 67.75
CA ASP A 996 12.88 0.05 66.52
C ASP A 996 12.14 1.27 66.00
N THR A 997 11.49 2.03 66.90
CA THR A 997 10.82 3.26 66.46
C THR A 997 11.81 4.27 65.94
N ALA A 998 12.97 4.40 66.59
CA ALA A 998 13.99 5.33 66.12
C ALA A 998 14.48 4.93 64.72
N ARG A 999 14.67 3.63 64.48
CA ARG A 999 15.06 3.17 63.16
C ARG A 999 13.97 3.43 62.14
N ASN A 1000 12.70 3.21 62.52
CA ASN A 1000 11.58 3.52 61.64
C ASN A 1000 11.49 5.00 61.33
N THR A 1001 12.03 5.86 62.19
CA THR A 1001 12.10 7.28 61.93
C THR A 1001 13.13 7.64 60.87
N GLN A 1002 13.90 6.66 60.39
CA GLN A 1002 14.96 6.87 59.40
C GLN A 1002 16.01 7.84 59.94
N MET A 1003 16.55 7.48 61.10
CA MET A 1003 17.58 8.26 61.77
C MET A 1003 18.92 7.55 61.58
N THR A 1004 19.95 8.33 61.24
CA THR A 1004 21.26 7.74 60.99
C THR A 1004 21.84 7.17 62.29
N LEU A 1005 22.71 6.17 62.14
CA LEU A 1005 23.34 5.55 63.29
C LEU A 1005 24.18 6.54 64.08
N ASP A 1006 24.92 7.41 63.37
CA ASP A 1006 25.68 8.44 64.05
C ASP A 1006 24.76 9.41 64.80
N GLU A 1007 23.62 9.74 64.20
CA GLU A 1007 22.66 10.60 64.88
C GLU A 1007 22.09 9.91 66.12
N ILE A 1008 21.84 8.60 66.04
CA ILE A 1008 21.34 7.87 67.20
C ILE A 1008 22.39 7.86 68.31
N LYS A 1009 23.66 7.65 67.96
CA LYS A 1009 24.72 7.66 68.96
C LYS A 1009 24.85 9.04 69.59
N THR A 1010 24.78 10.10 68.79
CA THR A 1010 24.83 11.46 69.32
C THR A 1010 23.66 11.73 70.25
N GLY A 1011 22.46 11.29 69.87
CA GLY A 1011 21.31 11.46 70.73
C GLY A 1011 21.44 10.71 72.04
N ILE A 1012 21.99 9.49 71.98
CA ILE A 1012 22.19 8.71 73.21
C ILE A 1012 23.19 9.41 74.13
N ASP A 1013 24.30 9.89 73.58
CA ASP A 1013 25.29 10.59 74.40
C ASP A 1013 24.71 11.87 74.98
N GLU A 1014 23.94 12.61 74.18
CA GLU A 1014 23.36 13.86 74.67
C GLU A 1014 22.31 13.60 75.74
N LEU A 1015 21.55 12.51 75.60
CA LEU A 1015 20.62 12.11 76.65
C LEU A 1015 21.36 11.75 77.93
N GLN A 1016 22.49 11.05 77.81
CA GLN A 1016 23.29 10.72 78.98
C GLN A 1016 23.78 11.99 79.68
N LYS A 1017 24.30 12.95 78.90
CA LYS A 1017 24.76 14.21 79.48
C LYS A 1017 23.62 14.98 80.13
N ALA A 1018 22.46 15.01 79.48
CA ALA A 1018 21.32 15.73 80.03
C ALA A 1018 20.85 15.09 81.34
N ASN A 1019 20.82 13.75 81.40
CA ASN A 1019 20.44 13.09 82.64
C ASN A 1019 21.47 13.31 83.73
N VAL A 1020 22.75 13.31 83.38
CA VAL A 1020 23.80 13.59 84.36
C VAL A 1020 23.60 14.99 84.94
N ASN A 1021 23.33 15.96 84.08
CA ASN A 1021 23.08 17.32 84.57
C ASN A 1021 21.82 17.38 85.42
N ALA A 1022 20.76 16.72 84.98
CA ALA A 1022 19.48 16.79 85.68
C ALA A 1022 19.58 16.15 87.06
N ALA A 1023 20.35 15.07 87.20
CA ALA A 1023 20.47 14.41 88.49
C ALA A 1023 21.02 15.36 89.55
N ARG A 1024 22.13 16.03 89.24
CA ARG A 1024 22.70 16.96 90.21
C ARG A 1024 21.84 18.20 90.38
N GLN A 1025 21.29 18.75 89.28
CA GLN A 1025 20.42 19.91 89.39
C GLN A 1025 19.13 19.63 90.17
N LEU A 1026 18.73 18.37 90.31
CA LEU A 1026 17.58 18.05 91.13
C LEU A 1026 17.97 17.70 92.56
N THR A 1027 19.05 16.92 92.74
CA THR A 1027 19.41 16.46 94.07
C THR A 1027 20.03 17.58 94.91
N LEU A 1028 20.92 18.38 94.31
CA LEU A 1028 21.72 19.32 95.09
C LEU A 1028 21.67 20.75 94.57
N ASN A 1029 20.82 21.06 93.60
CA ASN A 1029 20.65 22.43 93.10
C ASN A 1029 19.17 22.78 93.03
N PRO A 1030 18.49 22.88 94.18
CA PRO A 1030 17.05 23.18 94.17
C PRO A 1030 16.79 24.66 93.98
N GLU A 1031 16.28 25.01 92.80
CA GLU A 1031 15.81 26.38 92.60
C GLU A 1031 14.45 26.57 93.26
N LYS A 1032 13.58 25.56 93.18
CA LYS A 1032 12.27 25.60 93.82
C LYS A 1032 12.02 24.24 94.45
N LEU A 1033 12.15 24.17 95.77
CA LEU A 1033 12.03 22.89 96.49
C LEU A 1033 10.56 22.55 96.69
N SER A 1034 9.83 22.48 95.58
CA SER A 1034 8.43 22.09 95.59
C SER A 1034 8.32 20.58 95.48
N GLU A 1035 7.45 20.00 96.31
CA GLU A 1035 7.28 18.55 96.31
C GLU A 1035 6.73 18.06 94.98
N SER A 1036 5.72 18.75 94.44
CA SER A 1036 5.12 18.32 93.17
C SER A 1036 6.12 18.42 92.03
N GLU A 1037 6.86 19.52 91.96
CA GLU A 1037 7.88 19.67 90.92
C GLU A 1037 8.99 18.64 91.09
N ARG A 1038 9.40 18.39 92.34
CA ARG A 1038 10.41 17.36 92.59
C ARG A 1038 9.95 16.01 92.08
N ASN A 1039 8.71 15.62 92.43
CA ASN A 1039 8.19 14.32 92.00
C ASN A 1039 8.07 14.24 90.49
N LYS A 1040 7.57 15.31 89.85
CA LYS A 1040 7.40 15.29 88.40
C LYS A 1040 8.74 15.15 87.68
N ARG A 1041 9.72 15.96 88.08
CA ARG A 1041 11.04 15.87 87.45
C ARG A 1041 11.71 14.54 87.77
N THR A 1042 11.50 14.00 88.97
CA THR A 1042 12.06 12.71 89.32
C THR A 1042 11.49 11.61 88.44
N GLU A 1043 10.16 11.61 88.23
CA GLU A 1043 9.57 10.62 87.35
C GLU A 1043 10.08 10.79 85.92
N ARG A 1044 10.18 12.04 85.45
CA ARG A 1044 10.67 12.28 84.11
C ARG A 1044 12.09 11.74 83.92
N LEU A 1045 12.97 12.03 84.88
CA LEU A 1045 14.35 11.59 84.75
C LEU A 1045 14.50 10.09 84.95
N THR A 1046 13.66 9.48 85.79
CA THR A 1046 13.69 8.03 85.93
C THR A 1046 13.24 7.34 84.64
N GLU A 1047 12.19 7.88 84.00
CA GLU A 1047 11.77 7.33 82.71
C GLU A 1047 12.87 7.52 81.66
N SER A 1048 13.52 8.68 81.67
CA SER A 1048 14.61 8.91 80.72
C SER A 1048 15.76 7.94 80.97
N LEU A 1049 16.08 7.67 82.24
CA LEU A 1049 17.16 6.73 82.55
C LEU A 1049 16.76 5.30 82.19
N THR A 1050 15.49 4.95 82.34
CA THR A 1050 15.03 3.63 81.93
C THR A 1050 15.13 3.46 80.42
N ALA A 1051 14.75 4.49 79.67
CA ALA A 1051 14.95 4.47 78.22
C ALA A 1051 16.43 4.41 77.87
N GLU A 1052 17.26 5.08 78.68
CA GLU A 1052 18.70 5.02 78.49
C GLU A 1052 19.21 3.60 78.62
N TYR A 1053 18.75 2.89 79.65
CA TYR A 1053 19.14 1.48 79.81
C TYR A 1053 18.63 0.64 78.65
N GLN A 1054 17.39 0.87 78.22
CA GLN A 1054 16.83 0.13 77.09
C GLN A 1054 17.71 0.28 75.86
N MET A 1055 18.02 1.52 75.49
CA MET A 1055 18.83 1.75 74.30
C MET A 1055 20.29 1.39 74.51
N LYS A 1056 20.79 1.40 75.74
CA LYS A 1056 22.13 0.88 75.99
C LYS A 1056 22.19 -0.60 75.64
N TYR A 1057 21.23 -1.37 76.13
CA TYR A 1057 21.18 -2.79 75.79
C TYR A 1057 21.00 -2.99 74.29
N ASP A 1058 20.08 -2.22 73.68
CA ASP A 1058 19.80 -2.38 72.27
C ASP A 1058 21.01 -2.03 71.40
N TYR A 1059 21.72 -0.96 71.75
CA TYR A 1059 22.87 -0.54 70.95
C TYR A 1059 24.08 -1.43 71.19
N ALA A 1060 24.26 -1.96 72.40
CA ALA A 1060 25.28 -2.97 72.60
C ALA A 1060 24.98 -4.22 71.78
N ARG A 1061 23.70 -4.61 71.71
CA ARG A 1061 23.30 -5.73 70.87
C ARG A 1061 23.57 -5.44 69.39
N LEU A 1062 23.29 -4.20 68.96
CA LEU A 1062 23.55 -3.82 67.58
C LEU A 1062 25.04 -3.84 67.27
N ILE A 1063 25.88 -3.38 68.21
CA ILE A 1063 27.32 -3.43 68.01
C ILE A 1063 27.82 -4.88 67.98
N ASN A 1064 27.21 -5.74 68.80
CA ASN A 1064 27.57 -7.16 68.76
C ASN A 1064 27.26 -7.76 67.39
N TYR A 1065 26.06 -7.47 66.86
CA TYR A 1065 25.73 -7.93 65.52
C TYR A 1065 26.66 -7.33 64.47
N MET A 1066 27.04 -6.07 64.68
CA MET A 1066 27.94 -5.38 63.76
C MET A 1066 29.29 -6.09 63.68
N LYS A 1067 29.90 -6.34 64.84
CA LYS A 1067 31.18 -7.04 64.89
C LYS A 1067 31.06 -8.50 64.49
N ALA A 1068 29.87 -9.08 64.59
CA ALA A 1068 29.65 -10.43 64.10
C ALA A 1068 29.52 -10.51 62.59
N LYS A 1069 29.02 -9.46 61.94
CA LYS A 1069 28.84 -9.47 60.50
C LYS A 1069 29.89 -8.64 59.76
N ARG A 1070 30.78 -7.96 60.48
CA ARG A 1070 31.89 -7.17 59.95
C ARG A 1070 31.48 -6.39 58.70
N ILE A 1071 30.52 -5.48 58.88
CA ILE A 1071 29.94 -4.73 57.77
C ILE A 1071 30.08 -3.24 58.08
N PRO A 1072 30.19 -2.38 57.06
CA PRO A 1072 30.19 -0.95 57.32
C PRO A 1072 28.88 -0.51 57.94
N PRO A 1073 28.90 0.56 58.77
CA PRO A 1073 27.72 0.87 59.59
C PRO A 1073 26.50 1.38 58.84
N LYS A 1074 26.65 2.42 58.02
CA LYS A 1074 25.49 3.02 57.37
C LYS A 1074 24.76 2.02 56.49
N ARG A 1075 25.51 1.19 55.76
CA ARG A 1075 24.90 0.12 54.98
C ARG A 1075 24.00 -0.75 55.87
N LEU A 1076 24.51 -1.15 57.03
CA LEU A 1076 23.72 -1.97 57.94
C LEU A 1076 22.42 -1.25 58.31
N LEU A 1077 22.47 0.06 58.48
CA LEU A 1077 21.27 0.82 58.84
C LEU A 1077 20.17 0.63 57.81
N PHE A 1078 20.54 0.54 56.53
CA PHE A 1078 19.54 0.21 55.51
C PHE A 1078 19.26 -1.28 55.51
N GLU A 1079 20.30 -2.07 55.74
CA GLU A 1079 20.17 -3.51 55.67
C GLU A 1079 19.12 -4.01 56.63
N MET A 1080 18.90 -3.27 57.72
CA MET A 1080 17.93 -3.66 58.74
C MET A 1080 16.53 -3.77 58.15
N GLN A 1081 16.17 -2.87 57.23
CA GLN A 1081 14.90 -2.99 56.52
C GLN A 1081 14.99 -3.84 55.25
N GLN A 1082 16.20 -4.20 54.82
CA GLN A 1082 16.37 -5.08 53.67
C GLN A 1082 16.00 -6.53 54.02
N ARG A 1083 16.52 -7.06 55.14
CA ARG A 1083 16.15 -8.40 55.61
C ARG A 1083 14.81 -8.42 56.34
N SER A 1084 14.23 -7.26 56.64
CA SER A 1084 12.94 -7.17 57.33
C SER A 1084 12.98 -7.94 58.65
N VAL A 1085 14.05 -7.72 59.39
CA VAL A 1085 14.29 -8.39 60.67
C VAL A 1085 14.13 -7.38 61.78
N ASN A 1086 13.46 -7.78 62.86
CA ASN A 1086 13.39 -6.97 64.06
C ASN A 1086 14.40 -7.46 65.09
N VAL A 1087 14.59 -6.66 66.13
CA VAL A 1087 15.54 -7.00 67.19
C VAL A 1087 15.05 -8.16 68.03
N SER A 1088 13.77 -8.52 67.94
CA SER A 1088 13.21 -9.50 68.85
C SER A 1088 13.87 -10.87 68.67
N ASP A 1089 14.10 -11.29 67.43
CA ASP A 1089 14.64 -12.62 67.18
C ASP A 1089 16.12 -12.74 67.54
N LEU A 1090 16.83 -11.63 67.69
CA LEU A 1090 18.24 -11.68 68.06
C LEU A 1090 18.39 -12.16 69.49
N GLU A 1091 19.33 -13.09 69.71
CA GLU A 1091 19.66 -13.55 71.06
C GLU A 1091 21.17 -13.62 71.23
N PRO A 1092 21.86 -12.48 71.19
CA PRO A 1092 23.32 -12.46 71.43
C PRO A 1092 23.64 -12.26 72.91
N VAL A 1093 23.32 -13.26 73.73
CA VAL A 1093 23.51 -13.13 75.17
C VAL A 1093 25.00 -13.10 75.50
N GLY A 1094 25.33 -12.37 76.57
CA GLY A 1094 26.69 -12.27 77.05
C GLY A 1094 26.94 -12.99 78.37
N GLY A 1095 26.93 -12.23 79.45
CA GLY A 1095 27.20 -12.77 80.77
C GLY A 1095 28.03 -11.81 81.60
N LYS A 1096 28.81 -10.98 80.92
CA LYS A 1096 29.52 -9.86 81.53
C LYS A 1096 28.86 -8.53 81.22
N GLN A 1097 28.41 -8.34 79.98
CA GLN A 1097 27.78 -7.09 79.58
C GLN A 1097 26.51 -6.85 80.38
N ARG A 1098 25.68 -7.88 80.54
CA ARG A 1098 24.42 -7.74 81.27
C ARG A 1098 24.68 -7.44 82.73
N LEU A 1099 25.69 -8.09 83.31
CA LEU A 1099 26.04 -7.84 84.71
C LEU A 1099 26.47 -6.40 84.91
N GLN A 1100 27.38 -5.91 84.06
CA GLN A 1100 27.85 -4.54 84.23
C GLN A 1100 26.74 -3.53 83.95
N LEU A 1101 25.85 -3.85 83.01
CA LEU A 1101 24.75 -2.95 82.71
C LEU A 1101 23.78 -2.86 83.88
N GLU A 1102 23.45 -4.00 84.49
CA GLU A 1102 22.61 -3.98 85.68
C GLU A 1102 23.29 -3.23 86.81
N SER A 1103 24.61 -3.42 86.98
CA SER A 1103 25.32 -2.73 88.05
C SER A 1103 25.27 -1.22 87.86
N ASP A 1104 25.56 -0.74 86.64
CA ASP A 1104 25.57 0.70 86.41
C ASP A 1104 24.17 1.29 86.49
N PHE A 1105 23.16 0.54 86.03
CA PHE A 1105 21.77 1.03 86.14
C PHE A 1105 21.35 1.13 87.60
N ARG A 1106 21.68 0.14 88.42
CA ARG A 1106 21.37 0.21 89.84
C ARG A 1106 22.10 1.37 90.51
N ARG A 1107 23.38 1.57 90.16
CA ARG A 1107 24.11 2.70 90.71
C ARG A 1107 23.48 4.02 90.29
N ARG A 1108 22.99 4.10 89.05
CA ARG A 1108 22.32 5.30 88.58
C ARG A 1108 21.05 5.56 89.36
N ILE A 1109 20.26 4.51 89.61
CA ILE A 1109 18.94 4.71 90.21
C ILE A 1109 18.98 4.81 91.74
N GLU A 1110 20.07 4.38 92.37
CA GLU A 1110 20.12 4.36 93.84
C GLU A 1110 20.00 5.78 94.40
N GLU A 1111 20.95 6.65 94.09
CA GLU A 1111 20.90 8.01 94.62
C GLU A 1111 19.74 8.81 94.05
N ILE A 1112 19.19 8.38 92.91
CA ILE A 1112 17.99 9.03 92.38
C ILE A 1112 16.79 8.76 93.27
N ASN A 1113 16.59 7.49 93.64
CA ASN A 1113 15.49 7.15 94.54
C ASN A 1113 15.74 7.72 95.94
N LYS A 1114 16.92 7.47 96.49
CA LYS A 1114 17.34 7.86 97.85
C LYS A 1114 16.20 7.97 98.85
N SER B 114 -3.13 -62.40 -28.45
CA SER B 114 -3.45 -62.76 -27.08
C SER B 114 -4.95 -63.00 -26.92
N ALA B 115 -5.34 -63.67 -25.84
CA ALA B 115 -6.74 -63.93 -25.54
C ALA B 115 -7.35 -62.88 -24.64
N ASN B 116 -6.59 -61.89 -24.20
CA ASN B 116 -7.06 -60.82 -23.33
C ASN B 116 -6.56 -59.48 -23.84
N GLN B 117 -6.76 -59.23 -25.14
CA GLN B 117 -6.22 -58.03 -25.78
C GLN B 117 -6.78 -56.75 -25.19
N PHE B 118 -7.96 -56.79 -24.57
CA PHE B 118 -8.56 -55.61 -23.97
C PHE B 118 -8.29 -55.50 -22.47
N ASN B 119 -7.52 -56.43 -21.90
CA ASN B 119 -7.17 -56.40 -20.48
C ASN B 119 -8.40 -56.38 -19.59
N LEU B 120 -9.40 -57.17 -19.96
CA LEU B 120 -10.61 -57.31 -19.15
C LEU B 120 -10.52 -58.56 -18.28
N SER B 121 -11.45 -58.67 -17.34
CA SER B 121 -11.56 -59.87 -16.53
C SER B 121 -12.07 -61.02 -17.40
N ALA B 122 -12.01 -62.24 -16.84
CA ALA B 122 -12.37 -63.42 -17.60
C ALA B 122 -13.80 -63.36 -18.12
N THR B 123 -14.75 -63.09 -17.23
CA THR B 123 -16.15 -63.02 -17.63
C THR B 123 -16.39 -61.86 -18.60
N ASP B 124 -15.84 -60.68 -18.28
CA ASP B 124 -16.02 -59.53 -19.15
C ASP B 124 -15.37 -59.75 -20.50
N ASN B 125 -14.18 -60.36 -20.54
CA ASN B 125 -13.53 -60.64 -21.80
C ASN B 125 -14.34 -61.63 -22.63
N LEU B 126 -14.86 -62.68 -22.00
CA LEU B 126 -15.69 -63.64 -22.73
C LEU B 126 -16.95 -62.98 -23.28
N LEU B 127 -17.57 -62.10 -22.49
CA LEU B 127 -18.75 -61.39 -22.98
C LEU B 127 -18.39 -60.48 -24.15
N GLN B 128 -17.24 -59.80 -24.08
CA GLN B 128 -16.83 -58.94 -25.18
C GLN B 128 -16.59 -59.74 -26.45
N GLN B 129 -15.98 -60.92 -26.33
CA GLN B 129 -15.78 -61.76 -27.50
C GLN B 129 -17.08 -62.32 -28.07
N GLY B 130 -18.13 -62.40 -27.26
CA GLY B 130 -19.38 -62.98 -27.71
C GLY B 130 -19.44 -64.48 -27.62
N LYS B 131 -18.55 -65.11 -26.85
CA LYS B 131 -18.51 -66.56 -26.74
C LYS B 131 -19.46 -67.11 -25.69
N ILE B 132 -20.19 -66.26 -24.98
CA ILE B 132 -21.13 -66.70 -23.96
C ILE B 132 -22.51 -66.79 -24.59
N THR B 133 -23.13 -67.95 -24.51
CA THR B 133 -24.44 -68.16 -25.13
C THR B 133 -25.52 -67.36 -24.40
N GLN B 134 -26.66 -67.21 -25.07
CA GLN B 134 -27.77 -66.47 -24.50
C GLN B 134 -28.42 -67.20 -23.32
N GLU B 135 -28.31 -68.52 -23.27
CA GLU B 135 -28.95 -69.27 -22.19
C GLU B 135 -28.25 -69.05 -20.85
N LEU B 136 -26.94 -68.85 -20.87
CA LEU B 136 -26.16 -68.68 -19.65
C LEU B 136 -26.09 -67.24 -19.18
N ILE B 137 -26.77 -66.32 -19.86
CA ILE B 137 -26.69 -64.90 -19.58
C ILE B 137 -27.90 -64.47 -18.75
N ASN B 138 -27.64 -63.76 -17.66
CA ASN B 138 -28.69 -63.13 -16.87
C ASN B 138 -28.90 -61.72 -17.39
N GLU B 139 -30.08 -61.47 -17.97
CA GLU B 139 -30.31 -60.18 -18.64
C GLU B 139 -30.30 -59.02 -17.65
N THR B 140 -30.86 -59.21 -16.46
CA THR B 140 -30.93 -58.11 -15.50
C THR B 140 -29.54 -57.69 -15.04
N GLN B 141 -28.69 -58.67 -14.67
CA GLN B 141 -27.37 -58.35 -14.16
C GLN B 141 -26.51 -57.68 -15.22
N LEU B 142 -26.47 -58.24 -16.42
CA LEU B 142 -25.68 -57.65 -17.49
C LEU B 142 -26.25 -56.31 -17.94
N THR B 143 -27.57 -56.15 -17.86
CA THR B 143 -28.19 -54.88 -18.15
C THR B 143 -27.76 -53.81 -17.16
N GLN B 144 -27.65 -54.18 -15.88
CA GLN B 144 -27.20 -53.25 -14.86
C GLN B 144 -25.68 -53.11 -14.79
N SER B 145 -24.93 -53.94 -15.51
CA SER B 145 -23.47 -53.91 -15.44
C SER B 145 -22.81 -53.44 -16.73
N HIS B 146 -23.18 -54.00 -17.88
CA HIS B 146 -22.53 -53.71 -19.14
C HIS B 146 -23.38 -52.73 -19.97
N ILE B 147 -22.79 -52.24 -21.06
CA ILE B 147 -23.33 -51.05 -21.71
C ILE B 147 -23.69 -51.25 -23.19
N PRO B 148 -24.30 -52.37 -23.58
CA PRO B 148 -25.26 -52.29 -24.69
C PRO B 148 -26.66 -52.11 -24.14
N THR B 149 -26.74 -51.74 -22.86
CA THR B 149 -27.94 -51.79 -22.06
C THR B 149 -28.96 -50.73 -22.48
N VAL B 150 -30.08 -50.70 -21.77
CA VAL B 150 -31.10 -49.68 -21.91
C VAL B 150 -31.09 -48.83 -20.64
N TYR B 151 -31.65 -47.64 -20.76
CA TYR B 151 -31.58 -46.64 -19.71
C TYR B 151 -32.98 -46.21 -19.29
N SER B 152 -33.11 -45.83 -18.02
CA SER B 152 -34.38 -45.39 -17.47
C SER B 152 -34.14 -44.21 -16.53
N THR B 153 -35.17 -43.40 -16.35
CA THR B 153 -35.11 -42.23 -15.49
C THR B 153 -36.13 -42.36 -14.37
N PRO B 154 -35.72 -42.22 -13.10
CA PRO B 154 -36.65 -42.32 -11.96
C PRO B 154 -37.27 -40.98 -11.61
N LEU B 174 -40.43 -7.37 -2.96
CA LEU B 174 -39.58 -6.84 -1.90
C LEU B 174 -38.11 -6.93 -2.28
N PRO B 175 -37.60 -5.89 -2.94
CA PRO B 175 -36.18 -5.87 -3.32
C PRO B 175 -35.26 -5.31 -2.25
N GLY B 176 -35.78 -4.71 -1.20
CA GLY B 176 -34.97 -4.19 -0.11
C GLY B 176 -34.87 -5.15 1.05
N GLN B 177 -35.17 -6.42 0.78
CA GLN B 177 -35.18 -7.43 1.84
C GLN B 177 -33.77 -7.67 2.37
N LYS B 178 -33.69 -7.96 3.66
CA LYS B 178 -32.41 -8.26 4.28
C LYS B 178 -31.84 -9.55 3.70
N PRO B 179 -30.60 -9.56 3.22
CA PRO B 179 -30.05 -10.78 2.63
C PRO B 179 -29.86 -11.87 3.67
N SER B 180 -30.06 -13.11 3.23
CA SER B 180 -29.89 -14.26 4.10
C SER B 180 -28.42 -14.40 4.47
N PRO B 181 -28.13 -15.03 5.62
CA PRO B 181 -26.73 -15.20 6.02
C PRO B 181 -25.89 -15.91 4.98
N GLU B 182 -26.45 -16.88 4.25
CA GLU B 182 -25.70 -17.54 3.19
C GLU B 182 -25.33 -16.57 2.09
N THR B 183 -26.31 -15.77 1.63
CA THR B 183 -26.05 -14.83 0.55
C THR B 183 -25.02 -13.78 0.95
N PHE B 184 -25.12 -13.28 2.19
CA PHE B 184 -24.17 -12.27 2.65
C PHE B 184 -22.77 -12.86 2.82
N ASN B 185 -22.69 -14.04 3.44
CA ASN B 185 -21.38 -14.64 3.68
C ASN B 185 -20.73 -15.15 2.40
N SER B 186 -21.50 -15.34 1.33
CA SER B 186 -20.92 -15.75 0.06
C SER B 186 -20.15 -14.63 -0.63
N GLN B 187 -20.24 -13.40 -0.15
CA GLN B 187 -19.60 -12.27 -0.83
C GLN B 187 -18.11 -12.15 -0.50
N PHE B 188 -17.63 -12.85 0.52
CA PHE B 188 -16.24 -12.74 0.93
C PHE B 188 -15.38 -13.90 0.49
N ASN B 189 -15.99 -14.99 0.02
CA ASN B 189 -15.23 -16.16 -0.41
C ASN B 189 -14.42 -15.85 -1.66
N ALA B 190 -13.33 -16.59 -1.83
CA ALA B 190 -12.51 -16.44 -3.03
C ALA B 190 -13.16 -17.09 -4.24
N GLN B 191 -13.84 -18.21 -4.05
CA GLN B 191 -14.52 -18.93 -5.13
C GLN B 191 -15.95 -19.20 -4.67
N PRO B 192 -16.84 -18.21 -4.76
CA PRO B 192 -18.19 -18.39 -4.25
C PRO B 192 -19.07 -19.20 -5.18
N THR B 193 -18.85 -19.07 -6.49
CA THR B 193 -19.60 -19.80 -7.50
C THR B 193 -18.64 -20.39 -8.52
N ASN B 194 -19.07 -21.47 -9.16
CA ASN B 194 -18.30 -22.09 -10.24
C ASN B 194 -19.03 -21.99 -11.57
N GLU B 195 -19.74 -20.89 -11.79
CA GLU B 195 -20.41 -20.67 -13.06
C GLU B 195 -19.38 -20.52 -14.17
N ASP B 196 -19.63 -21.19 -15.29
CA ASP B 196 -18.71 -21.21 -16.43
C ASP B 196 -19.50 -20.92 -17.70
N ALA B 197 -19.56 -19.66 -18.08
CA ALA B 197 -20.22 -19.25 -19.32
C ALA B 197 -19.21 -18.97 -20.43
N SER B 198 -17.95 -19.36 -20.25
CA SER B 198 -16.93 -19.06 -21.24
C SER B 198 -17.12 -19.84 -22.54
N ARG B 199 -17.76 -21.01 -22.48
CA ARG B 199 -17.97 -21.83 -23.66
C ARG B 199 -19.42 -21.86 -24.11
N SER B 200 -20.25 -20.93 -23.63
CA SER B 200 -21.65 -20.83 -24.02
C SER B 200 -21.76 -19.68 -25.02
N PHE B 201 -21.89 -20.01 -26.29
CA PHE B 201 -21.92 -19.03 -27.36
C PHE B 201 -23.36 -18.69 -27.73
N ASN B 202 -23.67 -17.40 -27.78
CA ASN B 202 -24.97 -16.91 -28.23
C ASN B 202 -24.76 -16.01 -29.42
N PRO B 203 -24.90 -16.51 -30.65
CA PRO B 203 -24.64 -15.66 -31.82
C PRO B 203 -25.53 -14.44 -31.91
N ASN B 204 -26.76 -14.52 -31.41
CA ASN B 204 -27.68 -13.39 -31.48
C ASN B 204 -27.72 -12.57 -30.19
N ALA B 205 -26.59 -12.53 -29.48
CA ALA B 205 -26.53 -11.90 -28.17
C ALA B 205 -27.01 -10.45 -28.23
N LEU B 206 -27.79 -10.07 -27.23
CA LEU B 206 -28.37 -8.73 -27.15
C LEU B 206 -27.78 -8.04 -25.93
N LYS B 207 -26.46 -8.13 -25.79
CA LYS B 207 -25.77 -7.68 -24.58
C LYS B 207 -26.14 -6.25 -24.23
N ARG B 208 -26.85 -6.09 -23.13
CA ARG B 208 -27.26 -4.80 -22.58
C ARG B 208 -27.08 -4.82 -21.06
N SER B 209 -25.94 -5.35 -20.62
CA SER B 209 -25.65 -5.48 -19.20
C SER B 209 -25.58 -4.11 -18.55
N GLN B 210 -26.59 -3.76 -17.76
CA GLN B 210 -26.71 -2.46 -17.15
C GLN B 210 -26.99 -2.61 -15.66
N PHE B 211 -26.45 -1.68 -14.87
CA PHE B 211 -26.75 -1.65 -13.45
C PHE B 211 -28.21 -1.26 -13.25
N ASP B 212 -28.92 -2.02 -12.43
CA ASP B 212 -30.36 -1.83 -12.25
C ASP B 212 -30.60 -0.62 -11.35
N VAL B 213 -30.69 0.56 -11.95
CA VAL B 213 -30.96 1.78 -11.19
C VAL B 213 -32.38 1.77 -10.65
N GLU B 214 -33.33 1.28 -11.45
CA GLU B 214 -34.71 1.21 -10.99
C GLU B 214 -34.86 0.24 -9.82
N GLY B 215 -34.16 -0.90 -9.88
CA GLY B 215 -34.18 -1.82 -8.75
C GLY B 215 -33.57 -1.23 -7.50
N ALA B 216 -32.47 -0.49 -7.65
CA ALA B 216 -31.86 0.17 -6.50
C ALA B 216 -32.81 1.21 -5.91
N LEU B 217 -33.49 1.98 -6.77
CA LEU B 217 -34.50 2.92 -6.28
C LEU B 217 -35.61 2.20 -5.53
N ALA B 218 -36.08 1.08 -6.06
CA ALA B 218 -37.14 0.33 -5.40
C ALA B 218 -36.69 -0.17 -4.03
N ALA B 219 -35.47 -0.69 -3.95
CA ALA B 219 -34.96 -1.17 -2.67
C ALA B 219 -34.81 -0.04 -1.66
N ILE B 220 -34.28 1.11 -2.11
CA ILE B 220 -34.12 2.24 -1.21
C ILE B 220 -35.48 2.72 -0.71
N ARG B 221 -36.46 2.83 -1.61
CA ARG B 221 -37.78 3.28 -1.19
C ARG B 221 -38.42 2.29 -0.24
N ASN B 222 -38.26 0.99 -0.49
CA ASN B 222 -38.82 -0.02 0.40
C ASN B 222 -38.17 0.05 1.77
N ILE B 223 -36.86 0.25 1.82
CA ILE B 223 -36.15 0.27 3.10
C ILE B 223 -36.65 1.43 3.97
N ASN B 224 -37.00 2.55 3.34
CA ASN B 224 -37.34 3.74 4.09
C ASN B 224 -38.72 3.67 4.72
N THR B 225 -39.47 2.60 4.44
CA THR B 225 -40.79 2.37 5.04
C THR B 225 -40.74 1.45 6.24
N GLN B 226 -39.66 1.51 7.01
CA GLN B 226 -39.50 0.69 8.20
C GLN B 226 -39.44 1.58 9.43
N GLU B 227 -39.14 0.97 10.57
CA GLU B 227 -39.05 1.72 11.82
C GLU B 227 -37.88 2.69 11.76
N GLY B 228 -38.18 3.99 11.86
CA GLY B 228 -37.16 5.02 11.81
C GLY B 228 -36.15 4.96 12.94
N LEU B 229 -34.87 5.06 12.60
CA LEU B 229 -33.84 5.09 13.62
C LEU B 229 -33.86 6.41 14.37
N THR B 230 -33.37 6.38 15.61
CA THR B 230 -33.37 7.54 16.48
C THR B 230 -31.97 7.77 17.03
N GLY B 231 -31.68 9.02 17.36
CA GLY B 231 -30.35 9.41 17.81
C GLY B 231 -29.38 9.74 16.70
N TYR B 232 -29.85 9.92 15.48
CA TYR B 232 -29.00 10.26 14.35
C TYR B 232 -29.66 11.39 13.57
N GLN B 233 -28.84 12.25 12.95
CA GLN B 233 -29.37 13.32 12.12
C GLN B 233 -30.26 12.77 11.01
N THR B 234 -29.82 11.68 10.39
CA THR B 234 -30.61 11.04 9.35
C THR B 234 -31.61 10.08 10.00
N ILE B 235 -32.89 10.29 9.72
CA ILE B 235 -33.93 9.60 10.47
C ILE B 235 -34.27 8.23 9.88
N LYS B 236 -34.00 8.01 8.59
CA LYS B 236 -34.46 6.80 7.95
C LYS B 236 -33.60 5.60 8.35
N PRO B 237 -34.19 4.39 8.37
CA PRO B 237 -33.46 3.23 8.91
C PRO B 237 -32.36 2.72 7.99
N TRP B 238 -31.70 1.63 8.38
CA TRP B 238 -30.55 1.10 7.66
C TRP B 238 -30.87 -0.29 7.16
N GLY B 239 -30.61 -0.53 5.87
CA GLY B 239 -30.79 -1.85 5.30
C GLY B 239 -29.58 -2.72 5.55
N GLU B 240 -29.73 -3.73 6.41
CA GLU B 240 -28.59 -4.48 6.93
C GLU B 240 -28.10 -5.28 5.72
N GLY B 241 -27.06 -4.76 5.07
CA GLY B 241 -26.43 -5.42 3.96
C GLY B 241 -27.24 -5.65 2.70
N ALA B 242 -28.47 -5.15 2.64
CA ALA B 242 -29.29 -5.35 1.45
C ALA B 242 -28.80 -4.50 0.29
N LEU B 243 -28.42 -3.26 0.58
CA LEU B 243 -28.01 -2.34 -0.49
C LEU B 243 -26.66 -2.74 -1.07
N SER B 244 -25.72 -3.12 -0.21
CA SER B 244 -24.43 -3.57 -0.71
C SER B 244 -24.55 -4.86 -1.50
N SER B 245 -25.43 -5.76 -1.05
CA SER B 245 -25.65 -7.01 -1.77
C SER B 245 -26.30 -6.75 -3.13
N LEU B 246 -27.25 -5.82 -3.19
CA LEU B 246 -27.92 -5.58 -4.47
C LEU B 246 -27.03 -4.83 -5.44
N MET B 247 -26.32 -3.79 -4.98
CA MET B 247 -25.53 -2.98 -5.90
C MET B 247 -24.27 -3.71 -6.37
N TYR B 248 -23.68 -4.55 -5.52
CA TYR B 248 -22.41 -5.18 -5.82
C TYR B 248 -22.49 -6.68 -6.05
N GLY B 249 -23.55 -7.34 -5.58
CA GLY B 249 -23.64 -8.78 -5.70
C GLY B 249 -24.07 -9.25 -7.08
N LEU B 250 -24.04 -10.56 -7.25
CA LEU B 250 -24.47 -11.19 -8.47
C LEU B 250 -25.88 -11.74 -8.37
N GLY B 251 -26.19 -12.68 -9.27
CA GLY B 251 -27.51 -13.30 -9.30
C GLY B 251 -27.73 -14.20 -8.09
N TYR B 307 -24.23 -0.77 -19.39
CA TYR B 307 -24.01 0.55 -18.82
C TYR B 307 -23.90 0.41 -17.30
N THR B 308 -22.67 0.44 -16.80
CA THR B 308 -22.35 -0.07 -15.47
C THR B 308 -22.30 1.03 -14.42
N LEU B 309 -21.96 0.64 -13.19
CA LEU B 309 -21.91 1.57 -12.07
C LEU B 309 -20.77 2.57 -12.23
N ASP B 310 -19.66 2.14 -12.83
CA ASP B 310 -18.52 3.04 -13.00
C ASP B 310 -18.89 4.26 -13.83
N ALA B 311 -19.85 4.10 -14.74
CA ALA B 311 -20.35 5.26 -15.48
C ALA B 311 -21.07 6.22 -14.56
N ILE B 312 -21.86 5.70 -13.62
CA ILE B 312 -22.54 6.56 -12.65
C ILE B 312 -21.52 7.30 -11.79
N ARG B 313 -20.50 6.58 -11.31
CA ARG B 313 -19.50 7.20 -10.45
C ARG B 313 -18.58 8.14 -11.22
N GLY B 314 -18.48 8.01 -12.54
CA GLY B 314 -17.65 8.87 -13.35
C GLY B 314 -18.28 10.19 -13.75
N ARG B 315 -19.57 10.38 -13.45
CA ARG B 315 -20.22 11.65 -13.76
C ARG B 315 -19.63 12.80 -12.96
N GLN B 316 -18.88 12.51 -11.90
CA GLN B 316 -18.00 13.48 -11.25
C GLN B 316 -16.57 13.16 -11.63
N TYR B 317 -15.86 14.14 -12.18
CA TYR B 317 -14.53 13.89 -12.75
C TYR B 317 -13.46 13.87 -11.67
N ALA B 337 -7.05 15.04 -22.35
CA ALA B 337 -6.89 14.60 -23.72
C ALA B 337 -5.93 13.41 -23.81
N PHE B 338 -6.03 12.65 -24.90
CA PHE B 338 -5.21 11.47 -25.12
C PHE B 338 -4.49 11.58 -26.46
N ASP B 339 -3.26 11.08 -26.48
CA ASP B 339 -2.43 11.10 -27.69
C ASP B 339 -2.82 9.88 -28.54
N ASP B 340 -3.66 10.10 -29.55
CA ASP B 340 -4.16 9.02 -30.39
C ASP B 340 -3.05 8.59 -31.34
N LEU B 341 -2.34 7.52 -30.98
CA LEU B 341 -1.27 6.99 -31.82
C LEU B 341 -1.82 6.41 -33.13
N ALA B 342 -2.99 5.76 -33.07
CA ALA B 342 -3.52 5.08 -34.24
C ALA B 342 -3.81 6.05 -35.37
N GLU B 343 -4.40 7.21 -35.05
CA GLU B 343 -4.71 8.18 -36.09
C GLU B 343 -3.45 8.74 -36.73
N ARG B 344 -2.43 9.04 -35.94
CA ARG B 344 -1.18 9.53 -36.49
C ARG B 344 -0.51 8.48 -37.37
N MET B 345 -0.52 7.22 -36.93
CA MET B 345 0.02 6.14 -37.74
C MET B 345 -0.74 6.00 -39.06
N ARG B 346 -2.07 6.13 -39.00
CA ARG B 346 -2.87 6.04 -40.22
C ARG B 346 -2.54 7.19 -41.17
N GLN B 347 -2.36 8.40 -40.64
CA GLN B 347 -1.96 9.53 -41.48
C GLN B 347 -0.62 9.27 -42.15
N ASN B 348 0.36 8.78 -41.38
CA ASN B 348 1.66 8.51 -41.95
C ASN B 348 1.60 7.43 -43.02
N ARG B 349 0.83 6.36 -42.77
CA ARG B 349 0.73 5.29 -43.75
C ARG B 349 -0.03 5.74 -44.99
N ASN B 350 -1.05 6.59 -44.84
CA ASN B 350 -1.72 7.14 -46.01
C ASN B 350 -0.79 8.02 -46.83
N ALA B 351 0.03 8.82 -46.17
CA ALA B 351 1.02 9.62 -46.89
C ALA B 351 2.00 8.70 -47.64
N ARG B 352 2.40 7.60 -47.00
CA ARG B 352 3.30 6.66 -47.66
C ARG B 352 2.62 5.99 -48.87
N TYR B 353 1.34 5.66 -48.75
CA TYR B 353 0.62 4.98 -49.82
C TYR B 353 0.20 5.91 -50.94
N ASN B 354 0.15 7.22 -50.72
CA ASN B 354 -0.30 8.15 -51.75
C ASN B 354 0.44 7.93 -53.06
N ALA B 355 -0.25 8.15 -54.18
CA ALA B 355 0.31 7.84 -55.48
C ALA B 355 1.55 8.66 -55.79
N ILE B 356 1.69 9.83 -55.16
CA ILE B 356 2.85 10.68 -55.39
C ILE B 356 4.07 10.27 -54.57
N ASN B 357 3.85 9.81 -53.35
CA ASN B 357 4.93 9.35 -52.49
C ASN B 357 5.86 8.21 -52.88
N LYS B 358 5.21 7.13 -53.35
CA LYS B 358 5.96 5.91 -53.71
C LYS B 358 4.57 5.41 -54.13
N THR B 359 4.54 4.35 -54.91
CA THR B 359 3.27 3.69 -55.17
C THR B 359 2.09 2.73 -55.33
N PHE B 360 1.98 1.76 -54.42
CA PHE B 360 0.91 0.77 -54.44
C PHE B 360 0.02 1.35 -53.36
N GLY B 361 -0.94 2.20 -53.75
CA GLY B 361 -1.77 2.91 -52.80
C GLY B 361 -3.03 2.18 -52.39
N ARG B 362 -3.12 1.85 -51.10
CA ARG B 362 -4.33 1.26 -50.52
C ARG B 362 -4.69 2.06 -49.28
N GLU B 363 -5.64 2.99 -49.41
CA GLU B 363 -5.97 3.90 -48.34
C GLU B 363 -6.65 3.15 -47.19
N ILE B 364 -6.11 3.31 -45.99
CA ILE B 364 -6.68 2.66 -44.81
C ILE B 364 -7.92 3.43 -44.36
N ALA B 365 -8.94 2.66 -43.96
CA ALA B 365 -10.16 3.26 -43.47
C ALA B 365 -9.91 3.95 -42.12
N LYS B 366 -10.82 4.85 -41.75
CA LYS B 366 -10.69 5.59 -40.51
C LYS B 366 -11.22 4.76 -39.35
N PRO B 367 -10.42 4.54 -38.31
CA PRO B 367 -10.87 3.72 -37.18
C PRO B 367 -11.91 4.47 -36.36
N VAL B 368 -12.57 3.70 -35.47
CA VAL B 368 -13.61 4.26 -34.61
C VAL B 368 -12.96 5.19 -33.60
N ALA B 369 -13.79 5.99 -32.91
CA ALA B 369 -13.26 6.94 -31.94
C ALA B 369 -12.57 6.22 -30.80
N VAL B 370 -11.60 6.91 -30.19
CA VAL B 370 -10.81 6.30 -29.12
C VAL B 370 -11.70 5.97 -27.93
N GLU B 371 -12.84 6.65 -27.80
CA GLU B 371 -13.76 6.36 -26.71
C GLU B 371 -14.49 5.03 -26.91
N GLU B 372 -14.50 4.49 -28.13
CA GLU B 372 -15.13 3.21 -28.42
C GLU B 372 -14.12 2.17 -28.90
N ARG B 373 -12.85 2.52 -29.04
CA ARG B 373 -11.86 1.61 -29.59
C ARG B 373 -11.61 0.43 -28.65
N TRP B 374 -11.19 -0.67 -29.23
CA TRP B 374 -10.93 -1.88 -28.47
C TRP B 374 -9.77 -1.67 -27.51
N SER B 375 -9.85 -2.33 -26.35
CA SER B 375 -8.84 -2.15 -25.32
C SER B 375 -7.51 -2.82 -25.66
N THR B 376 -7.47 -3.66 -26.70
CA THR B 376 -6.24 -4.30 -27.12
C THR B 376 -5.78 -3.82 -28.50
N ASP B 377 -6.22 -2.63 -28.92
CA ASP B 377 -5.95 -2.17 -30.26
C ASP B 377 -4.51 -1.68 -30.38
N LEU B 378 -4.17 -1.16 -31.57
CA LEU B 378 -2.80 -0.75 -31.85
C LEU B 378 -2.40 0.46 -31.00
N SER B 379 -3.33 1.39 -30.80
CA SER B 379 -3.01 2.66 -30.16
C SER B 379 -2.71 2.54 -28.67
N PHE B 380 -2.97 1.38 -28.05
CA PHE B 380 -2.76 1.21 -26.63
C PHE B 380 -1.60 0.27 -26.31
N TRP B 381 -0.69 0.07 -27.26
CA TRP B 381 0.49 -0.75 -27.00
C TRP B 381 1.53 -0.02 -26.17
N ALA B 382 1.61 1.30 -26.28
CA ALA B 382 2.54 2.10 -25.52
C ALA B 382 1.99 2.49 -24.16
N GLY B 383 0.86 1.92 -23.76
CA GLY B 383 0.19 2.26 -22.52
C GLY B 383 -1.14 2.94 -22.78
N PHE B 384 -1.94 2.99 -21.73
CA PHE B 384 -3.26 3.61 -21.81
C PHE B 384 -3.21 5.13 -21.76
N GLY B 385 -2.05 5.71 -21.47
CA GLY B 385 -1.95 7.15 -21.34
C GLY B 385 -2.70 7.70 -20.15
N LEU B 386 -2.63 7.01 -19.01
CA LEU B 386 -3.30 7.43 -17.78
C LEU B 386 -2.29 7.78 -16.69
N ASP B 387 -1.19 8.42 -17.09
CA ASP B 387 -0.20 8.86 -16.10
C ASP B 387 -0.71 10.02 -15.26
N THR B 388 -1.60 10.84 -15.82
CA THR B 388 -2.10 12.00 -15.09
C THR B 388 -3.07 11.59 -13.99
N ILE B 389 -3.81 10.51 -14.17
CA ILE B 389 -4.82 10.11 -13.19
C ILE B 389 -4.23 9.16 -12.14
N LEU B 390 -3.50 8.14 -12.58
CA LEU B 390 -3.00 7.10 -11.69
C LEU B 390 -1.48 7.05 -11.71
N ASP B 391 -0.92 6.66 -10.57
CA ASP B 391 0.51 6.45 -10.43
C ASP B 391 0.90 5.08 -10.96
N PRO B 392 2.18 4.85 -11.26
CA PRO B 392 2.62 3.52 -11.69
C PRO B 392 2.35 2.48 -10.61
N ILE B 393 2.05 1.25 -11.06
CA ILE B 393 1.58 0.21 -10.15
C ILE B 393 2.65 -0.30 -9.20
N ASP B 394 3.93 -0.03 -9.46
CA ASP B 394 4.98 -0.48 -8.57
C ASP B 394 5.16 0.51 -7.42
N SER B 395 5.27 -0.03 -6.19
CA SER B 395 5.44 0.83 -5.02
C SER B 395 6.75 1.60 -5.10
N ILE B 396 7.83 0.94 -5.54
CA ILE B 396 9.09 1.64 -5.69
C ILE B 396 9.00 2.70 -6.78
N GLY B 397 8.23 2.42 -7.84
CA GLY B 397 7.99 3.45 -8.84
C GLY B 397 7.24 4.65 -8.28
N VAL B 398 6.25 4.39 -7.42
CA VAL B 398 5.54 5.49 -6.76
C VAL B 398 6.49 6.29 -5.89
N ALA B 399 7.38 5.60 -5.17
CA ALA B 399 8.33 6.30 -4.31
C ALA B 399 9.28 7.18 -5.13
N TRP B 400 9.79 6.67 -6.25
CA TRP B 400 10.70 7.47 -7.06
C TRP B 400 9.97 8.62 -7.73
N LYS B 401 8.71 8.41 -8.13
CA LYS B 401 7.93 9.51 -8.69
C LYS B 401 7.71 10.60 -7.66
N ALA B 402 7.38 10.21 -6.41
CA ALA B 402 7.20 11.19 -5.35
C ALA B 402 8.49 11.93 -5.05
N SER B 403 9.62 11.22 -5.05
CA SER B 403 10.92 11.86 -4.85
C SER B 403 11.34 12.69 -6.05
N GLY B 404 10.72 12.50 -7.21
CA GLY B 404 11.05 13.26 -8.40
C GLY B 404 12.10 12.65 -9.30
N LEU B 405 12.71 11.54 -8.90
CA LEU B 405 13.74 10.90 -9.73
C LEU B 405 13.16 10.23 -10.96
N LEU B 406 11.86 9.97 -10.99
CA LEU B 406 11.24 9.26 -12.11
C LEU B 406 10.63 10.24 -13.10
N THR B 420 10.64 11.17 -42.25
CA THR B 420 9.32 10.74 -41.82
C THR B 420 8.96 9.39 -42.45
N ASN B 421 9.97 8.65 -42.89
CA ASN B 421 9.78 7.33 -43.47
C ASN B 421 9.82 6.29 -42.36
N THR B 422 8.77 6.30 -41.53
CA THR B 422 8.68 5.37 -40.42
C THR B 422 8.29 3.97 -40.86
N GLY B 423 7.96 3.77 -42.12
CA GLY B 423 7.62 2.44 -42.62
C GLY B 423 8.79 1.52 -42.82
N ARG B 424 10.01 2.03 -42.67
CA ARG B 424 11.22 1.23 -42.78
C ARG B 424 11.88 1.15 -41.40
N VAL B 425 12.09 -0.07 -40.92
CA VAL B 425 12.69 -0.31 -39.61
C VAL B 425 13.93 -1.17 -39.80
N ILE B 426 15.05 -0.71 -39.26
CA ILE B 426 16.30 -1.47 -39.29
C ILE B 426 16.33 -2.37 -38.05
N VAL B 427 16.63 -3.65 -38.25
CA VAL B 427 16.55 -4.62 -37.18
C VAL B 427 17.92 -5.13 -36.74
N THR B 428 18.90 -5.14 -37.62
CA THR B 428 20.18 -5.66 -37.18
C THR B 428 21.24 -4.56 -37.15
N PRO B 429 22.21 -4.64 -36.25
CA PRO B 429 23.15 -3.53 -36.08
C PRO B 429 24.03 -3.31 -37.30
N ALA B 430 24.42 -2.06 -37.49
CA ALA B 430 25.26 -1.69 -38.62
C ALA B 430 26.73 -1.92 -38.30
N ASN B 464 15.18 -12.06 -57.02
CA ASN B 464 13.75 -12.00 -56.74
C ASN B 464 13.15 -13.39 -56.68
N LYS B 465 12.02 -13.57 -57.35
CA LYS B 465 11.32 -14.84 -57.41
C LYS B 465 11.33 -15.36 -58.84
N TYR B 466 11.40 -16.69 -59.00
CA TYR B 466 11.39 -17.31 -60.32
C TYR B 466 10.17 -18.22 -60.44
N GLN B 467 9.46 -18.10 -61.56
CA GLN B 467 8.32 -18.94 -61.85
C GLN B 467 8.76 -20.17 -62.64
N VAL B 468 7.96 -21.23 -62.61
CA VAL B 468 8.25 -22.47 -63.31
C VAL B 468 7.19 -22.67 -64.39
N VAL B 469 7.64 -22.99 -65.61
CA VAL B 469 6.68 -23.18 -66.74
C VAL B 469 6.88 -24.57 -67.35
N GLN B 470 5.78 -25.32 -67.58
CA GLN B 470 5.92 -26.62 -68.28
C GLN B 470 6.48 -26.29 -69.67
N THR B 471 7.70 -26.73 -69.97
CA THR B 471 8.33 -26.34 -71.26
C THR B 471 8.08 -27.38 -72.27
N PRO B 472 8.69 -27.20 -73.45
CA PRO B 472 8.74 -28.31 -74.25
C PRO B 472 9.35 -29.17 -73.07
N LYS B 473 10.27 -28.70 -72.13
CA LYS B 473 10.80 -29.37 -70.86
C LYS B 473 10.69 -28.35 -69.65
N GLY B 474 11.06 -28.67 -68.35
CA GLY B 474 11.06 -27.80 -67.11
C GLY B 474 11.64 -26.38 -67.15
N GLU B 475 10.88 -25.33 -66.81
CA GLU B 475 11.40 -23.93 -67.00
C GLU B 475 11.63 -23.16 -65.74
N VAL B 476 12.83 -22.61 -65.71
CA VAL B 476 12.97 -21.66 -64.60
C VAL B 476 12.88 -20.26 -65.23
N SER B 477 11.66 -19.73 -65.34
CA SER B 477 11.46 -18.37 -65.93
C SER B 477 11.71 -17.32 -64.84
N ILE B 478 11.75 -16.03 -65.20
CA ILE B 478 12.11 -15.04 -64.14
C ILE B 478 11.54 -13.64 -64.38
N PRO B 479 10.62 -13.09 -63.55
CA PRO B 479 10.18 -11.69 -63.71
C PRO B 479 11.39 -10.84 -64.11
N VAL B 480 11.32 -10.15 -65.25
CA VAL B 480 12.53 -9.44 -65.74
C VAL B 480 12.54 -7.96 -65.36
N GLY B 481 13.35 -7.57 -64.37
CA GLY B 481 13.55 -6.15 -64.04
C GLY B 481 14.98 -6.63 -64.20
N GLN B 482 15.94 -5.71 -64.38
CA GLN B 482 17.39 -6.05 -64.51
C GLN B 482 18.02 -6.23 -63.12
N PRO B 483 19.31 -6.66 -63.03
CA PRO B 483 19.94 -6.90 -61.73
C PRO B 483 20.34 -5.61 -61.00
N THR B 484 19.59 -5.22 -59.98
CA THR B 484 20.01 -4.04 -59.18
C THR B 484 21.50 -4.20 -58.90
N VAL B 485 21.98 -5.45 -58.86
CA VAL B 485 23.39 -5.72 -58.62
C VAL B 485 23.83 -7.06 -59.19
N GLN B 486 24.87 -7.06 -60.02
CA GLN B 486 25.49 -8.29 -60.48
C GLN B 486 26.45 -8.79 -59.41
N ALA B 487 26.23 -10.02 -58.94
CA ALA B 487 27.00 -10.57 -57.83
C ALA B 487 28.40 -10.93 -58.33
N LYS B 488 29.31 -9.95 -58.30
CA LYS B 488 30.67 -10.13 -58.77
C LYS B 488 31.59 -10.49 -57.60
N LEU B 489 32.78 -10.99 -57.94
CA LEU B 489 33.84 -11.18 -56.95
C LEU B 489 35.06 -10.46 -57.54
N PRO B 490 35.25 -9.20 -57.19
CA PRO B 490 36.42 -8.47 -57.68
C PRO B 490 37.70 -8.77 -56.92
N SER B 491 37.68 -9.70 -55.96
CA SER B 491 38.85 -10.01 -55.15
C SER B 491 40.06 -10.34 -56.03
N ILE B 492 39.90 -11.28 -56.95
CA ILE B 492 40.94 -11.64 -57.90
C ILE B 492 40.37 -11.43 -59.29
N ALA B 493 40.97 -10.53 -60.06
CA ALA B 493 40.47 -10.19 -61.39
C ALA B 493 41.13 -11.06 -62.45
N SER B 494 40.91 -10.70 -63.72
CA SER B 494 41.56 -11.33 -64.87
C SER B 494 41.19 -12.82 -64.89
N ASN B 495 42.20 -13.68 -64.97
CA ASN B 495 41.99 -15.10 -65.14
C ASN B 495 41.46 -15.80 -63.90
N ASN B 496 41.24 -17.12 -64.00
CA ASN B 496 40.73 -17.98 -62.95
C ASN B 496 39.26 -17.62 -62.66
N LYS B 497 38.60 -16.99 -63.62
CA LYS B 497 37.16 -16.73 -63.58
C LYS B 497 36.47 -17.49 -64.70
N VAL B 498 35.33 -18.12 -64.38
CA VAL B 498 34.49 -18.80 -65.37
C VAL B 498 33.22 -18.02 -65.68
N THR B 499 32.58 -17.49 -64.64
CA THR B 499 31.29 -16.81 -64.79
C THR B 499 30.25 -17.76 -65.41
N SER B 500 29.91 -18.79 -64.65
CA SER B 500 28.89 -19.74 -65.08
C SER B 500 27.56 -19.03 -65.29
N LEU B 501 26.91 -19.31 -66.41
CA LEU B 501 25.69 -18.60 -66.79
C LEU B 501 24.52 -18.97 -65.88
N THR B 502 24.43 -20.24 -65.47
CA THR B 502 23.29 -20.68 -64.67
C THR B 502 23.28 -20.00 -63.31
N LEU B 503 24.43 -19.96 -62.63
CA LEU B 503 24.49 -19.40 -61.29
C LEU B 503 24.51 -17.88 -61.27
N ARG B 504 24.74 -17.24 -62.42
CA ARG B 504 24.83 -15.78 -62.51
C ARG B 504 25.87 -15.24 -61.52
N ARG B 505 27.02 -15.92 -61.46
CA ARG B 505 28.12 -15.51 -60.60
C ARG B 505 29.41 -16.11 -61.14
N GLU B 506 30.53 -15.68 -60.60
CA GLU B 506 31.85 -16.14 -61.02
C GLU B 506 32.37 -17.18 -60.03
N ILE B 507 32.83 -18.31 -60.54
CA ILE B 507 33.40 -19.37 -59.74
C ILE B 507 34.91 -19.40 -60.02
N ARG B 508 35.65 -20.08 -59.15
CA ARG B 508 37.11 -20.13 -59.21
C ARG B 508 37.58 -21.36 -59.98
N ARG B 509 38.48 -21.14 -60.95
CA ARG B 509 39.10 -22.22 -61.72
C ARG B 509 40.34 -22.73 -61.01
N PRO B 510 40.56 -24.03 -61.01
CA PRO B 510 41.67 -24.64 -60.25
C PRO B 510 43.04 -24.29 -60.84
N ASP B 511 43.35 -22.99 -60.83
CA ASP B 511 44.69 -22.53 -61.16
C ASP B 511 45.15 -21.53 -60.11
N GLY B 512 44.19 -20.86 -59.48
CA GLY B 512 44.46 -19.87 -58.45
C GLY B 512 44.12 -20.36 -57.06
N VAL B 513 44.46 -21.60 -56.77
CA VAL B 513 44.09 -22.23 -55.50
C VAL B 513 45.29 -22.32 -54.59
N ILE B 514 46.23 -21.40 -54.74
CA ILE B 514 47.44 -21.36 -53.92
C ILE B 514 47.08 -21.19 -52.45
N ASN B 586 29.74 -24.22 -23.99
CA ASN B 586 29.80 -25.50 -24.68
C ASN B 586 29.31 -25.37 -26.12
N TRP B 587 29.61 -24.22 -26.73
CA TRP B 587 29.23 -23.97 -28.11
C TRP B 587 29.96 -24.95 -29.03
N ARG B 588 29.25 -25.44 -30.06
CA ARG B 588 29.90 -26.27 -31.06
C ARG B 588 30.96 -25.48 -31.81
N TRP B 589 30.67 -24.23 -32.15
CA TRP B 589 31.67 -23.38 -32.79
C TRP B 589 32.87 -23.17 -31.88
N SER B 590 32.62 -22.91 -30.59
CA SER B 590 33.73 -22.77 -29.64
C SER B 590 34.49 -24.09 -29.51
N ARG B 591 33.79 -25.22 -29.58
CA ARG B 591 34.46 -26.51 -29.53
C ARG B 591 35.37 -26.70 -30.74
N VAL B 592 34.92 -26.28 -31.92
CA VAL B 592 35.73 -26.44 -33.13
C VAL B 592 36.94 -25.50 -33.08
N VAL B 593 36.75 -24.27 -32.63
CA VAL B 593 37.87 -23.34 -32.54
C VAL B 593 38.68 -23.55 -31.26
N ASP B 594 38.19 -24.38 -30.35
CA ASP B 594 38.81 -24.67 -29.06
C ASP B 594 38.85 -23.46 -28.13
N GLY B 595 37.84 -22.59 -28.19
CA GLY B 595 37.68 -21.53 -27.21
C GLY B 595 38.02 -20.13 -27.66
N TYR B 596 38.45 -19.93 -28.91
CA TYR B 596 38.84 -18.61 -29.40
C TYR B 596 37.61 -17.93 -29.99
N ILE B 597 36.79 -17.39 -29.09
CA ILE B 597 35.51 -16.79 -29.47
C ILE B 597 35.47 -15.30 -29.23
N ASN B 598 36.53 -14.71 -28.72
CA ASN B 598 36.57 -13.27 -28.54
C ASN B 598 36.62 -12.58 -29.90
N PRO B 599 36.05 -11.37 -29.99
CA PRO B 599 36.01 -10.71 -31.29
C PRO B 599 37.35 -10.14 -31.79
N GLU B 600 38.42 -10.21 -31.00
CA GLU B 600 39.74 -9.76 -31.44
C GLU B 600 40.80 -10.87 -31.42
N GLY B 601 40.51 -12.01 -30.81
CA GLY B 601 41.49 -13.06 -30.62
C GLY B 601 41.22 -14.31 -31.44
N MET B 602 40.43 -14.18 -32.49
CA MET B 602 40.20 -15.32 -33.36
C MET B 602 41.45 -15.65 -34.16
N GLN B 603 41.64 -16.96 -34.42
CA GLN B 603 42.82 -17.42 -35.13
C GLN B 603 42.50 -17.64 -36.61
N PRO B 604 43.52 -17.50 -37.47
CA PRO B 604 43.33 -17.79 -38.90
C PRO B 604 42.66 -19.14 -39.13
N ILE B 605 41.90 -19.22 -40.22
CA ILE B 605 41.14 -20.42 -40.53
C ILE B 605 42.08 -21.59 -40.82
N ILE B 606 43.23 -21.34 -41.43
CA ILE B 606 44.16 -22.41 -41.80
C ILE B 606 44.61 -23.19 -40.57
N GLU B 607 44.84 -22.48 -39.46
CA GLU B 607 45.25 -23.16 -38.23
C GLU B 607 44.17 -24.12 -37.76
N VAL B 608 42.90 -23.73 -37.87
CA VAL B 608 41.81 -24.60 -37.45
C VAL B 608 41.77 -25.86 -38.31
N VAL B 609 41.95 -25.71 -39.63
CA VAL B 609 41.94 -26.85 -40.52
C VAL B 609 43.10 -27.79 -40.20
N ARG B 610 44.29 -27.23 -39.99
CA ARG B 610 45.47 -28.05 -39.71
C ARG B 610 45.32 -28.79 -38.38
N ARG B 611 44.84 -28.10 -37.34
CA ARG B 611 44.80 -28.69 -36.02
C ARG B 611 43.74 -29.79 -35.92
N LYS B 612 42.57 -29.55 -36.52
CA LYS B 612 41.44 -30.48 -36.43
C LYS B 612 40.98 -30.84 -37.84
N PRO B 613 41.58 -31.87 -38.45
CA PRO B 613 41.14 -32.31 -39.77
C PRO B 613 40.04 -33.36 -39.75
N GLU B 614 39.77 -33.98 -38.61
CA GLU B 614 38.73 -34.99 -38.52
C GLU B 614 37.32 -34.42 -38.68
N VAL B 615 37.18 -33.09 -38.66
CA VAL B 615 35.91 -32.43 -38.94
C VAL B 615 35.93 -31.67 -40.25
N PHE B 616 36.99 -31.78 -41.05
CA PHE B 616 37.07 -31.07 -42.32
C PHE B 616 37.45 -32.01 -43.47
N THR B 617 37.79 -33.25 -43.16
CA THR B 617 38.25 -34.20 -44.17
C THR B 617 37.28 -35.38 -44.26
N THR B 618 37.33 -36.07 -45.41
CA THR B 618 36.45 -37.19 -45.70
C THR B 618 36.97 -38.48 -45.05
N ASN B 619 37.22 -38.38 -43.75
CA ASN B 619 37.72 -39.50 -42.95
C ASN B 619 38.96 -40.14 -43.57
N SER B 620 39.94 -39.33 -43.92
CA SER B 620 41.19 -39.81 -44.52
C SER B 620 42.35 -39.27 -43.67
N THR B 621 43.60 -39.61 -43.95
CA THR B 621 44.72 -39.12 -43.17
C THR B 621 45.09 -37.71 -43.55
N SER B 622 45.46 -37.49 -44.82
CA SER B 622 46.01 -36.19 -45.19
C SER B 622 45.54 -35.69 -46.55
N GLY B 623 44.47 -36.22 -47.13
CA GLY B 623 44.15 -35.90 -48.51
C GLY B 623 42.94 -35.01 -48.74
N TYR B 624 42.73 -34.02 -47.86
CA TYR B 624 41.69 -33.03 -48.06
C TYR B 624 41.91 -32.29 -49.37
N SER B 625 40.88 -32.21 -50.22
CA SER B 625 41.00 -31.55 -51.51
C SER B 625 39.65 -31.00 -51.96
N PRO B 626 39.47 -29.68 -51.93
CA PRO B 626 38.24 -29.09 -52.48
C PRO B 626 38.22 -29.14 -54.01
N ASN B 627 37.37 -30.00 -54.57
CA ASN B 627 37.30 -30.13 -56.02
C ASN B 627 36.83 -28.84 -56.67
N TRP B 628 37.49 -28.47 -57.77
CA TRP B 628 37.15 -27.25 -58.49
C TRP B 628 36.93 -27.46 -59.98
N GLU B 629 37.24 -28.64 -60.52
CA GLU B 629 37.00 -28.89 -61.94
C GLU B 629 35.52 -28.84 -62.27
N TYR B 630 34.67 -29.38 -61.39
CA TYR B 630 33.25 -29.47 -61.67
C TYR B 630 32.62 -28.09 -61.81
N TRP B 631 32.82 -27.21 -60.83
CA TRP B 631 32.21 -25.89 -60.87
C TRP B 631 32.81 -24.97 -61.91
N SER B 632 33.98 -25.32 -62.45
CA SER B 632 34.55 -24.51 -63.53
C SER B 632 33.82 -24.74 -64.85
N ALA B 633 33.47 -25.99 -65.13
CA ALA B 633 32.82 -26.34 -66.37
C ALA B 633 31.38 -25.82 -66.37
N PRO B 634 30.96 -25.07 -67.41
CA PRO B 634 29.56 -24.65 -67.47
C PRO B 634 28.62 -25.85 -67.50
N LYS B 635 27.51 -25.73 -66.79
CA LYS B 635 26.59 -26.85 -66.65
C LYS B 635 25.88 -27.11 -67.97
N VAL B 636 26.08 -28.29 -68.53
CA VAL B 636 25.40 -28.66 -69.77
C VAL B 636 23.91 -28.81 -69.50
N ASP B 637 23.10 -28.39 -70.46
CA ASP B 637 21.64 -28.38 -70.35
C ASP B 637 21.15 -27.48 -69.22
N ASP B 638 22.00 -26.56 -68.78
CA ASP B 638 21.67 -25.54 -67.77
C ASP B 638 21.08 -26.16 -66.51
N LEU B 639 21.74 -27.21 -66.01
CA LEU B 639 21.40 -27.79 -64.72
C LEU B 639 21.83 -26.83 -63.61
N TYR B 640 20.90 -26.56 -62.69
CA TYR B 640 21.17 -25.61 -61.60
C TYR B 640 21.63 -26.39 -60.37
N ILE B 641 22.93 -26.47 -60.17
CA ILE B 641 23.53 -27.03 -58.97
C ILE B 641 24.30 -25.92 -58.27
N PRO B 642 23.73 -25.32 -57.22
CA PRO B 642 24.43 -24.24 -56.51
C PRO B 642 25.82 -24.64 -56.03
N ALA B 643 26.84 -24.00 -56.60
CA ALA B 643 28.22 -24.27 -56.20
C ALA B 643 28.47 -23.73 -54.80
N PRO B 644 29.34 -24.39 -54.02
CA PRO B 644 29.62 -23.91 -52.67
C PRO B 644 30.41 -22.61 -52.68
N ILE B 645 30.52 -21.96 -51.52
CA ILE B 645 31.31 -20.75 -51.42
C ILE B 645 32.76 -21.08 -51.73
N ASP B 646 33.39 -20.25 -52.57
CA ASP B 646 34.73 -20.57 -53.04
C ASP B 646 35.74 -20.51 -51.90
N VAL B 647 36.80 -21.30 -52.03
CA VAL B 647 37.88 -21.35 -51.06
C VAL B 647 39.20 -21.28 -51.83
N GLU B 648 40.12 -20.46 -51.36
CA GLU B 648 41.39 -20.27 -52.04
C GLU B 648 42.45 -21.29 -51.60
N PHE B 649 42.64 -21.45 -50.28
CA PHE B 649 43.72 -22.31 -49.81
C PHE B 649 43.42 -23.77 -50.12
N LYS B 650 44.46 -24.48 -50.58
CA LYS B 650 44.38 -25.90 -50.88
C LYS B 650 45.51 -26.61 -50.16
N VAL B 651 45.17 -27.69 -49.46
CA VAL B 651 46.12 -28.41 -48.61
C VAL B 651 46.76 -29.52 -49.43
N ILE B 652 48.05 -29.41 -49.65
CA ILE B 652 48.83 -30.39 -50.42
C ILE B 652 49.50 -31.33 -49.43
N PRO B 653 49.18 -32.63 -49.46
CA PRO B 653 49.80 -33.61 -48.55
C PRO B 653 51.25 -33.92 -48.91
N LEU B 690 48.11 -14.71 -32.94
CA LEU B 690 47.58 -14.08 -34.15
C LEU B 690 46.18 -13.53 -33.93
N ALA B 691 46.11 -12.44 -33.17
CA ALA B 691 44.83 -11.81 -32.85
C ALA B 691 44.39 -10.91 -34.00
N LEU B 692 43.33 -11.32 -34.71
CA LEU B 692 42.89 -10.50 -35.83
C LEU B 692 41.80 -9.52 -35.41
N PRO B 693 41.81 -8.31 -35.98
CA PRO B 693 40.79 -7.33 -35.62
C PRO B 693 39.37 -7.75 -35.97
N TYR B 694 39.21 -8.67 -36.94
CA TYR B 694 37.90 -9.14 -37.38
C TYR B 694 37.02 -7.97 -37.86
N GLY B 695 37.48 -7.33 -38.91
CA GLY B 695 36.68 -6.32 -39.58
C GLY B 695 37.40 -5.64 -40.72
N GLU B 696 36.76 -5.55 -41.88
CA GLU B 696 35.46 -6.14 -42.17
C GLU B 696 35.64 -7.23 -43.23
N PRO B 697 35.67 -8.50 -42.80
CA PRO B 697 36.05 -9.58 -43.72
C PRO B 697 34.96 -9.99 -44.70
N TYR B 698 33.75 -9.49 -44.55
CA TYR B 698 32.67 -9.87 -45.46
C TYR B 698 31.97 -8.63 -45.99
N PRO B 699 31.45 -8.68 -47.21
CA PRO B 699 30.63 -7.58 -47.70
C PRO B 699 29.21 -7.67 -47.14
N LEU B 700 28.64 -6.52 -46.83
CA LEU B 700 27.33 -6.44 -46.20
C LEU B 700 26.34 -5.75 -47.12
N THR B 701 25.09 -6.20 -47.05
CA THR B 701 24.02 -5.64 -47.88
C THR B 701 22.73 -5.63 -47.08
N GLN B 702 21.70 -5.02 -47.68
CA GLN B 702 20.39 -4.88 -47.05
C GLN B 702 19.45 -5.94 -47.61
N TRP B 703 18.77 -6.66 -46.73
CA TRP B 703 17.79 -7.65 -47.14
C TRP B 703 16.49 -7.40 -46.41
N ASP B 704 15.38 -7.37 -47.15
CA ASP B 704 14.06 -7.19 -46.55
C ASP B 704 13.55 -8.54 -46.08
N LEU B 705 13.24 -8.64 -44.78
CA LEU B 705 12.81 -9.92 -44.22
C LEU B 705 11.38 -10.27 -44.57
N SER B 706 10.53 -9.26 -44.81
CA SER B 706 9.12 -9.52 -45.09
C SER B 706 8.86 -9.97 -46.51
N LEU B 707 9.82 -9.81 -47.41
CA LEU B 707 9.61 -10.23 -48.80
C LEU B 707 9.59 -11.76 -48.90
N GLU B 708 8.65 -12.27 -49.68
CA GLU B 708 8.56 -13.71 -49.92
C GLU B 708 9.54 -14.11 -51.00
N THR B 709 10.26 -15.21 -50.77
CA THR B 709 11.32 -15.66 -51.65
C THR B 709 10.90 -16.93 -52.36
N ASN B 710 11.05 -16.94 -53.69
CA ASN B 710 10.78 -18.12 -54.52
C ASN B 710 12.02 -18.40 -55.35
N PRO B 711 12.96 -19.17 -54.82
CA PRO B 711 14.23 -19.40 -55.51
C PRO B 711 14.07 -20.40 -56.63
N PRO B 712 15.09 -20.57 -57.48
CA PRO B 712 14.97 -21.53 -58.58
C PRO B 712 14.88 -22.95 -58.06
N GLN B 713 14.23 -23.80 -58.83
CA GLN B 713 14.21 -25.22 -58.50
C GLN B 713 15.57 -25.83 -58.80
N ILE B 714 16.12 -26.57 -57.82
CA ILE B 714 17.42 -27.20 -57.99
C ILE B 714 17.27 -28.40 -58.92
N GLY B 715 18.12 -28.46 -59.95
CA GLY B 715 18.06 -29.51 -60.93
C GLY B 715 17.20 -29.22 -62.14
N GLN B 716 16.63 -28.02 -62.23
CA GLN B 716 15.79 -27.62 -63.36
C GLN B 716 16.53 -26.60 -64.22
N ARG B 717 16.05 -26.45 -65.45
CA ARG B 717 16.66 -25.54 -66.41
C ARG B 717 16.30 -24.10 -66.10
N ILE B 718 17.22 -23.19 -66.40
CA ILE B 718 17.02 -21.76 -66.18
C ILE B 718 17.14 -21.02 -67.49
N ASP B 719 16.18 -20.15 -67.78
CA ASP B 719 16.26 -19.19 -68.87
C ASP B 719 16.59 -17.85 -68.21
N ASN B 720 17.87 -17.62 -67.93
CA ASN B 720 18.27 -16.40 -67.26
C ASN B 720 18.05 -15.18 -68.17
N ASN B 721 18.30 -15.34 -69.46
CA ASN B 721 18.11 -14.26 -70.42
C ASN B 721 18.03 -14.80 -71.85
N GLN B 855 -11.82 -8.16 -56.01
CA GLN B 855 -12.13 -9.57 -55.85
C GLN B 855 -13.58 -9.75 -55.43
N ARG B 856 -14.25 -10.73 -56.01
CA ARG B 856 -15.65 -11.00 -55.74
C ARG B 856 -15.89 -12.50 -55.65
N ARG B 857 -16.87 -12.88 -54.84
CA ARG B 857 -17.19 -14.29 -54.62
C ARG B 857 -18.70 -14.46 -54.64
N ARG B 858 -19.14 -15.68 -54.97
CA ARG B 858 -20.55 -16.02 -55.03
C ARG B 858 -20.92 -16.81 -53.78
N VAL B 859 -21.94 -16.34 -53.06
CA VAL B 859 -22.39 -16.95 -51.82
C VAL B 859 -23.88 -17.23 -51.94
N ILE B 860 -24.31 -18.41 -51.50
CA ILE B 860 -25.72 -18.77 -51.50
C ILE B 860 -26.30 -18.44 -50.13
N LYS B 861 -27.29 -17.55 -50.11
CA LYS B 861 -27.91 -17.12 -48.87
C LYS B 861 -28.84 -18.21 -48.34
N ALA B 862 -29.39 -17.97 -47.14
CA ALA B 862 -30.29 -18.94 -46.54
C ALA B 862 -31.57 -19.09 -47.34
N ASP B 863 -32.12 -17.98 -47.85
CA ASP B 863 -33.35 -18.05 -48.62
C ASP B 863 -33.18 -18.73 -49.97
N GLY B 864 -31.96 -18.86 -50.48
CA GLY B 864 -31.71 -19.60 -51.69
C GLY B 864 -31.28 -18.80 -52.91
N THR B 865 -30.88 -17.54 -52.74
CA THR B 865 -30.39 -16.73 -53.84
C THR B 865 -28.88 -16.60 -53.74
N ALA B 866 -28.19 -16.85 -54.86
CA ALA B 866 -26.73 -16.84 -54.90
C ALA B 866 -26.26 -15.46 -55.36
N VAL B 867 -26.30 -14.51 -54.43
CA VAL B 867 -25.84 -13.16 -54.72
C VAL B 867 -24.34 -13.07 -54.45
N TYR B 868 -23.68 -12.17 -55.17
CA TYR B 868 -22.26 -11.93 -54.98
C TYR B 868 -22.03 -11.10 -53.73
N GLU B 869 -20.81 -11.18 -53.21
CA GLU B 869 -20.39 -10.39 -52.06
C GLU B 869 -18.97 -9.91 -52.31
N THR B 870 -18.80 -8.62 -52.50
CA THR B 870 -17.46 -8.06 -52.63
C THR B 870 -16.70 -8.25 -51.33
N VAL B 871 -15.50 -8.80 -51.43
CA VAL B 871 -14.71 -9.12 -50.24
C VAL B 871 -13.93 -7.88 -49.82
N ARG B 872 -13.89 -7.65 -48.51
CA ARG B 872 -13.27 -6.45 -47.97
C ARG B 872 -12.68 -6.77 -46.61
N VAL B 873 -11.75 -5.93 -46.16
CA VAL B 873 -11.06 -6.08 -44.89
C VAL B 873 -11.49 -4.94 -43.98
N ASN B 874 -11.86 -5.28 -42.74
CA ASN B 874 -12.33 -4.27 -41.80
C ASN B 874 -11.18 -3.33 -41.43
N PRO B 875 -11.50 -2.11 -40.98
CA PRO B 875 -10.44 -1.13 -40.71
C PRO B 875 -9.41 -1.58 -39.69
N GLU B 876 -9.81 -2.37 -38.69
CA GLU B 876 -8.88 -2.74 -37.62
C GLU B 876 -7.75 -3.60 -38.15
N THR B 877 -8.07 -4.67 -38.90
CA THR B 877 -7.04 -5.53 -39.46
C THR B 877 -6.21 -4.80 -40.50
N GLN B 878 -6.86 -3.93 -41.29
CA GLN B 878 -6.13 -3.13 -42.26
C GLN B 878 -5.06 -2.29 -41.57
N LEU B 879 -5.44 -1.58 -40.50
CA LEU B 879 -4.48 -0.76 -39.79
C LEU B 879 -3.39 -1.60 -39.16
N LEU B 880 -3.76 -2.76 -38.60
CA LEU B 880 -2.76 -3.64 -37.98
C LEU B 880 -1.70 -4.07 -38.99
N ASP B 881 -2.14 -4.54 -40.17
CA ASP B 881 -1.20 -4.97 -41.18
C ASP B 881 -0.39 -3.81 -41.75
N ALA B 882 -1.00 -2.63 -41.86
CA ALA B 882 -0.26 -1.47 -42.34
C ALA B 882 0.81 -1.04 -41.34
N ALA B 883 0.58 -1.30 -40.05
CA ALA B 883 1.56 -0.95 -39.04
C ALA B 883 2.63 -2.02 -38.84
N ILE B 884 2.32 -3.29 -39.13
CA ILE B 884 3.28 -4.36 -38.90
C ILE B 884 3.60 -5.14 -40.16
N THR B 885 2.57 -5.70 -40.79
CA THR B 885 2.81 -6.65 -41.88
C THR B 885 3.27 -5.95 -43.16
N ASN B 886 2.69 -4.78 -43.46
CA ASN B 886 2.95 -4.13 -44.73
C ASN B 886 4.20 -3.26 -44.73
N ILE B 887 4.87 -3.10 -43.60
CA ILE B 887 6.04 -2.23 -43.52
C ILE B 887 7.26 -2.97 -44.07
N ASN B 888 8.33 -2.22 -44.32
CA ASN B 888 9.60 -2.81 -44.75
C ASN B 888 10.46 -3.09 -43.53
N VAL B 889 10.82 -4.35 -43.33
CA VAL B 889 11.69 -4.77 -42.24
C VAL B 889 13.01 -5.21 -42.89
N VAL B 890 14.08 -4.46 -42.63
CA VAL B 890 15.35 -4.67 -43.29
C VAL B 890 16.36 -5.22 -42.29
N ALA B 891 17.37 -5.90 -42.81
CA ALA B 891 18.41 -6.50 -42.00
C ALA B 891 19.75 -6.40 -42.73
N ASN B 892 20.81 -6.29 -41.95
CA ASN B 892 22.18 -6.24 -42.47
C ASN B 892 22.68 -7.67 -42.62
N VAL B 893 22.76 -8.15 -43.86
CA VAL B 893 23.11 -9.54 -44.12
C VAL B 893 24.44 -9.60 -44.85
N VAL B 894 25.07 -10.77 -44.78
CA VAL B 894 26.34 -10.99 -45.45
C VAL B 894 26.08 -11.35 -46.91
N ASP B 895 26.71 -10.61 -47.82
CA ASP B 895 26.55 -10.88 -49.24
C ASP B 895 27.35 -12.12 -49.63
N VAL B 896 26.71 -13.28 -49.56
CA VAL B 896 27.42 -14.55 -49.79
C VAL B 896 27.99 -14.65 -51.20
N PRO B 897 27.24 -14.42 -52.28
CA PRO B 897 27.81 -14.67 -53.61
C PRO B 897 28.96 -13.74 -53.97
N SER B 898 29.13 -12.63 -53.24
CA SER B 898 30.26 -11.73 -53.45
C SER B 898 31.34 -11.89 -52.37
N MET B 899 31.20 -12.88 -51.50
CA MET B 899 32.16 -13.10 -50.41
C MET B 899 33.05 -14.29 -50.73
N SER B 900 34.29 -14.21 -50.24
CA SER B 900 35.25 -15.28 -50.41
C SER B 900 36.06 -15.44 -49.13
N VAL B 901 36.40 -16.67 -48.80
CA VAL B 901 37.22 -16.97 -47.62
C VAL B 901 38.67 -17.12 -48.07
N SER B 902 39.55 -16.34 -47.48
CA SER B 902 40.96 -16.31 -47.84
C SER B 902 41.81 -16.93 -46.73
N GLN B 903 43.13 -16.83 -46.92
CA GLN B 903 44.06 -17.38 -45.93
C GLN B 903 43.95 -16.66 -44.60
N SER B 904 43.81 -15.34 -44.63
CA SER B 904 43.77 -14.52 -43.41
C SER B 904 42.35 -14.31 -42.91
N THR B 905 41.41 -15.16 -43.31
CA THR B 905 40.04 -15.03 -42.84
C THR B 905 39.94 -15.46 -41.39
N PRO B 906 39.34 -14.66 -40.52
CA PRO B 906 39.17 -15.08 -39.12
C PRO B 906 38.22 -16.26 -39.01
N ALA B 907 38.38 -17.02 -37.93
CA ALA B 907 37.61 -18.24 -37.72
C ALA B 907 36.18 -17.92 -37.27
N SER B 908 35.47 -17.21 -38.12
CA SER B 908 34.06 -16.93 -37.89
C SER B 908 33.23 -18.19 -38.11
N PRO B 909 32.06 -18.27 -37.47
CA PRO B 909 31.18 -19.43 -37.76
C PRO B 909 30.83 -19.54 -39.23
N LEU B 910 30.58 -18.41 -39.90
CA LEU B 910 30.36 -18.43 -41.34
C LEU B 910 31.60 -18.91 -42.08
N ALA B 911 32.80 -18.52 -41.61
CA ALA B 911 34.01 -19.00 -42.24
C ALA B 911 34.16 -20.51 -42.12
N ILE B 912 33.87 -21.06 -40.94
CA ILE B 912 33.94 -22.51 -40.75
C ILE B 912 32.92 -23.21 -41.63
N ASP B 913 31.70 -22.68 -41.69
CA ASP B 913 30.66 -23.31 -42.50
C ASP B 913 31.02 -23.27 -43.98
N ALA B 914 31.56 -22.14 -44.45
CA ALA B 914 31.93 -22.04 -45.85
C ALA B 914 33.10 -22.95 -46.19
N ALA B 915 34.10 -23.03 -45.32
CA ALA B 915 35.24 -23.91 -45.58
C ALA B 915 34.86 -25.38 -45.47
N SER B 916 33.86 -25.69 -44.67
CA SER B 916 33.39 -27.07 -44.50
C SER B 916 32.28 -27.45 -45.47
N ASP B 917 31.89 -26.53 -46.36
CA ASP B 917 30.83 -26.77 -47.34
C ASP B 917 29.52 -27.15 -46.64
N ALA B 918 29.03 -26.22 -45.83
CA ALA B 918 27.76 -26.38 -45.12
C ALA B 918 26.66 -25.48 -45.63
N LEU B 919 26.98 -24.25 -46.01
CA LEU B 919 26.01 -23.31 -46.56
C LEU B 919 26.36 -23.00 -48.01
N ARG B 920 25.35 -23.00 -48.87
CA ARG B 920 25.53 -22.68 -50.27
C ARG B 920 24.50 -21.64 -50.68
N PRO B 921 24.89 -20.60 -51.42
CA PRO B 921 23.89 -19.67 -51.95
C PRO B 921 22.98 -20.37 -52.94
N VAL B 922 21.71 -19.96 -52.97
CA VAL B 922 20.68 -20.62 -53.76
C VAL B 922 20.13 -19.70 -54.84
N SER B 923 19.66 -18.52 -54.46
CA SER B 923 19.06 -17.63 -55.44
C SER B 923 20.13 -16.76 -56.09
N PRO B 924 20.21 -16.73 -57.42
CA PRO B 924 21.26 -15.95 -58.08
C PRO B 924 20.95 -14.46 -58.16
N GLY B 925 21.31 -13.73 -57.10
CA GLY B 925 21.13 -12.29 -57.08
C GLY B 925 20.74 -11.76 -55.72
N THR B 926 20.54 -12.66 -54.77
CA THR B 926 20.19 -12.34 -53.41
C THR B 926 21.08 -13.13 -52.45
N PRO B 927 21.27 -12.65 -51.23
CA PRO B 927 22.17 -13.35 -50.30
C PRO B 927 21.54 -14.57 -49.64
N LEU B 928 20.42 -15.05 -50.16
CA LEU B 928 19.77 -16.23 -49.60
C LEU B 928 20.68 -17.44 -49.74
N VAL B 929 20.81 -18.20 -48.64
CA VAL B 929 21.63 -19.41 -48.61
C VAL B 929 20.81 -20.53 -47.99
N ALA B 930 21.27 -21.76 -48.22
CA ALA B 930 20.64 -22.95 -47.69
C ALA B 930 21.70 -23.93 -47.23
N PRO B 931 21.38 -24.79 -46.26
CA PRO B 931 22.33 -25.84 -45.88
C PRO B 931 22.63 -26.75 -47.05
N THR B 932 23.88 -27.24 -47.09
CA THR B 932 24.31 -28.05 -48.23
C THR B 932 23.55 -29.36 -48.27
N SER B 933 23.20 -29.92 -47.11
CA SER B 933 22.45 -31.16 -47.07
C SER B 933 21.10 -31.00 -47.77
N GLU B 934 20.48 -29.83 -47.66
CA GLU B 934 19.23 -29.59 -48.37
C GLU B 934 19.43 -29.65 -49.88
N VAL B 935 20.52 -29.05 -50.38
CA VAL B 935 20.79 -29.07 -51.81
C VAL B 935 21.07 -30.49 -52.28
N ASN B 936 21.82 -31.26 -51.47
CA ASN B 936 22.09 -32.65 -51.83
C ASN B 936 20.81 -33.47 -51.87
N LYS B 937 19.92 -33.28 -50.90
CA LYS B 937 18.66 -34.00 -50.89
C LYS B 937 17.78 -33.61 -52.08
N GLN B 938 17.78 -32.32 -52.44
CA GLN B 938 17.04 -31.89 -53.63
C GLN B 938 17.61 -32.51 -54.89
N LEU B 939 18.94 -32.58 -54.99
CA LEU B 939 19.56 -33.23 -56.14
C LEU B 939 19.19 -34.70 -56.21
N VAL B 940 19.17 -35.38 -55.07
CA VAL B 940 18.77 -36.79 -55.04
C VAL B 940 17.33 -36.95 -55.49
N ASP B 941 16.45 -36.06 -55.01
CA ASP B 941 15.04 -36.12 -55.41
C ASP B 941 14.87 -35.91 -56.90
N GLN B 942 15.58 -34.93 -57.47
CA GLN B 942 15.53 -34.71 -58.91
C GLN B 942 16.08 -35.90 -59.67
N LEU B 943 17.15 -36.52 -59.13
CA LEU B 943 17.71 -37.70 -59.75
C LEU B 943 16.68 -38.82 -59.82
N THR B 944 16.00 -39.09 -58.72
CA THR B 944 14.97 -40.13 -58.71
C THR B 944 13.83 -39.78 -59.66
N ARG B 945 13.40 -38.52 -59.66
CA ARG B 945 12.29 -38.10 -60.51
C ARG B 945 12.62 -38.31 -61.98
N LEU B 946 13.77 -37.83 -62.42
CA LEU B 946 14.11 -37.98 -63.83
C LEU B 946 14.53 -39.40 -64.17
N THR B 947 14.97 -40.19 -63.18
CA THR B 947 15.20 -41.60 -63.43
C THR B 947 13.89 -42.32 -63.75
N GLU B 948 12.84 -42.04 -62.98
CA GLU B 948 11.54 -42.64 -63.29
C GLU B 948 10.97 -42.08 -64.59
N THR B 949 11.28 -40.80 -64.89
CA THR B 949 10.91 -40.26 -66.19
C THR B 949 11.58 -41.01 -67.31
N GLU B 950 12.86 -41.33 -67.14
CA GLU B 950 13.59 -42.12 -68.14
C GLU B 950 12.99 -43.51 -68.27
N ARG B 951 12.59 -44.12 -67.15
CA ARG B 951 11.94 -45.43 -67.21
C ARG B 951 10.63 -45.37 -68.00
N MET B 952 9.83 -44.34 -67.75
CA MET B 952 8.58 -44.17 -68.50
C MET B 952 8.85 -43.96 -69.98
N MET B 953 9.88 -43.16 -70.30
CA MET B 953 10.24 -42.92 -71.69
C MET B 953 10.73 -44.21 -72.37
N LYS B 954 11.50 -45.02 -71.65
CA LYS B 954 11.88 -46.33 -72.16
C LYS B 954 10.66 -47.18 -72.45
N ARG B 955 9.68 -47.18 -71.54
CA ARG B 955 8.47 -47.96 -71.73
C ARG B 955 7.68 -47.47 -72.94
N ARG B 956 7.67 -46.15 -73.17
CA ARG B 956 6.95 -45.61 -74.31
C ARG B 956 7.80 -45.59 -75.59
N GLY B 957 9.11 -45.76 -75.48
CA GLY B 957 9.97 -45.80 -76.65
C GLY B 957 10.02 -44.50 -77.44
N ALA B 958 10.30 -43.40 -76.75
CA ALA B 958 10.30 -42.08 -77.36
C ALA B 958 11.57 -41.90 -78.21
N SER B 959 11.77 -40.67 -78.70
CA SER B 959 12.87 -40.36 -79.59
C SER B 959 14.20 -40.52 -78.87
N PRO B 960 15.25 -40.96 -79.58
CA PRO B 960 16.56 -41.13 -78.92
C PRO B 960 17.15 -39.84 -78.38
N GLU B 961 16.79 -38.69 -78.95
CA GLU B 961 17.33 -37.42 -78.45
C GLU B 961 16.87 -37.16 -77.02
N THR B 962 15.59 -37.40 -76.73
CA THR B 962 15.09 -37.21 -75.36
C THR B 962 15.77 -38.17 -74.41
N LEU B 963 15.94 -39.42 -74.82
CA LEU B 963 16.60 -40.41 -73.97
C LEU B 963 18.04 -39.99 -73.67
N GLU B 964 18.76 -39.52 -74.69
CA GLU B 964 20.15 -39.11 -74.49
C GLU B 964 20.25 -37.89 -73.59
N ARG B 965 19.37 -36.90 -73.78
CA ARG B 965 19.44 -35.74 -72.91
C ARG B 965 19.11 -36.10 -71.47
N ILE B 966 18.12 -36.99 -71.26
CA ILE B 966 17.80 -37.42 -69.91
C ILE B 966 18.99 -38.18 -69.30
N ARG B 967 19.66 -39.00 -70.11
CA ARG B 967 20.83 -39.72 -69.62
C ARG B 967 21.94 -38.76 -69.21
N THR B 968 22.16 -37.70 -70.01
CA THR B 968 23.17 -36.72 -69.66
C THR B 968 22.82 -36.00 -68.37
N GLN B 969 21.55 -35.61 -68.20
CA GLN B 969 21.14 -34.97 -66.96
C GLN B 969 21.32 -35.89 -65.76
N LYS B 970 20.96 -37.17 -65.91
CA LYS B 970 21.15 -38.14 -64.84
C LYS B 970 22.62 -38.27 -64.46
N LEU B 971 23.49 -38.40 -65.46
CA LEU B 971 24.91 -38.50 -65.15
C LEU B 971 25.42 -37.24 -64.48
N GLU B 972 24.97 -36.07 -64.95
CA GLU B 972 25.43 -34.81 -64.36
C GLU B 972 25.02 -34.72 -62.90
N LEU B 973 23.78 -35.09 -62.58
CA LEU B 973 23.34 -35.05 -61.18
C LEU B 973 24.12 -36.06 -60.33
N ARG B 974 24.35 -37.26 -60.87
CA ARG B 974 25.08 -38.27 -60.10
C ARG B 974 26.51 -37.80 -59.81
N LYS B 975 27.15 -37.17 -60.80
CA LYS B 975 28.47 -36.58 -60.55
C LYS B 975 28.38 -35.46 -59.51
N ALA B 976 27.37 -34.60 -59.61
CA ALA B 976 27.24 -33.49 -58.69
C ALA B 976 26.98 -33.93 -57.26
N ILE B 977 26.42 -35.13 -57.05
CA ILE B 977 26.24 -35.63 -55.70
C ILE B 977 27.60 -35.80 -55.01
N ALA B 978 28.56 -36.39 -55.71
CA ALA B 978 29.91 -36.56 -55.21
C ALA B 978 30.87 -35.47 -55.66
N ASP B 979 30.54 -34.76 -56.74
CA ASP B 979 31.21 -33.51 -57.12
C ASP B 979 32.58 -33.73 -57.75
N GLY B 980 33.08 -34.96 -57.72
CA GLY B 980 34.43 -35.19 -58.20
C GLY B 980 34.64 -36.50 -58.91
N ASP B 981 33.55 -37.25 -59.09
CA ASP B 981 33.65 -38.55 -59.73
C ASP B 981 32.25 -39.06 -60.05
N GLU B 982 32.21 -40.09 -60.91
CA GLU B 982 30.98 -40.81 -61.18
C GLU B 982 30.80 -42.05 -60.31
N LEU B 983 31.88 -42.65 -59.85
CA LEU B 983 31.83 -43.86 -59.03
C LEU B 983 32.01 -43.57 -57.56
N ALA B 984 32.21 -42.31 -57.17
CA ALA B 984 32.44 -41.99 -55.76
C ALA B 984 31.15 -42.15 -54.95
N GLU B 985 31.33 -42.58 -53.71
CA GLU B 985 30.18 -42.77 -52.83
C GLU B 985 29.54 -41.42 -52.51
N PRO B 986 28.21 -41.37 -52.37
CA PRO B 986 27.56 -40.11 -52.01
C PRO B 986 28.07 -39.59 -50.66
N LYS B 987 28.25 -38.28 -50.58
CA LYS B 987 28.84 -37.65 -49.41
C LYS B 987 27.78 -37.01 -48.54
N VAL B 988 28.01 -37.02 -47.23
CA VAL B 988 27.12 -36.43 -46.25
C VAL B 988 27.87 -35.29 -45.56
N LYS B 989 27.22 -34.15 -45.48
CA LYS B 989 27.78 -32.93 -44.94
C LYS B 989 27.36 -32.72 -43.49
N PRO B 990 28.17 -32.04 -42.69
CA PRO B 990 27.84 -31.86 -41.28
C PRO B 990 26.92 -30.66 -41.06
N GLU B 991 26.34 -30.64 -39.87
CA GLU B 991 25.48 -29.52 -39.49
C GLU B 991 26.29 -28.24 -39.42
N PRO B 992 25.82 -27.15 -40.03
CA PRO B 992 26.56 -25.88 -39.94
C PRO B 992 26.66 -25.40 -38.51
N VAL B 993 27.79 -24.76 -38.19
CA VAL B 993 28.01 -24.29 -36.82
C VAL B 993 27.31 -22.97 -36.55
N THR B 994 26.90 -22.25 -37.58
CA THR B 994 26.18 -21.00 -37.38
C THR B 994 24.79 -21.28 -36.84
N PRO B 995 24.39 -20.72 -35.70
CA PRO B 995 23.06 -20.98 -35.17
C PRO B 995 21.99 -20.30 -36.01
N ALA B 996 20.78 -20.85 -35.90
CA ALA B 996 19.63 -20.38 -36.67
C ALA B 996 18.61 -19.72 -35.76
N ILE B 997 17.99 -18.65 -36.26
CA ILE B 997 16.97 -17.91 -35.53
C ILE B 997 15.76 -17.73 -36.45
N ASN B 998 14.59 -18.10 -35.96
CA ASN B 998 13.37 -17.93 -36.75
C ASN B 998 13.12 -16.45 -37.01
N LYS B 999 12.68 -16.14 -38.24
CA LYS B 999 12.51 -14.74 -38.62
C LYS B 999 11.40 -14.04 -37.87
N THR B 1000 10.45 -14.79 -37.31
CA THR B 1000 9.36 -14.17 -36.56
C THR B 1000 9.89 -13.38 -35.38
N VAL B 1001 11.02 -13.79 -34.81
CA VAL B 1001 11.65 -13.03 -33.73
C VAL B 1001 11.92 -11.61 -34.18
N LEU B 1002 12.39 -11.44 -35.41
CA LEU B 1002 12.64 -10.12 -35.97
C LEU B 1002 11.44 -9.56 -36.72
N THR B 1003 10.33 -10.30 -36.77
CA THR B 1003 9.14 -9.86 -37.48
C THR B 1003 7.93 -9.66 -36.58
N GLY B 1004 7.75 -10.52 -35.59
CA GLY B 1004 6.65 -10.37 -34.65
C GLY B 1004 5.51 -11.33 -34.96
N THR B 1005 4.96 -11.93 -33.92
CA THR B 1005 3.86 -12.86 -34.04
C THR B 1005 2.55 -12.15 -33.72
N MET B 1006 1.52 -12.49 -34.48
CA MET B 1006 0.19 -11.93 -34.28
C MET B 1006 -0.53 -12.69 -33.18
N THR B 1007 -1.16 -11.95 -32.27
CA THR B 1007 -1.92 -12.58 -31.21
C THR B 1007 -3.14 -13.29 -31.77
N MET B 1008 -3.67 -14.23 -30.98
CA MET B 1008 -4.79 -15.04 -31.44
C MET B 1008 -6.02 -14.18 -31.70
N SER B 1009 -6.24 -13.16 -30.86
CA SER B 1009 -7.39 -12.27 -31.08
C SER B 1009 -7.27 -11.54 -32.40
N GLU B 1010 -6.07 -11.01 -32.71
CA GLU B 1010 -5.87 -10.32 -33.98
C GLU B 1010 -5.97 -11.29 -35.15
N LEU B 1011 -5.48 -12.51 -34.97
CA LEU B 1011 -5.60 -13.51 -36.04
C LEU B 1011 -7.06 -13.83 -36.34
N SER B 1012 -7.88 -13.98 -35.29
CA SER B 1012 -9.29 -14.22 -35.52
C SER B 1012 -9.98 -13.00 -36.10
N GLN B 1013 -9.53 -11.80 -35.73
CA GLN B 1013 -10.07 -10.60 -36.35
C GLN B 1013 -9.79 -10.59 -37.85
N GLN B 1014 -8.60 -11.00 -38.25
CA GLN B 1014 -8.31 -11.16 -39.67
C GLN B 1014 -9.19 -12.24 -40.29
N LEU B 1015 -9.39 -13.35 -39.56
CA LEU B 1015 -10.23 -14.44 -40.04
C LEU B 1015 -11.69 -14.04 -40.21
N LEU B 1016 -12.14 -12.98 -39.55
CA LEU B 1016 -13.53 -12.55 -39.64
C LEU B 1016 -13.90 -12.06 -41.03
N ASP B 1017 -12.93 -11.84 -41.91
CA ASP B 1017 -13.16 -11.20 -43.20
C ASP B 1017 -12.62 -12.08 -44.32
N ASN B 1018 -13.03 -13.35 -44.35
CA ASN B 1018 -12.43 -14.38 -45.18
C ASN B 1018 -12.09 -13.87 -46.58
N VAL B 1019 -10.81 -13.87 -46.90
CA VAL B 1019 -10.29 -13.45 -48.19
C VAL B 1019 -9.79 -14.69 -48.93
N PRO B 1020 -10.42 -15.10 -50.02
CA PRO B 1020 -9.97 -16.30 -50.73
C PRO B 1020 -8.54 -16.13 -51.22
N GLY B 1021 -7.78 -17.23 -51.17
CA GLY B 1021 -6.41 -17.24 -51.63
C GLY B 1021 -5.37 -16.81 -50.61
N SER B 1022 -5.78 -16.45 -49.40
CA SER B 1022 -4.84 -16.05 -48.37
C SER B 1022 -4.33 -17.26 -47.60
N ARG B 1023 -3.17 -17.08 -46.96
CA ARG B 1023 -2.54 -18.14 -46.20
C ARG B 1023 -2.12 -17.62 -44.83
N ILE B 1024 -2.31 -18.44 -43.81
CA ILE B 1024 -1.92 -18.10 -42.44
C ILE B 1024 -0.62 -18.82 -42.13
N ASP B 1025 0.42 -18.06 -41.82
CA ASP B 1025 1.71 -18.66 -41.52
C ASP B 1025 1.64 -19.34 -40.16
N PRO B 1026 1.89 -20.65 -40.07
CA PRO B 1026 1.82 -21.33 -38.78
C PRO B 1026 2.84 -20.82 -37.77
N ASP B 1027 3.99 -20.30 -38.22
CA ASP B 1027 5.00 -19.81 -37.31
C ASP B 1027 4.71 -18.41 -36.79
N LYS B 1028 3.79 -17.68 -37.43
CA LYS B 1028 3.39 -16.37 -36.95
C LYS B 1028 2.36 -16.46 -35.83
N VAL B 1029 1.85 -17.65 -35.53
CA VAL B 1029 0.85 -17.82 -34.49
C VAL B 1029 1.48 -18.53 -33.30
N ARG B 1030 2.57 -19.26 -33.55
CA ARG B 1030 3.25 -20.01 -32.49
C ARG B 1030 3.99 -19.03 -31.59
N ARG B 1031 3.50 -18.86 -30.37
CA ARG B 1031 4.12 -17.97 -29.40
C ARG B 1031 4.48 -18.75 -28.14
N VAL B 1032 5.56 -18.32 -27.49
CA VAL B 1032 6.04 -18.96 -26.27
C VAL B 1032 6.45 -17.89 -25.28
N GLU B 1033 6.20 -18.14 -24.01
CA GLU B 1033 6.51 -17.19 -22.96
C GLU B 1033 8.01 -16.96 -22.89
N ARG B 1034 8.42 -15.69 -22.91
CA ARG B 1034 9.83 -15.33 -22.90
C ARG B 1034 10.29 -15.00 -21.48
N LYS B 1035 11.56 -14.60 -21.36
CA LYS B 1035 12.13 -14.16 -20.10
C LYS B 1035 12.75 -12.78 -20.29
N LEU B 1036 13.00 -12.11 -19.15
CA LEU B 1036 13.50 -10.74 -19.20
C LEU B 1036 14.88 -10.68 -19.84
N SER B 1037 15.75 -11.63 -19.52
CA SER B 1037 17.10 -11.62 -20.06
C SER B 1037 17.09 -11.81 -21.58
N GLU B 1038 16.17 -12.64 -22.08
CA GLU B 1038 16.06 -12.85 -23.53
C GLU B 1038 15.67 -11.56 -24.24
N VAL B 1039 14.72 -10.82 -23.68
CA VAL B 1039 14.33 -9.55 -24.28
C VAL B 1039 15.48 -8.54 -24.18
N GLU B 1040 16.21 -8.56 -23.08
CA GLU B 1040 17.37 -7.67 -22.95
C GLU B 1040 18.40 -7.97 -24.04
N ALA B 1041 18.67 -9.25 -24.29
CA ALA B 1041 19.59 -9.62 -25.35
C ALA B 1041 19.07 -9.19 -26.71
N LEU B 1042 17.75 -9.36 -26.95
CA LEU B 1042 17.18 -8.98 -28.22
C LEU B 1042 17.34 -7.48 -28.47
N MET B 1043 17.12 -6.66 -27.45
CA MET B 1043 17.33 -5.23 -27.64
C MET B 1043 18.80 -4.89 -27.76
N LYS B 1044 19.68 -5.67 -27.11
CA LYS B 1044 21.11 -5.48 -27.33
C LYS B 1044 21.47 -5.74 -28.79
N VAL B 1045 20.72 -6.61 -29.46
CA VAL B 1045 20.93 -6.84 -30.88
C VAL B 1045 20.27 -5.77 -31.73
N ILE B 1046 19.01 -5.46 -31.47
CA ILE B 1046 18.26 -4.52 -32.31
C ILE B 1046 18.72 -3.10 -32.04
N PRO B 1047 19.07 -2.32 -33.07
CA PRO B 1047 19.49 -0.95 -32.84
C PRO B 1047 18.31 0.02 -32.84
N ASN B 1048 18.53 1.15 -32.18
CA ASN B 1048 17.53 2.21 -32.13
C ASN B 1048 17.38 2.84 -33.51
N PRO B 1049 16.18 2.86 -34.10
CA PRO B 1049 16.03 3.49 -35.43
C PRO B 1049 16.38 4.96 -35.44
N ILE B 1050 16.18 5.68 -34.34
CA ILE B 1050 16.45 7.11 -34.31
C ILE B 1050 17.95 7.39 -34.39
N THR B 1051 18.75 6.68 -33.60
CA THR B 1051 20.17 6.98 -33.49
C THR B 1051 21.09 5.90 -34.04
N GLY B 1052 20.60 4.68 -34.23
CA GLY B 1052 21.42 3.61 -34.77
C GLY B 1052 22.20 2.82 -33.74
N GLU B 1053 22.34 3.33 -32.52
CA GLU B 1053 23.00 2.59 -31.47
C GLU B 1053 22.08 1.48 -30.95
N PRO B 1054 22.66 0.43 -30.35
CA PRO B 1054 21.83 -0.63 -29.77
C PRO B 1054 20.90 -0.08 -28.70
N LEU B 1055 19.71 -0.67 -28.63
CA LEU B 1055 18.67 -0.17 -27.72
C LEU B 1055 19.13 -0.23 -26.28
N LEU B 1056 19.78 -1.32 -25.89
CA LEU B 1056 20.29 -1.49 -24.53
C LEU B 1056 21.80 -1.63 -24.57
N GLY B 1057 22.47 -0.97 -23.62
CA GLY B 1057 23.92 -1.05 -23.58
C GLY B 1057 24.41 -2.44 -23.29
N SER B 1058 25.60 -2.76 -23.81
CA SER B 1058 26.16 -4.09 -23.61
C SER B 1058 26.53 -4.36 -22.16
N ALA B 1059 26.70 -3.31 -21.35
CA ALA B 1059 27.04 -3.46 -19.94
C ALA B 1059 25.82 -3.33 -19.03
N ASN B 1060 24.62 -3.15 -19.59
CA ASN B 1060 23.41 -2.97 -18.79
C ASN B 1060 22.83 -4.34 -18.48
N THR B 1061 23.16 -4.86 -17.31
CA THR B 1061 22.74 -6.19 -16.89
C THR B 1061 21.56 -6.08 -15.93
N ARG B 1062 20.49 -6.84 -16.22
CA ARG B 1062 19.29 -6.89 -15.39
C ARG B 1062 18.67 -5.51 -15.22
N LYS B 1063 18.28 -4.91 -16.35
CA LYS B 1063 17.63 -3.61 -16.33
C LYS B 1063 16.12 -3.70 -16.24
N PHE B 1064 15.54 -4.89 -16.43
CA PHE B 1064 14.10 -5.07 -16.40
C PHE B 1064 13.70 -6.08 -15.34
N ARG B 1065 12.60 -5.79 -14.66
CA ARG B 1065 12.00 -6.72 -13.71
C ARG B 1065 10.48 -6.81 -13.86
N THR B 1066 9.89 -6.13 -14.84
CA THR B 1066 8.46 -6.00 -14.95
C THR B 1066 8.05 -6.03 -16.42
N TRP B 1067 6.85 -6.56 -16.68
CA TRP B 1067 6.28 -6.57 -18.03
C TRP B 1067 5.14 -5.58 -18.20
N ALA B 1068 4.79 -4.83 -17.16
CA ALA B 1068 3.60 -4.00 -17.20
C ALA B 1068 3.78 -2.78 -18.08
N LYS B 1069 2.72 -2.40 -18.80
CA LYS B 1069 2.75 -1.16 -19.57
C LYS B 1069 2.75 0.06 -18.67
N ASP B 1070 2.07 -0.02 -17.53
CA ASP B 1070 1.94 1.12 -16.62
C ASP B 1070 3.09 1.22 -15.63
N SER B 1071 4.01 0.25 -15.62
CA SER B 1071 5.12 0.27 -14.69
C SER B 1071 6.23 1.18 -15.20
N SER B 1072 7.33 1.24 -14.46
CA SER B 1072 8.47 2.06 -14.84
C SER B 1072 9.72 1.27 -15.20
N THR B 1073 9.76 -0.02 -14.87
CA THR B 1073 10.92 -0.87 -15.12
C THR B 1073 10.61 -1.96 -16.14
N SER B 1074 9.89 -1.59 -17.20
CA SER B 1074 9.43 -2.54 -18.20
C SER B 1074 9.87 -2.10 -19.59
N PRO B 1075 9.97 -3.04 -20.54
CA PRO B 1075 10.36 -2.64 -21.91
C PRO B 1075 9.45 -1.58 -22.51
N THR B 1076 8.14 -1.64 -22.24
CA THR B 1076 7.25 -0.61 -22.73
C THR B 1076 7.61 0.75 -22.15
N ALA B 1077 7.87 0.81 -20.84
CA ALA B 1077 8.25 2.06 -20.20
C ALA B 1077 9.58 2.58 -20.75
N TYR B 1078 10.55 1.69 -20.96
CA TYR B 1078 11.84 2.10 -21.49
C TYR B 1078 11.70 2.65 -22.90
N LEU B 1079 10.90 1.98 -23.74
CA LEU B 1079 10.70 2.44 -25.11
C LEU B 1079 9.96 3.77 -25.14
N ASN B 1080 8.97 3.95 -24.24
CA ASN B 1080 8.29 5.23 -24.16
C ASN B 1080 9.25 6.33 -23.71
N LYS B 1081 10.13 6.02 -22.76
CA LYS B 1081 11.12 7.00 -22.32
C LYS B 1081 12.06 7.38 -23.45
N LEU B 1082 12.45 6.40 -24.27
CA LEU B 1082 13.27 6.71 -25.44
C LEU B 1082 12.49 7.45 -26.52
N GLY B 1083 11.17 7.54 -26.40
CA GLY B 1083 10.38 8.28 -27.37
C GLY B 1083 10.03 7.53 -28.63
N LEU B 1084 10.14 6.21 -28.63
CA LEU B 1084 9.83 5.41 -29.81
C LEU B 1084 8.37 4.96 -29.81
N GLN B 1085 7.46 5.92 -29.68
CA GLN B 1085 6.03 5.60 -29.67
C GLN B 1085 5.47 5.38 -31.07
N GLU B 1086 6.19 5.75 -32.11
CA GLU B 1086 5.72 5.63 -33.48
C GLU B 1086 6.11 4.32 -34.14
N TYR B 1087 6.61 3.35 -33.37
CA TYR B 1087 7.09 2.08 -33.90
C TYR B 1087 6.38 0.94 -33.18
N PRO B 1088 5.15 0.62 -33.57
CA PRO B 1088 4.46 -0.51 -32.93
C PRO B 1088 5.17 -1.84 -33.13
N LEU B 1089 5.99 -1.98 -34.17
CA LEU B 1089 6.74 -3.20 -34.37
C LEU B 1089 7.71 -3.45 -33.23
N LEU B 1090 8.37 -2.40 -32.75
CA LEU B 1090 9.27 -2.55 -31.60
C LEU B 1090 8.50 -2.99 -30.36
N TYR B 1091 7.31 -2.43 -30.16
CA TYR B 1091 6.49 -2.83 -29.02
C TYR B 1091 6.09 -4.30 -29.12
N ARG B 1092 5.72 -4.75 -30.32
CA ARG B 1092 5.34 -6.14 -30.51
C ARG B 1092 6.52 -7.09 -30.29
N LEU B 1093 7.71 -6.69 -30.75
CA LEU B 1093 8.86 -7.59 -30.69
C LEU B 1093 9.32 -7.86 -29.27
N PHE B 1094 9.09 -6.93 -28.34
CA PHE B 1094 9.59 -7.05 -26.98
C PHE B 1094 8.49 -7.40 -25.98
N GLU B 1095 7.39 -7.97 -26.44
CA GLU B 1095 6.32 -8.35 -25.53
C GLU B 1095 6.67 -9.65 -24.80
N ARG B 1096 5.91 -9.92 -23.73
CA ARG B 1096 6.18 -11.10 -22.92
C ARG B 1096 5.95 -12.38 -23.71
N ASP B 1097 4.87 -12.43 -24.49
CA ASP B 1097 4.52 -13.61 -25.28
C ASP B 1097 4.89 -13.33 -26.73
N GLY B 1098 5.94 -13.99 -27.20
CA GLY B 1098 6.36 -13.85 -28.59
C GLY B 1098 7.01 -15.12 -29.12
N ALA B 1099 7.87 -14.98 -30.13
CA ALA B 1099 8.62 -16.11 -30.65
C ALA B 1099 9.79 -16.44 -29.73
N ALA B 1100 10.24 -17.68 -29.81
CA ALA B 1100 11.33 -18.14 -28.95
C ALA B 1100 12.63 -17.43 -29.29
N ILE B 1101 13.34 -17.01 -28.25
CA ILE B 1101 14.63 -16.34 -28.39
C ILE B 1101 15.70 -17.21 -27.76
N ASP B 1102 16.73 -17.52 -28.53
CA ASP B 1102 17.89 -18.27 -28.03
C ASP B 1102 19.01 -17.28 -27.80
N ILE B 1103 19.43 -17.13 -26.55
CA ILE B 1103 20.41 -16.12 -26.19
C ILE B 1103 21.76 -16.41 -26.86
N ASP B 1104 22.13 -17.70 -26.94
CA ASP B 1104 23.40 -18.06 -27.53
C ASP B 1104 23.49 -17.64 -28.99
N ALA B 1105 22.41 -17.85 -29.76
CA ALA B 1105 22.43 -17.49 -31.17
C ALA B 1105 22.64 -16.01 -31.36
N LEU B 1106 21.97 -15.18 -30.55
CA LEU B 1106 22.16 -13.74 -30.64
C LEU B 1106 23.52 -13.32 -30.09
N ALA B 1107 24.14 -14.13 -29.24
CA ALA B 1107 25.46 -13.81 -28.71
C ALA B 1107 26.56 -14.03 -29.74
N HIS B 1108 26.36 -14.98 -30.66
CA HIS B 1108 27.38 -15.26 -31.66
C HIS B 1108 27.57 -14.06 -32.59
N PRO B 1109 28.78 -13.84 -33.10
CA PRO B 1109 29.00 -12.73 -34.03
C PRO B 1109 28.22 -12.87 -35.33
N GLU B 1110 27.81 -14.08 -35.68
CA GLU B 1110 27.10 -14.31 -36.94
C GLU B 1110 26.11 -15.43 -36.75
N PHE B 1111 24.85 -15.18 -37.13
CA PHE B 1111 23.79 -16.16 -36.95
C PHE B 1111 22.87 -16.17 -38.16
N ARG B 1112 22.17 -17.27 -38.34
CA ARG B 1112 21.28 -17.46 -39.47
C ARG B 1112 19.84 -17.12 -39.11
N VAL B 1113 19.17 -16.42 -40.01
CA VAL B 1113 17.74 -16.14 -39.90
C VAL B 1113 17.03 -16.99 -40.94
N ILE B 1114 16.10 -17.82 -40.48
CA ILE B 1114 15.37 -18.74 -41.33
C ILE B 1114 14.16 -18.00 -41.91
N LEU B 1115 14.05 -17.98 -43.23
CA LEU B 1115 13.00 -17.23 -43.89
C LEU B 1115 11.81 -18.09 -44.31
N ASP B 1116 12.04 -19.35 -44.64
CA ASP B 1116 10.95 -20.23 -45.02
C ASP B 1116 11.37 -21.67 -44.76
N LYS B 1117 10.43 -22.47 -44.25
CA LYS B 1117 10.74 -23.83 -43.86
C LYS B 1117 10.93 -24.72 -45.09
N PRO B 1118 11.69 -25.81 -44.94
CA PRO B 1118 11.94 -26.68 -46.10
C PRO B 1118 10.66 -27.31 -46.62
N LEU B 1119 10.64 -27.55 -47.92
CA LEU B 1119 9.55 -28.18 -48.65
C LEU B 1119 10.14 -29.17 -49.64
N PRO B 1120 9.36 -30.15 -50.10
CA PRO B 1120 9.89 -31.11 -51.09
C PRO B 1120 10.33 -30.46 -52.38
N ASP B 1121 9.85 -29.25 -52.69
CA ASP B 1121 10.28 -28.53 -53.88
C ASP B 1121 11.45 -27.58 -53.62
N LYS B 1122 11.41 -26.84 -52.51
CA LYS B 1122 12.36 -25.77 -52.25
C LYS B 1122 13.06 -25.99 -50.91
N THR B 1123 14.35 -25.70 -50.88
CA THR B 1123 15.12 -25.81 -49.65
C THR B 1123 14.76 -24.68 -48.69
N SER B 1124 15.20 -24.82 -47.45
CA SER B 1124 14.92 -23.82 -46.43
C SER B 1124 15.74 -22.56 -46.72
N ARG B 1125 15.06 -21.48 -47.08
CA ARG B 1125 15.74 -20.22 -47.39
C ARG B 1125 16.20 -19.57 -46.10
N GLN B 1126 17.50 -19.26 -46.03
CA GLN B 1126 18.11 -18.67 -44.85
C GLN B 1126 19.01 -17.52 -45.27
N VAL B 1127 19.20 -16.58 -44.35
CA VAL B 1127 20.16 -15.49 -44.55
C VAL B 1127 21.14 -15.51 -43.37
N VAL B 1128 22.31 -14.92 -43.61
CA VAL B 1128 23.37 -14.87 -42.60
C VAL B 1128 23.54 -13.42 -42.17
N VAL B 1129 23.49 -13.19 -40.86
CA VAL B 1129 23.56 -11.86 -40.28
C VAL B 1129 24.80 -11.76 -39.40
N SER B 1130 25.51 -10.64 -39.54
CA SER B 1130 26.72 -10.37 -38.76
C SER B 1130 26.41 -9.35 -37.67
N ASN B 1131 26.88 -9.63 -36.46
CA ASN B 1131 26.73 -8.72 -35.33
C ASN B 1131 27.98 -7.88 -35.17
N THR B 1132 27.80 -6.56 -35.08
CA THR B 1132 28.92 -5.66 -34.83
C THR B 1132 28.92 -5.31 -33.35
N PRO B 1133 29.87 -5.80 -32.56
CA PRO B 1133 29.92 -5.58 -31.11
C PRO B 1133 30.74 -4.34 -30.72
N MET B 1150 26.99 8.84 -4.94
CA MET B 1150 25.76 9.00 -5.70
C MET B 1150 24.51 8.69 -4.87
N THR B 1151 23.91 9.71 -4.27
CA THR B 1151 22.76 9.57 -3.38
C THR B 1151 21.49 10.07 -4.06
N ILE B 1152 20.38 9.96 -3.32
CA ILE B 1152 19.08 10.37 -3.85
C ILE B 1152 19.08 11.88 -4.15
N ASN B 1153 19.58 12.68 -3.22
CA ASN B 1153 19.60 14.12 -3.42
C ASN B 1153 20.51 14.52 -4.58
N GLU B 1154 21.67 13.87 -4.67
CA GLU B 1154 22.57 14.12 -5.78
C GLU B 1154 21.91 13.79 -7.12
N LEU B 1155 21.26 12.62 -7.19
CA LEU B 1155 20.60 12.21 -8.43
C LEU B 1155 19.48 13.17 -8.80
N ARG B 1156 18.70 13.61 -7.82
CA ARG B 1156 17.65 14.60 -8.08
C ARG B 1156 18.25 15.90 -8.60
N SER B 1157 19.37 16.33 -8.01
CA SER B 1157 20.01 17.58 -8.44
C SER B 1157 20.48 17.50 -9.89
N GLU B 1158 21.14 16.41 -10.25
CA GLU B 1158 21.55 16.25 -11.66
C GLU B 1158 20.36 16.11 -12.60
N ARG B 1159 19.34 15.35 -12.20
CA ARG B 1159 18.20 15.19 -13.09
C ARG B 1159 17.53 16.54 -13.36
N LYS B 1160 17.40 17.37 -12.32
CA LYS B 1160 16.90 18.72 -12.53
C LYS B 1160 17.85 19.54 -13.39
N LEU B 1161 19.15 19.43 -13.14
CA LEU B 1161 20.14 20.19 -13.91
C LEU B 1161 20.19 19.72 -15.36
N LEU B 1162 20.09 18.41 -15.58
CA LEU B 1162 20.20 17.88 -16.94
C LEU B 1162 19.08 18.39 -17.83
N LYS B 1163 17.85 18.46 -17.32
CA LYS B 1163 16.75 19.02 -18.10
C LYS B 1163 16.95 20.50 -18.35
N SER B 1164 17.55 21.22 -17.39
CA SER B 1164 17.80 22.64 -17.56
C SER B 1164 18.73 22.91 -18.74
N GLN B 1165 19.67 22.00 -19.00
CA GLN B 1165 20.61 22.20 -20.09
C GLN B 1165 19.93 22.16 -21.46
N ILE B 1166 18.71 21.61 -21.53
CA ILE B 1166 17.98 21.57 -22.78
C ILE B 1166 17.71 22.98 -23.30
N ASN B 1167 17.46 23.93 -22.38
CA ASN B 1167 17.05 25.27 -22.77
C ASN B 1167 18.12 25.98 -23.59
N GLU B 1168 19.39 25.61 -23.43
CA GLU B 1168 20.46 26.19 -24.21
C GLU B 1168 20.75 25.30 -25.43
N LEU B 1169 21.72 25.72 -26.25
CA LEU B 1169 22.04 24.97 -27.46
C LEU B 1169 22.93 23.77 -27.16
N ASP B 1170 23.98 23.94 -26.37
CA ASP B 1170 24.87 22.85 -25.94
C ASP B 1170 25.44 22.17 -27.18
N ASP B 1171 25.37 20.85 -27.31
CA ASP B 1171 25.88 20.10 -28.45
C ASP B 1171 24.69 19.53 -29.21
N PRO B 1172 24.93 18.95 -30.41
CA PRO B 1172 23.82 18.36 -31.19
C PRO B 1172 22.81 17.56 -30.37
N SER B 1173 23.26 16.53 -29.66
CA SER B 1173 22.34 15.81 -28.79
C SER B 1173 22.73 15.98 -27.32
N ASP B 1174 23.94 15.54 -26.96
CA ASP B 1174 24.58 15.88 -25.69
C ASP B 1174 23.83 15.37 -24.46
N LEU B 1175 22.69 14.69 -24.65
CA LEU B 1175 21.83 14.42 -23.51
C LEU B 1175 21.41 12.97 -23.38
N ILE B 1176 21.20 12.27 -24.49
CA ILE B 1176 20.49 11.00 -24.44
C ILE B 1176 21.24 9.97 -23.62
N GLU B 1177 22.52 9.77 -23.90
CA GLU B 1177 23.25 8.71 -23.22
C GLU B 1177 23.53 9.06 -21.76
N ARG B 1178 23.81 10.32 -21.45
CA ARG B 1178 24.02 10.71 -20.07
C ARG B 1178 22.74 10.56 -19.25
N LEU B 1179 21.61 11.01 -19.78
CA LEU B 1179 20.35 10.85 -19.08
C LEU B 1179 20.00 9.38 -18.92
N MET B 1180 20.29 8.56 -19.94
CA MET B 1180 19.99 7.14 -19.85
C MET B 1180 20.83 6.45 -18.78
N GLU B 1181 22.13 6.75 -18.71
CA GLU B 1181 22.94 6.13 -17.68
C GLU B 1181 22.55 6.63 -16.29
N LEU B 1182 22.20 7.92 -16.17
CA LEU B 1182 21.72 8.41 -14.89
C LEU B 1182 20.45 7.67 -14.46
N ASP B 1183 19.49 7.53 -15.38
CA ASP B 1183 18.23 6.87 -15.04
C ASP B 1183 18.44 5.41 -14.71
N ASP B 1184 19.37 4.74 -15.41
CA ASP B 1184 19.72 3.37 -15.05
C ASP B 1184 20.29 3.31 -13.64
N ALA B 1185 21.15 4.27 -13.29
CA ALA B 1185 21.70 4.32 -11.95
C ALA B 1185 20.60 4.48 -10.90
N ILE B 1186 19.62 5.35 -11.18
CA ILE B 1186 18.47 5.46 -10.28
C ILE B 1186 17.72 4.14 -10.21
N ASN B 1187 17.61 3.43 -11.34
CA ASN B 1187 16.85 2.18 -11.38
C ASN B 1187 17.49 1.12 -10.50
N ASN B 1188 18.82 1.00 -10.54
CA ASN B 1188 19.49 -0.11 -9.87
C ASN B 1188 20.10 0.28 -8.51
N LEU B 1189 19.52 1.23 -7.80
CA LEU B 1189 20.01 1.54 -6.47
C LEU B 1189 19.63 0.43 -5.48
N ASP B 1190 20.36 0.38 -4.38
CA ASP B 1190 20.11 -0.60 -3.34
C ASP B 1190 19.18 -0.03 -2.27
N ILE B 1191 18.45 -0.92 -1.61
CA ILE B 1191 17.51 -0.51 -0.58
C ILE B 1191 18.13 -0.55 0.83
N THR B 1192 19.09 -1.45 1.06
CA THR B 1192 19.63 -1.65 2.41
C THR B 1192 20.29 -0.40 2.97
N LYS B 1193 20.67 0.57 2.13
CA LYS B 1193 21.30 1.77 2.64
C LYS B 1193 20.31 2.57 3.49
N PRO B 1194 20.77 3.17 4.59
CA PRO B 1194 19.83 3.86 5.49
C PRO B 1194 19.08 5.01 4.84
N GLU B 1195 19.71 5.73 3.92
CA GLU B 1195 19.04 6.86 3.27
C GLU B 1195 17.90 6.38 2.37
N ASN B 1196 18.20 5.40 1.51
CA ASN B 1196 17.16 4.87 0.63
C ASN B 1196 16.07 4.18 1.44
N LEU B 1197 16.45 3.44 2.48
CA LEU B 1197 15.47 2.79 3.33
C LEU B 1197 14.56 3.80 3.99
N LYS B 1198 15.13 4.89 4.50
CA LYS B 1198 14.32 5.93 5.12
C LYS B 1198 13.37 6.57 4.12
N VAL B 1199 13.86 6.86 2.91
CA VAL B 1199 13.01 7.48 1.90
C VAL B 1199 11.84 6.56 1.55
N VAL B 1200 12.13 5.28 1.31
CA VAL B 1200 11.08 4.34 0.93
C VAL B 1200 10.09 4.14 2.07
N GLN B 1201 10.59 4.00 3.29
CA GLN B 1201 9.71 3.78 4.43
C GLN B 1201 8.83 4.99 4.70
N ASP B 1202 9.34 6.19 4.44
CA ASP B 1202 8.54 7.39 4.65
C ASP B 1202 7.67 7.73 3.45
N GLU B 1203 7.86 7.07 2.31
CA GLU B 1203 7.06 7.39 1.12
C GLU B 1203 5.92 6.41 0.88
N VAL B 1204 6.19 5.09 0.90
CA VAL B 1204 5.20 4.10 0.52
C VAL B 1204 4.87 3.14 1.66
N ILE B 1205 5.87 2.71 2.42
CA ILE B 1205 5.63 1.69 3.45
C ILE B 1205 4.87 2.30 4.61
N PRO B 1206 3.81 1.67 5.10
CA PRO B 1206 3.05 2.24 6.22
C PRO B 1206 3.88 2.30 7.49
N GLU B 1207 3.38 3.06 8.47
CA GLU B 1207 4.11 3.23 9.72
C GLU B 1207 4.16 1.95 10.53
N THR B 1208 3.19 1.06 10.36
CA THR B 1208 3.19 -0.20 11.10
C THR B 1208 4.30 -1.14 10.66
N GLN B 1209 4.97 -0.86 9.54
CA GLN B 1209 6.00 -1.74 9.00
C GLN B 1209 7.35 -1.03 8.90
N HIS B 1210 7.60 -0.06 9.77
CA HIS B 1210 8.86 0.65 9.79
C HIS B 1210 9.84 -0.04 10.73
N GLY B 1211 11.10 -0.12 10.31
CA GLY B 1211 12.11 -0.76 11.12
C GLY B 1211 13.49 -0.51 10.57
N THR B 1212 14.49 -0.94 11.34
CA THR B 1212 15.89 -0.76 10.95
C THR B 1212 16.75 -2.00 11.14
N SER B 1213 16.26 -3.03 11.84
CA SER B 1213 17.05 -4.23 12.06
C SER B 1213 17.22 -4.98 10.74
N PRO B 1214 18.22 -5.87 10.66
CA PRO B 1214 18.42 -6.63 9.41
C PRO B 1214 17.19 -7.41 8.98
N GLU B 1215 16.42 -7.95 9.93
CA GLU B 1215 15.24 -8.71 9.57
C GLU B 1215 14.22 -7.85 8.84
N VAL B 1216 13.98 -6.64 9.34
CA VAL B 1216 12.97 -5.77 8.72
C VAL B 1216 13.42 -5.33 7.34
N VAL B 1217 14.70 -5.02 7.17
CA VAL B 1217 15.20 -4.62 5.86
C VAL B 1217 15.10 -5.78 4.86
N LYS B 1218 15.46 -6.99 5.30
CA LYS B 1218 15.33 -8.15 4.44
C LYS B 1218 13.88 -8.40 4.05
N LEU B 1219 12.96 -8.25 5.01
CA LEU B 1219 11.54 -8.45 4.70
C LEU B 1219 11.02 -7.37 3.77
N THR B 1220 11.52 -6.14 3.89
CA THR B 1220 11.13 -5.09 2.95
C THR B 1220 11.60 -5.42 1.55
N GLN B 1221 12.83 -5.90 1.42
CA GLN B 1221 13.33 -6.31 0.09
C GLN B 1221 12.47 -7.42 -0.48
N GLN B 1222 12.13 -8.42 0.34
CA GLN B 1222 11.29 -9.52 -0.12
C GLN B 1222 9.91 -9.01 -0.52
N LYS B 1223 9.36 -8.05 0.22
CA LYS B 1223 8.06 -7.48 -0.12
C LYS B 1223 8.11 -6.81 -1.48
N LEU B 1224 9.15 -6.04 -1.75
CA LEU B 1224 9.26 -5.39 -3.06
C LEU B 1224 9.40 -6.42 -4.18
N ASP B 1225 10.20 -7.46 -3.95
CA ASP B 1225 10.36 -8.50 -4.98
C ASP B 1225 9.05 -9.22 -5.26
N ILE B 1226 8.31 -9.58 -4.21
CA ILE B 1226 7.05 -10.28 -4.43
C ILE B 1226 6.03 -9.34 -5.05
N GLU B 1227 6.13 -8.04 -4.79
CA GLU B 1227 5.27 -7.09 -5.48
C GLU B 1227 5.56 -7.10 -6.98
N ASN B 1228 6.84 -7.14 -7.36
CA ASN B 1228 7.18 -7.24 -8.78
C ASN B 1228 6.59 -8.51 -9.40
N GLU B 1229 6.69 -9.62 -8.67
CA GLU B 1229 6.11 -10.88 -9.16
C GLU B 1229 4.59 -10.74 -9.36
N VAL B 1230 3.92 -10.10 -8.41
CA VAL B 1230 2.47 -9.88 -8.53
C VAL B 1230 2.17 -9.02 -9.74
N ILE B 1231 2.98 -7.99 -9.98
CA ILE B 1231 2.79 -7.15 -11.17
C ILE B 1231 2.82 -8.01 -12.42
N ASN B 1232 3.86 -8.83 -12.55
CA ASN B 1232 4.04 -9.62 -13.76
C ASN B 1232 2.86 -10.56 -13.97
N THR B 1233 2.48 -11.30 -12.92
CA THR B 1233 1.46 -12.32 -13.09
C THR B 1233 0.08 -11.69 -13.33
N GLY B 1234 -0.22 -10.59 -12.63
CA GLY B 1234 -1.49 -9.91 -12.87
C GLY B 1234 -1.58 -9.35 -14.27
N VAL B 1235 -0.48 -8.80 -14.80
CA VAL B 1235 -0.49 -8.31 -16.16
C VAL B 1235 -0.73 -9.44 -17.15
N ARG B 1236 -0.07 -10.59 -16.93
CA ARG B 1236 -0.30 -11.72 -17.82
C ARG B 1236 -1.76 -12.16 -17.81
N VAL B 1237 -2.35 -12.25 -16.61
CA VAL B 1237 -3.73 -12.68 -16.51
C VAL B 1237 -4.67 -11.69 -17.19
N GLN B 1238 -4.41 -10.38 -16.98
CA GLN B 1238 -5.26 -9.37 -17.60
C GLN B 1238 -5.20 -9.44 -19.12
N GLU B 1239 -3.98 -9.58 -19.67
CA GLU B 1239 -3.87 -9.67 -21.13
C GLU B 1239 -4.58 -10.89 -21.66
N LEU B 1240 -4.43 -12.04 -20.99
CA LEU B 1240 -5.09 -13.25 -21.46
C LEU B 1240 -6.60 -13.13 -21.38
N GLU B 1241 -7.12 -12.51 -20.31
CA GLU B 1241 -8.56 -12.33 -20.19
C GLU B 1241 -9.11 -11.40 -21.28
N LEU B 1242 -8.39 -10.32 -21.58
CA LEU B 1242 -8.81 -9.43 -22.66
C LEU B 1242 -8.84 -10.17 -24.00
N GLU B 1243 -7.79 -10.96 -24.28
CA GLU B 1243 -7.76 -11.74 -25.51
C GLU B 1243 -8.92 -12.72 -25.56
N LEU B 1244 -9.22 -13.37 -24.43
CA LEU B 1244 -10.33 -14.33 -24.40
C LEU B 1244 -11.66 -13.64 -24.69
N ALA B 1245 -11.89 -12.47 -24.09
CA ALA B 1245 -13.15 -11.76 -24.34
C ALA B 1245 -13.26 -11.34 -25.80
N ARG B 1246 -12.17 -10.82 -26.36
CA ARG B 1246 -12.20 -10.41 -27.77
C ARG B 1246 -12.47 -11.61 -28.68
N GLN B 1247 -11.83 -12.74 -28.40
CA GLN B 1247 -12.05 -13.93 -29.22
C GLN B 1247 -13.48 -14.44 -29.10
N LYS B 1248 -14.06 -14.38 -27.90
CA LYS B 1248 -15.44 -14.80 -27.74
C LYS B 1248 -16.37 -13.91 -28.55
N VAL B 1249 -16.16 -12.59 -28.49
CA VAL B 1249 -17.01 -11.67 -29.25
C VAL B 1249 -16.89 -11.95 -30.74
N GLN B 1250 -15.65 -12.11 -31.22
CA GLN B 1250 -15.44 -12.32 -32.65
C GLN B 1250 -15.97 -13.67 -33.11
N LEU B 1251 -15.89 -14.70 -32.26
CA LEU B 1251 -16.44 -16.00 -32.61
C LEU B 1251 -17.95 -15.97 -32.67
N GLU B 1252 -18.60 -15.26 -31.73
CA GLU B 1252 -20.04 -15.09 -31.82
C GLU B 1252 -20.43 -14.34 -33.08
N ASP B 1253 -19.66 -13.31 -33.43
CA ASP B 1253 -19.92 -12.57 -34.67
C ASP B 1253 -19.78 -13.47 -35.90
N ALA B 1254 -18.73 -14.29 -35.92
CA ALA B 1254 -18.52 -15.21 -37.03
C ALA B 1254 -19.66 -16.22 -37.13
N LEU B 1255 -20.11 -16.75 -35.99
CA LEU B 1255 -21.24 -17.69 -36.00
C LEU B 1255 -22.50 -17.02 -36.52
N SER B 1256 -22.76 -15.79 -36.08
CA SER B 1256 -23.94 -15.07 -36.57
C SER B 1256 -23.86 -14.85 -38.07
N ARG B 1257 -22.68 -14.51 -38.58
CA ARG B 1257 -22.53 -14.27 -40.02
C ARG B 1257 -22.68 -15.57 -40.81
N ILE B 1258 -22.11 -16.67 -40.34
CA ILE B 1258 -22.19 -17.93 -41.08
C ILE B 1258 -23.61 -18.49 -41.01
N GLU B 1259 -24.39 -18.10 -40.00
CA GLU B 1259 -25.77 -18.57 -39.92
C GLU B 1259 -26.64 -18.02 -41.05
N GLU B 1260 -26.15 -17.03 -41.80
CA GLU B 1260 -26.90 -16.48 -42.93
C GLU B 1260 -26.66 -17.23 -44.23
N THR B 1261 -25.71 -18.16 -44.26
CA THR B 1261 -25.39 -18.92 -45.47
C THR B 1261 -26.03 -20.30 -45.40
N ALA B 1262 -26.57 -20.75 -46.52
CA ALA B 1262 -27.23 -22.04 -46.57
C ALA B 1262 -26.22 -23.17 -46.33
N ASP B 1263 -26.72 -24.25 -45.75
CA ASP B 1263 -25.88 -25.41 -45.41
C ASP B 1263 -25.75 -26.26 -46.66
N ILE B 1264 -24.68 -26.04 -47.42
CA ILE B 1264 -24.46 -26.77 -48.67
C ILE B 1264 -23.07 -27.37 -48.67
N ASN B 1265 -22.40 -27.35 -47.53
CA ASN B 1265 -21.05 -27.88 -47.44
C ASN B 1265 -21.10 -29.40 -47.37
N PRO B 1266 -20.42 -30.11 -48.28
CA PRO B 1266 -20.45 -31.59 -48.25
C PRO B 1266 -19.35 -32.18 -47.38
N HIS B 1267 -19.51 -32.03 -46.07
CA HIS B 1267 -18.51 -32.52 -45.12
C HIS B 1267 -18.82 -33.90 -44.55
N ASP B 1268 -19.96 -34.50 -44.93
CA ASP B 1268 -20.28 -35.87 -44.56
C ASP B 1268 -20.36 -36.80 -45.77
N VAL B 1269 -19.80 -36.40 -46.89
CA VAL B 1269 -19.89 -37.16 -48.14
C VAL B 1269 -18.64 -38.00 -48.28
N ILE B 1270 -18.82 -39.29 -48.54
CA ILE B 1270 -17.73 -40.24 -48.75
C ILE B 1270 -17.80 -40.70 -50.19
N SER B 1271 -16.80 -40.33 -50.99
CA SER B 1271 -16.77 -40.72 -52.38
C SER B 1271 -16.18 -42.12 -52.53
N GLU B 1272 -16.80 -42.93 -53.40
CA GLU B 1272 -16.29 -44.26 -53.66
C GLU B 1272 -14.93 -44.19 -54.34
N PRO B 1273 -14.02 -45.10 -54.05
CA PRO B 1273 -12.71 -45.06 -54.70
C PRO B 1273 -12.83 -45.31 -56.19
N LEU B 1274 -11.92 -44.69 -56.94
CA LEU B 1274 -11.94 -44.78 -58.40
C LEU B 1274 -11.47 -46.15 -58.85
N PRO B 1275 -12.25 -46.87 -59.64
CA PRO B 1275 -11.78 -48.16 -60.17
C PRO B 1275 -10.75 -47.97 -61.27
N SER B 1276 -9.90 -48.99 -61.44
CA SER B 1276 -8.88 -48.94 -62.46
C SER B 1276 -9.45 -49.41 -63.81
N GLY B 1277 -8.83 -48.93 -64.89
CA GLY B 1277 -9.27 -49.26 -66.22
C GLY B 1277 -8.34 -50.20 -66.97
N ARG B 1278 -8.48 -50.24 -68.30
CA ARG B 1278 -7.63 -51.11 -69.10
C ARG B 1278 -6.17 -50.65 -69.10
N ALA B 1279 -5.95 -49.35 -69.23
CA ALA B 1279 -4.61 -48.77 -69.29
C ALA B 1279 -3.77 -49.40 -70.40
N ASN B 1418 6.99 -37.53 -76.55
CA ASN B 1418 8.38 -37.13 -76.26
C ASN B 1418 8.41 -36.09 -75.15
N THR B 1419 7.38 -35.25 -75.10
CA THR B 1419 7.32 -34.17 -74.12
C THR B 1419 7.23 -34.71 -72.71
N THR B 1420 7.86 -34.00 -71.78
CA THR B 1420 7.87 -34.38 -70.37
C THR B 1420 7.12 -33.33 -69.57
N GLU B 1421 6.14 -33.79 -68.79
CA GLU B 1421 5.34 -32.90 -67.96
C GLU B 1421 5.98 -32.75 -66.58
N GLY B 1422 5.39 -31.88 -65.76
CA GLY B 1422 5.91 -31.61 -64.43
C GLY B 1422 5.61 -32.71 -63.44
N SER B 1423 5.55 -32.37 -62.15
CA SER B 1423 5.26 -33.34 -61.11
C SER B 1423 4.14 -32.82 -60.22
N LEU B 1424 3.09 -33.61 -60.10
CA LEU B 1424 1.96 -33.29 -59.23
C LEU B 1424 2.17 -33.89 -57.85
N TYR B 1425 1.56 -33.24 -56.85
CA TYR B 1425 1.76 -33.54 -55.45
C TYR B 1425 0.41 -33.83 -54.81
N HIS B 1426 0.37 -34.82 -53.91
CA HIS B 1426 -0.86 -35.06 -53.15
C HIS B 1426 -0.54 -35.27 -51.68
N GLY B 1427 -1.20 -34.52 -50.81
CA GLY B 1427 -1.01 -34.64 -49.38
C GLY B 1427 -2.15 -35.43 -48.74
N THR B 1428 -1.77 -36.41 -47.93
CA THR B 1428 -2.76 -37.26 -47.29
C THR B 1428 -2.22 -37.79 -45.97
N ARG B 1429 -3.14 -38.21 -45.10
CA ARG B 1429 -2.80 -38.86 -43.84
C ARG B 1429 -3.22 -40.32 -43.82
N VAL B 1430 -3.62 -40.87 -44.96
CA VAL B 1430 -4.11 -42.24 -45.04
C VAL B 1430 -2.95 -43.19 -45.29
N LYS B 1431 -2.85 -44.24 -44.47
CA LYS B 1431 -1.81 -45.25 -44.64
C LYS B 1431 -2.21 -46.18 -45.78
N GLY B 1432 -1.32 -46.35 -46.76
CA GLY B 1432 -1.60 -47.19 -47.90
C GLY B 1432 -2.38 -46.46 -48.96
N TRP B 1433 -1.91 -45.27 -49.32
CA TRP B 1433 -2.63 -44.42 -50.27
C TRP B 1433 -2.21 -44.73 -51.70
N THR B 1434 -3.19 -44.80 -52.59
CA THR B 1434 -3.00 -44.97 -54.01
C THR B 1434 -3.82 -43.91 -54.73
N PRO B 1435 -3.47 -43.57 -55.97
CA PRO B 1435 -4.22 -42.52 -56.68
C PRO B 1435 -5.69 -42.85 -56.87
N GLY B 1436 -6.10 -44.09 -56.72
CA GLY B 1436 -7.49 -44.47 -56.88
C GLY B 1436 -8.37 -44.23 -55.68
N ASN B 1437 -7.82 -43.71 -54.57
CA ASN B 1437 -8.65 -43.45 -53.39
C ASN B 1437 -9.69 -42.37 -53.67
N GLY B 1438 -9.30 -41.31 -54.36
CA GLY B 1438 -10.23 -40.25 -54.67
C GLY B 1438 -10.48 -39.33 -53.49
N GLY B 1439 -11.46 -38.46 -53.67
CA GLY B 1439 -11.82 -37.51 -52.63
C GLY B 1439 -13.08 -36.76 -52.98
N VAL B 1440 -13.52 -35.92 -52.05
CA VAL B 1440 -14.72 -35.11 -52.19
C VAL B 1440 -14.32 -33.65 -52.22
N GLY B 1441 -14.73 -32.95 -53.28
CA GLY B 1441 -14.38 -31.56 -53.42
C GLY B 1441 -15.40 -30.74 -54.17
N GLU B 1442 -15.01 -29.52 -54.55
CA GLU B 1442 -15.94 -28.64 -55.26
C GLU B 1442 -16.27 -29.16 -56.65
N TRP B 1443 -15.27 -29.69 -57.37
CA TRP B 1443 -15.51 -30.15 -58.73
C TRP B 1443 -16.22 -31.49 -58.78
N GLY B 1444 -15.95 -32.38 -57.82
CA GLY B 1444 -16.60 -33.67 -57.77
C GLY B 1444 -15.61 -34.74 -57.34
N SER B 1445 -16.03 -35.99 -57.50
CA SER B 1445 -15.19 -37.11 -57.09
C SER B 1445 -13.95 -37.22 -57.97
N GLY B 1446 -12.93 -37.86 -57.44
CA GLY B 1446 -11.65 -37.99 -58.11
C GLY B 1446 -10.52 -37.71 -57.16
N THR B 1447 -9.27 -37.86 -57.61
CA THR B 1447 -8.11 -37.62 -56.78
C THR B 1447 -7.57 -36.23 -57.09
N TYR B 1448 -7.44 -35.40 -56.07
CA TYR B 1448 -6.98 -34.03 -56.24
C TYR B 1448 -5.47 -33.96 -56.09
N PHE B 1449 -4.81 -33.32 -57.05
CA PHE B 1449 -3.37 -33.11 -57.02
C PHE B 1449 -3.08 -31.63 -57.18
N SER B 1450 -1.99 -31.18 -56.58
CA SER B 1450 -1.61 -29.77 -56.58
C SER B 1450 -0.27 -29.58 -57.25
N LYS B 1451 -0.20 -28.61 -58.16
CA LYS B 1451 1.08 -28.26 -58.77
C LYS B 1451 2.05 -27.70 -57.74
N SER B 1452 1.55 -26.85 -56.83
CA SER B 1452 2.39 -26.22 -55.82
C SER B 1452 2.52 -27.13 -54.61
N SER B 1453 3.76 -27.36 -54.17
CA SER B 1453 3.99 -28.21 -53.01
C SER B 1453 3.44 -27.61 -51.73
N GLN B 1454 3.28 -26.30 -51.66
CA GLN B 1454 2.75 -25.68 -50.46
C GLN B 1454 1.30 -26.11 -50.21
N ALA B 1455 0.48 -26.12 -51.27
CA ALA B 1455 -0.91 -26.53 -51.12
C ALA B 1455 -1.03 -27.99 -50.72
N ALA B 1456 -0.22 -28.86 -51.32
CA ALA B 1456 -0.25 -30.27 -50.95
C ALA B 1456 0.24 -30.48 -49.53
N SER B 1457 1.25 -29.72 -49.11
CA SER B 1457 1.71 -29.81 -47.73
C SER B 1457 0.63 -29.38 -46.75
N ASP B 1458 -0.09 -28.31 -47.07
CA ASP B 1458 -1.20 -27.88 -46.23
C ASP B 1458 -2.30 -28.93 -46.19
N ASN B 1459 -2.60 -29.55 -47.34
CA ASN B 1459 -3.57 -30.63 -47.38
C ASN B 1459 -3.08 -31.87 -46.62
N ALA B 1460 -1.78 -32.02 -46.44
CA ALA B 1460 -1.25 -33.18 -45.73
C ALA B 1460 -1.41 -33.05 -44.22
N ILE B 1461 -1.40 -31.82 -43.69
CA ILE B 1461 -1.49 -31.64 -42.25
C ILE B 1461 -2.93 -31.43 -41.78
N LYS B 1462 -3.86 -31.11 -42.68
CA LYS B 1462 -5.25 -30.94 -42.30
C LYS B 1462 -5.80 -32.26 -41.74
N PRO B 1463 -6.68 -32.20 -40.76
CA PRO B 1463 -7.15 -33.45 -40.13
C PRO B 1463 -8.09 -34.20 -41.06
N LEU B 1464 -8.09 -35.52 -40.91
CA LEU B 1464 -9.05 -36.33 -41.64
C LEU B 1464 -10.46 -35.94 -41.25
N ARG B 1465 -11.34 -35.84 -42.25
CA ARG B 1465 -12.69 -35.36 -41.99
C ARG B 1465 -13.39 -36.30 -41.02
N PRO B 1466 -14.22 -35.77 -40.11
CA PRO B 1466 -14.86 -36.64 -39.10
C PRO B 1466 -15.71 -37.74 -39.72
N ALA B 1467 -16.40 -37.45 -40.81
CA ALA B 1467 -17.17 -38.48 -41.50
C ALA B 1467 -16.25 -39.55 -42.09
N LEU B 1468 -15.13 -39.12 -42.68
CA LEU B 1468 -14.19 -40.06 -43.26
C LEU B 1468 -13.36 -40.79 -42.20
N GLY B 1469 -13.26 -40.24 -41.00
CA GLY B 1469 -12.50 -40.91 -39.94
C GLY B 1469 -13.10 -42.23 -39.53
N GLU B 1470 -14.43 -42.34 -39.56
CA GLU B 1470 -15.09 -43.58 -39.20
C GLU B 1470 -14.97 -44.66 -40.26
N VAL B 1471 -14.51 -44.32 -41.46
CA VAL B 1471 -14.36 -45.29 -42.54
C VAL B 1471 -12.91 -45.72 -42.71
N ILE B 1472 -11.97 -44.78 -42.60
CA ILE B 1472 -10.56 -45.11 -42.83
C ILE B 1472 -10.07 -45.99 -41.69
N ASP B 1473 -9.49 -47.14 -42.04
CA ASP B 1473 -9.05 -48.09 -41.03
C ASP B 1473 -7.82 -47.58 -40.28
N ASN B 1474 -6.81 -47.13 -41.01
CA ASN B 1474 -5.51 -46.76 -40.43
C ASN B 1474 -5.08 -45.38 -40.93
N VAL B 1475 -4.52 -44.58 -40.02
CA VAL B 1475 -4.00 -43.26 -40.35
C VAL B 1475 -2.54 -43.18 -39.93
N THR B 1476 -1.76 -42.37 -40.64
CA THR B 1476 -0.33 -42.28 -40.41
C THR B 1476 0.15 -40.83 -40.41
N GLN B 1477 1.47 -40.64 -40.46
CA GLN B 1477 2.03 -39.30 -40.49
C GLN B 1477 1.60 -38.57 -41.77
N PRO B 1478 1.54 -37.24 -41.72
CA PRO B 1478 1.26 -36.48 -42.95
C PRO B 1478 2.25 -36.80 -44.06
N THR B 1479 1.77 -37.39 -45.15
CA THR B 1479 2.62 -37.83 -46.25
C THR B 1479 2.30 -37.03 -47.50
N ILE B 1480 3.33 -36.75 -48.29
CA ILE B 1480 3.18 -36.10 -49.59
C ILE B 1480 3.66 -37.07 -50.65
N HIS B 1481 2.80 -37.39 -51.60
CA HIS B 1481 3.06 -38.38 -52.63
C HIS B 1481 3.34 -37.68 -53.97
N GLU B 1482 4.38 -38.16 -54.64
CA GLU B 1482 4.79 -37.69 -55.96
C GLU B 1482 4.01 -38.43 -57.03
N VAL B 1483 3.64 -37.73 -58.10
CA VAL B 1483 3.14 -38.39 -59.32
C VAL B 1483 3.62 -37.60 -60.53
N LEU B 1484 3.94 -38.32 -61.61
CA LEU B 1484 4.13 -37.65 -62.89
C LEU B 1484 2.89 -37.87 -63.73
N PRO B 1485 2.23 -36.82 -64.20
CA PRO B 1485 1.00 -37.01 -64.99
C PRO B 1485 1.31 -37.66 -66.33
N ASP B 1486 0.39 -38.51 -66.77
CA ASP B 1486 0.42 -39.13 -68.10
C ASP B 1486 -1.02 -38.98 -68.58
N PHE B 1487 -1.29 -37.87 -69.27
CA PHE B 1487 -2.64 -37.54 -69.71
C PHE B 1487 -2.74 -37.65 -71.21
N LYS B 1488 -3.88 -38.17 -71.67
CA LYS B 1488 -4.20 -38.16 -73.10
C LYS B 1488 -4.97 -36.90 -73.46
N ARG B 1489 -6.11 -36.67 -72.79
CA ARG B 1489 -6.92 -35.48 -73.00
C ARG B 1489 -7.21 -34.85 -71.65
N THR B 1490 -7.10 -33.53 -71.56
CA THR B 1490 -7.34 -32.79 -70.33
C THR B 1490 -8.30 -31.65 -70.61
N VAL B 1491 -9.31 -31.50 -69.75
CA VAL B 1491 -10.31 -30.46 -69.88
C VAL B 1491 -9.97 -29.33 -68.91
N ASP B 1492 -9.85 -28.11 -69.44
CA ASP B 1492 -9.62 -26.95 -68.61
C ASP B 1492 -10.94 -26.49 -68.00
N VAL B 1493 -10.87 -26.06 -66.73
CA VAL B 1493 -12.08 -25.66 -66.03
C VAL B 1493 -12.43 -24.21 -66.32
N ASN B 1494 -11.46 -23.38 -66.65
CA ASN B 1494 -11.69 -21.97 -66.97
C ASN B 1494 -11.64 -21.72 -68.47
N SER B 1495 -12.15 -22.64 -69.26
CA SER B 1495 -12.17 -22.58 -70.71
C SER B 1495 -13.60 -22.79 -71.21
N PRO B 1496 -13.89 -22.36 -72.44
CA PRO B 1496 -15.24 -22.58 -72.99
C PRO B 1496 -15.61 -24.06 -72.99
N VAL B 1497 -16.88 -24.32 -72.71
CA VAL B 1497 -17.37 -25.70 -72.59
C VAL B 1497 -17.45 -26.32 -73.99
N ASP B 1498 -16.91 -27.53 -74.13
CA ASP B 1498 -16.98 -28.26 -75.38
C ASP B 1498 -18.23 -29.14 -75.40
N GLY B 1499 -18.48 -29.74 -76.57
CA GLY B 1499 -19.68 -30.54 -76.74
C GLY B 1499 -19.71 -31.78 -75.86
N ASP B 1500 -18.55 -32.39 -75.62
CA ASP B 1500 -18.50 -33.61 -74.83
C ASP B 1500 -18.94 -33.34 -73.39
N PHE B 1501 -18.52 -32.20 -72.81
CA PHE B 1501 -18.93 -31.87 -71.46
C PHE B 1501 -20.44 -31.67 -71.37
N SER B 1502 -21.02 -30.99 -72.37
CA SER B 1502 -22.47 -30.81 -72.37
C SER B 1502 -23.19 -32.14 -72.51
N ALA B 1503 -22.66 -33.04 -73.35
CA ALA B 1503 -23.27 -34.35 -73.49
C ALA B 1503 -23.22 -35.12 -72.18
N ALA B 1504 -22.08 -35.09 -71.49
CA ALA B 1504 -21.97 -35.75 -70.19
C ALA B 1504 -22.93 -35.16 -69.18
N LEU B 1505 -23.04 -33.82 -69.16
CA LEU B 1505 -23.96 -33.15 -68.25
C LEU B 1505 -25.40 -33.60 -68.51
N LEU B 1506 -25.82 -33.59 -69.77
CA LEU B 1506 -27.19 -33.98 -70.10
C LEU B 1506 -27.47 -35.43 -69.78
N MET B 1507 -26.53 -36.32 -70.11
CA MET B 1507 -26.71 -37.74 -69.81
C MET B 1507 -26.83 -37.97 -68.31
N SER B 1508 -25.96 -37.31 -67.52
CA SER B 1508 -26.01 -37.47 -66.08
C SER B 1508 -27.32 -36.93 -65.50
N ALA B 1509 -27.75 -35.76 -65.96
CA ALA B 1509 -29.00 -35.19 -65.45
C ALA B 1509 -30.19 -36.07 -65.80
N ASN B 1510 -30.21 -36.61 -67.03
CA ASN B 1510 -31.29 -37.51 -67.42
C ASN B 1510 -31.28 -38.78 -66.57
N GLU B 1511 -30.10 -39.35 -66.34
CA GLU B 1511 -30.02 -40.60 -65.58
C GLU B 1511 -30.42 -40.39 -64.13
N LEU B 1512 -30.00 -39.29 -63.51
CA LEU B 1512 -30.19 -39.11 -62.08
C LEU B 1512 -31.51 -38.42 -61.74
N MET B 1513 -31.78 -37.28 -62.35
CA MET B 1513 -32.95 -36.49 -62.00
C MET B 1513 -34.19 -36.99 -62.76
N ASP B 1514 -35.35 -36.62 -62.23
CA ASP B 1514 -36.63 -37.03 -62.81
C ASP B 1514 -36.96 -36.14 -64.01
N GLY B 1515 -38.07 -36.47 -64.68
CA GLY B 1515 -38.45 -35.72 -65.87
C GLY B 1515 -38.76 -34.26 -65.57
N SER B 1516 -39.55 -34.03 -64.53
CA SER B 1516 -39.85 -32.65 -64.14
C SER B 1516 -38.59 -31.92 -63.68
N GLU B 1517 -37.76 -32.59 -62.89
CA GLU B 1517 -36.50 -31.99 -62.46
C GLU B 1517 -35.58 -31.73 -63.65
N PHE B 1518 -35.55 -32.65 -64.61
CA PHE B 1518 -34.73 -32.46 -65.80
C PHE B 1518 -35.20 -31.25 -66.61
N THR B 1519 -36.53 -31.12 -66.77
CA THR B 1519 -37.07 -29.97 -67.50
C THR B 1519 -36.77 -28.67 -66.77
N SER B 1520 -36.88 -28.66 -65.43
CA SER B 1520 -36.55 -27.47 -64.67
C SER B 1520 -35.08 -27.10 -64.80
N PHE B 1521 -34.20 -28.11 -64.77
CA PHE B 1521 -32.77 -27.85 -64.95
C PHE B 1521 -32.49 -27.29 -66.34
N LYS B 1522 -33.13 -27.86 -67.36
CA LYS B 1522 -32.94 -27.37 -68.72
C LYS B 1522 -33.41 -25.92 -68.86
N ARG B 1523 -34.57 -25.60 -68.28
CA ARG B 1523 -35.03 -24.21 -68.28
C ARG B 1523 -34.08 -23.31 -67.51
N SER B 1524 -33.45 -23.83 -66.47
CA SER B 1524 -32.59 -23.00 -65.63
C SER B 1524 -31.27 -22.66 -66.32
N ILE B 1525 -30.65 -23.64 -66.97
CA ILE B 1525 -29.29 -23.47 -67.51
C ILE B 1525 -29.29 -23.33 -69.03
N MET B 1526 -30.28 -23.92 -69.71
CA MET B 1526 -30.24 -23.89 -71.17
C MET B 1526 -31.13 -22.77 -71.71
N LYS B 1527 -30.90 -22.43 -72.97
CA LYS B 1527 -31.72 -21.43 -73.62
C LYS B 1527 -33.12 -21.98 -73.88
N PRO B 1528 -34.13 -21.12 -73.90
CA PRO B 1528 -35.51 -21.60 -74.08
C PRO B 1528 -35.72 -22.38 -75.37
N GLY B 1529 -35.08 -21.99 -76.47
CA GLY B 1529 -35.38 -22.58 -77.75
C GLY B 1529 -34.32 -23.50 -78.33
N THR B 1530 -33.12 -23.50 -77.76
CA THR B 1530 -32.00 -24.27 -78.28
C THR B 1530 -31.40 -25.15 -77.19
N VAL B 1531 -30.45 -26.00 -77.61
CA VAL B 1531 -29.71 -26.87 -76.70
C VAL B 1531 -28.41 -26.21 -76.21
N GLN B 1532 -27.92 -25.20 -76.92
CA GLN B 1532 -26.70 -24.52 -76.51
C GLN B 1532 -26.87 -23.85 -75.16
N LEU B 1533 -25.77 -23.76 -74.41
CA LEU B 1533 -25.80 -23.19 -73.06
C LEU B 1533 -26.19 -21.72 -73.09
N ARG B 1534 -26.58 -21.22 -71.92
CA ARG B 1534 -26.89 -19.81 -71.78
C ARG B 1534 -25.64 -18.96 -71.99
N ASP B 1535 -25.86 -17.68 -72.28
CA ASP B 1535 -24.73 -16.78 -72.54
C ASP B 1535 -23.92 -16.51 -71.28
N THR B 1536 -24.56 -16.51 -70.11
CA THR B 1536 -23.85 -16.28 -68.86
C THR B 1536 -23.02 -17.47 -68.42
N ILE B 1537 -23.37 -18.67 -68.86
CA ILE B 1537 -22.66 -19.90 -68.50
C ILE B 1537 -21.73 -20.24 -69.65
N LYS B 1538 -20.41 -20.21 -69.40
CA LYS B 1538 -19.43 -20.45 -70.44
C LYS B 1538 -18.32 -21.43 -70.06
N THR B 1539 -18.13 -21.73 -68.78
CA THR B 1539 -17.04 -22.57 -68.32
C THR B 1539 -17.59 -23.70 -67.47
N PRO B 1540 -16.85 -24.81 -67.39
CA PRO B 1540 -17.28 -25.89 -66.47
C PRO B 1540 -17.40 -25.44 -65.03
N ALA B 1541 -16.59 -24.47 -64.60
CA ALA B 1541 -16.77 -23.91 -63.27
C ALA B 1541 -18.12 -23.21 -63.16
N ASP B 1542 -18.51 -22.46 -64.21
CA ASP B 1542 -19.83 -21.86 -64.22
C ASP B 1542 -20.93 -22.90 -64.25
N ILE B 1543 -20.69 -24.03 -64.92
CA ILE B 1543 -21.67 -25.12 -64.92
C ILE B 1543 -21.83 -25.67 -63.51
N TYR B 1544 -20.73 -25.87 -62.80
CA TYR B 1544 -20.80 -26.32 -61.42
C TYR B 1544 -21.53 -25.32 -60.54
N ALA B 1545 -21.27 -24.03 -60.75
CA ALA B 1545 -21.96 -23.00 -59.98
C ALA B 1545 -23.46 -23.03 -60.26
N ALA B 1546 -23.84 -23.23 -61.52
CA ALA B 1546 -25.26 -23.34 -61.87
C ALA B 1546 -25.90 -24.56 -61.22
N ILE B 1547 -25.17 -25.68 -61.19
CA ILE B 1547 -25.68 -26.88 -60.53
C ILE B 1547 -25.89 -26.61 -59.05
N GLU B 1548 -24.93 -25.94 -58.41
CA GLU B 1548 -25.07 -25.60 -57.00
C GLU B 1548 -26.26 -24.68 -56.76
N LYS B 1549 -26.45 -23.69 -57.63
CA LYS B 1549 -27.57 -22.77 -57.48
C LYS B 1549 -28.90 -23.50 -57.62
N TYR B 1550 -29.00 -24.40 -58.61
CA TYR B 1550 -30.22 -25.17 -58.78
C TYR B 1550 -30.49 -26.06 -57.56
N ALA B 1551 -29.45 -26.71 -57.05
CA ALA B 1551 -29.62 -27.57 -55.88
C ALA B 1551 -30.06 -26.76 -54.67
N ALA B 1552 -29.47 -25.58 -54.47
CA ALA B 1552 -29.84 -24.75 -53.33
C ALA B 1552 -31.24 -24.16 -53.48
N LYS B 1553 -31.71 -23.99 -54.72
CA LYS B 1553 -33.08 -23.51 -54.93
C LYS B 1553 -34.09 -24.48 -54.35
N ASN B 1554 -33.91 -25.78 -54.60
CA ASN B 1554 -34.77 -26.81 -54.03
C ASN B 1554 -34.09 -27.41 -52.80
N ASP B 1555 -34.04 -26.62 -51.74
CA ASP B 1555 -33.37 -27.04 -50.51
C ASP B 1555 -34.05 -28.24 -49.87
N ILE B 1556 -35.33 -28.48 -50.17
CA ILE B 1556 -36.07 -29.55 -49.50
C ILE B 1556 -35.55 -30.92 -49.91
N GLU B 1557 -35.35 -31.14 -51.21
CA GLU B 1557 -35.04 -32.47 -51.73
C GLU B 1557 -33.64 -32.60 -52.28
N TRP B 1558 -32.82 -31.54 -52.23
CA TRP B 1558 -31.44 -31.60 -52.70
C TRP B 1558 -30.50 -31.39 -51.51
N THR B 1559 -29.65 -32.37 -51.28
CA THR B 1559 -28.67 -32.37 -50.20
C THR B 1559 -27.27 -32.32 -50.77
N PRO B 1560 -26.28 -31.87 -49.99
CA PRO B 1560 -24.90 -31.84 -50.52
C PRO B 1560 -24.42 -33.18 -51.03
N GLU B 1561 -24.86 -34.27 -50.40
CA GLU B 1561 -24.49 -35.60 -50.91
C GLU B 1561 -25.01 -35.78 -52.32
N ARG B 1562 -26.27 -35.43 -52.58
CA ARG B 1562 -26.84 -35.65 -53.90
C ARG B 1562 -26.15 -34.79 -54.96
N THR B 1563 -25.85 -33.53 -54.62
CA THR B 1563 -25.13 -32.67 -55.55
C THR B 1563 -23.75 -33.23 -55.86
N HIS B 1564 -23.04 -33.69 -54.84
CA HIS B 1564 -21.72 -34.26 -55.09
C HIS B 1564 -21.81 -35.55 -55.87
N LYS B 1565 -22.85 -36.35 -55.66
CA LYS B 1565 -23.05 -37.55 -56.45
C LYS B 1565 -23.33 -37.20 -57.91
N PHE B 1566 -24.09 -36.14 -58.15
CA PHE B 1566 -24.33 -35.68 -59.52
C PHE B 1566 -23.02 -35.26 -60.19
N LYS B 1567 -22.19 -34.50 -59.48
CA LYS B 1567 -20.90 -34.09 -60.04
C LYS B 1567 -19.99 -35.31 -60.26
N SER B 1568 -20.04 -36.27 -59.34
CA SER B 1568 -19.25 -37.49 -59.50
C SER B 1568 -19.69 -38.26 -60.74
N ARG B 1569 -21.00 -38.37 -60.96
CA ARG B 1569 -21.50 -39.05 -62.15
C ARG B 1569 -21.07 -38.33 -63.42
N ILE B 1570 -21.07 -36.99 -63.39
CA ILE B 1570 -20.53 -36.22 -64.50
C ILE B 1570 -19.07 -36.62 -64.76
N ASN B 1571 -18.29 -36.74 -63.68
CA ASN B 1571 -16.88 -37.10 -63.82
C ASN B 1571 -16.72 -38.50 -64.42
N GLU B 1572 -17.54 -39.45 -63.98
CA GLU B 1572 -17.45 -40.80 -64.54
C GLU B 1572 -17.83 -40.81 -66.02
N ARG B 1573 -18.84 -40.03 -66.41
CA ARG B 1573 -19.18 -39.93 -67.83
C ARG B 1573 -18.03 -39.34 -68.62
N LEU B 1574 -17.38 -38.31 -68.07
CA LEU B 1574 -16.21 -37.74 -68.74
C LEU B 1574 -15.10 -38.78 -68.90
N ARG B 1575 -14.87 -39.58 -67.86
CA ARG B 1575 -13.86 -40.64 -67.95
C ARG B 1575 -14.25 -41.66 -69.01
N LEU B 1576 -15.54 -41.95 -69.12
CA LEU B 1576 -16.02 -42.86 -70.17
C LEU B 1576 -15.73 -42.29 -71.55
N VAL B 1577 -15.92 -40.98 -71.71
CA VAL B 1577 -15.59 -40.34 -72.99
C VAL B 1577 -14.12 -40.51 -73.32
N GLY B 1578 -13.25 -40.44 -72.30
CA GLY B 1578 -11.83 -40.59 -72.50
C GLY B 1578 -11.02 -39.42 -71.97
N VAL B 1579 -11.60 -38.69 -71.02
CA VAL B 1579 -10.93 -37.55 -70.39
C VAL B 1579 -10.18 -38.06 -69.16
N ASP B 1580 -8.89 -37.76 -69.11
CA ASP B 1580 -8.07 -38.27 -68.01
C ASP B 1580 -8.30 -37.47 -66.73
N ALA B 1581 -8.27 -36.14 -66.81
CA ALA B 1581 -8.36 -35.32 -65.62
C ALA B 1581 -8.81 -33.92 -66.00
N LEU B 1582 -9.26 -33.18 -64.99
CA LEU B 1582 -9.66 -31.79 -65.11
C LEU B 1582 -8.68 -30.94 -64.30
N THR B 1583 -8.15 -29.89 -64.93
CA THR B 1583 -7.17 -29.05 -64.25
C THR B 1583 -7.31 -27.61 -64.72
N ASP B 1584 -6.95 -26.67 -63.82
CA ASP B 1584 -6.79 -25.26 -64.16
C ASP B 1584 -5.27 -25.54 -63.97
N GLY B 1585 -4.49 -24.48 -64.12
CA GLY B 1585 -3.05 -24.57 -63.94
C GLY B 1585 -2.72 -25.41 -62.72
N ASP B 1586 -3.11 -24.94 -61.55
CA ASP B 1586 -2.71 -25.57 -60.29
C ASP B 1586 -3.28 -26.85 -59.72
N THR B 1587 -4.58 -27.07 -59.81
CA THR B 1587 -5.24 -28.21 -59.17
C THR B 1587 -5.76 -29.10 -60.28
N THR B 1588 -5.37 -30.38 -60.22
CA THR B 1588 -5.76 -31.38 -61.20
C THR B 1588 -6.66 -32.41 -60.54
N LEU B 1589 -7.82 -32.67 -61.15
CA LEU B 1589 -8.76 -33.66 -60.64
C LEU B 1589 -8.63 -34.91 -61.49
N VAL B 1590 -7.73 -35.80 -61.09
CA VAL B 1590 -7.52 -37.05 -61.82
C VAL B 1590 -8.74 -37.94 -61.63
N ILE B 1591 -9.32 -38.39 -62.75
CA ILE B 1591 -10.49 -39.25 -62.72
C ILE B 1591 -10.05 -40.69 -62.99
N ASN B 1592 -9.02 -40.85 -63.80
CA ASN B 1592 -8.51 -42.17 -64.16
C ASN B 1592 -7.23 -42.44 -63.38
N PRO B 1593 -7.25 -43.30 -62.37
CA PRO B 1593 -6.02 -43.51 -61.56
C PRO B 1593 -4.86 -44.09 -62.35
N ASP B 1594 -5.11 -44.75 -63.48
CA ASP B 1594 -4.03 -45.31 -64.27
C ASP B 1594 -3.20 -44.25 -64.98
N ALA B 1595 -3.64 -42.99 -64.97
CA ALA B 1595 -2.95 -41.92 -65.68
C ALA B 1595 -1.76 -41.36 -64.92
N VAL B 1596 -1.54 -41.77 -63.67
CA VAL B 1596 -0.45 -41.26 -62.87
C VAL B 1596 0.27 -42.43 -62.21
N SER B 1597 1.55 -42.21 -61.85
CA SER B 1597 2.38 -43.20 -61.20
C SER B 1597 3.05 -42.59 -59.98
N VAL B 1598 2.98 -43.30 -58.86
CA VAL B 1598 3.56 -42.81 -57.61
C VAL B 1598 5.07 -42.94 -57.66
N ILE B 1599 5.77 -41.94 -57.13
CA ILE B 1599 7.23 -41.90 -57.20
C ILE B 1599 7.85 -41.99 -55.82
N ASN B 1600 7.57 -40.99 -54.98
CA ASN B 1600 8.19 -40.89 -53.68
C ASN B 1600 7.18 -40.38 -52.67
N SER B 1601 7.45 -40.65 -51.40
CA SER B 1601 6.63 -40.18 -50.30
C SER B 1601 7.51 -39.41 -49.32
N HIS B 1602 7.15 -38.16 -49.06
CA HIS B 1602 7.87 -37.31 -48.13
C HIS B 1602 7.08 -37.23 -46.83
N LEU B 1603 7.76 -37.45 -45.71
CA LEU B 1603 7.14 -37.43 -44.40
C LEU B 1603 7.23 -36.03 -43.80
N LEU B 1604 6.18 -35.65 -43.08
CA LEU B 1604 6.13 -34.38 -42.38
C LEU B 1604 5.96 -34.62 -40.89
N ASP B 1605 6.34 -33.62 -40.10
CA ASP B 1605 6.25 -33.73 -38.65
C ASP B 1605 4.80 -33.55 -38.19
N GLU B 1606 4.36 -34.45 -37.31
CA GLU B 1606 3.02 -34.35 -36.75
C GLU B 1606 2.96 -33.20 -35.76
N THR B 1607 2.06 -32.25 -35.99
CA THR B 1607 1.96 -31.06 -35.18
C THR B 1607 0.79 -31.17 -34.20
N ASP B 1608 0.59 -30.13 -33.41
CA ASP B 1608 -0.47 -30.10 -32.42
C ASP B 1608 -1.80 -29.74 -33.08
N ALA B 1609 -2.83 -29.53 -32.27
CA ALA B 1609 -4.17 -29.31 -32.80
C ALA B 1609 -4.27 -27.98 -33.54
N ILE B 1610 -3.65 -26.93 -33.01
CA ILE B 1610 -3.80 -25.60 -33.61
C ILE B 1610 -3.12 -25.56 -34.96
N GLY B 1611 -1.96 -26.20 -35.11
CA GLY B 1611 -1.34 -26.29 -36.41
C GLY B 1611 -2.20 -27.04 -37.41
N THR B 1612 -2.88 -28.09 -36.94
CA THR B 1612 -3.79 -28.83 -37.79
C THR B 1612 -4.94 -27.96 -38.27
N SER B 1613 -5.53 -27.18 -37.36
CA SER B 1613 -6.62 -26.28 -37.75
C SER B 1613 -6.13 -25.20 -38.72
N ILE B 1614 -4.93 -24.68 -38.48
CA ILE B 1614 -4.37 -23.68 -39.39
C ILE B 1614 -4.16 -24.27 -40.78
N ALA B 1615 -3.66 -25.51 -40.84
CA ALA B 1615 -3.49 -26.16 -42.14
C ALA B 1615 -4.83 -26.36 -42.84
N ARG B 1616 -5.86 -26.76 -42.09
CA ARG B 1616 -7.17 -26.94 -42.69
C ARG B 1616 -7.71 -25.63 -43.25
N TYR B 1617 -7.56 -24.54 -42.49
CA TYR B 1617 -8.02 -23.24 -42.98
C TYR B 1617 -7.25 -22.82 -44.21
N ASN B 1618 -5.93 -23.06 -44.23
CA ASN B 1618 -5.13 -22.71 -45.40
C ASN B 1618 -5.59 -23.46 -46.63
N SER B 1619 -5.87 -24.76 -46.47
CA SER B 1619 -6.36 -25.55 -47.60
C SER B 1619 -7.70 -25.02 -48.10
N ALA B 1620 -8.62 -24.73 -47.17
CA ALA B 1620 -9.92 -24.22 -47.56
C ALA B 1620 -9.79 -22.87 -48.26
N SER B 1621 -8.92 -22.00 -47.77
CA SER B 1621 -8.74 -20.68 -48.37
C SER B 1621 -8.15 -20.79 -49.77
N GLU B 1622 -7.17 -21.68 -49.97
CA GLU B 1622 -6.63 -21.86 -51.31
C GLU B 1622 -7.68 -22.42 -52.26
N ALA B 1623 -8.49 -23.37 -51.79
CA ALA B 1623 -9.56 -23.92 -52.62
C ALA B 1623 -10.55 -22.83 -53.01
N ALA B 1624 -10.90 -21.94 -52.07
CA ALA B 1624 -11.79 -20.84 -52.39
C ALA B 1624 -11.13 -19.86 -53.35
N GLY B 1625 -9.82 -19.63 -53.20
CA GLY B 1625 -9.13 -18.69 -54.06
C GLY B 1625 -9.11 -19.13 -55.51
N ARG B 1626 -8.92 -20.43 -55.73
CA ARG B 1626 -8.99 -20.96 -57.10
C ARG B 1626 -10.41 -20.90 -57.64
N ASN B 1627 -11.35 -21.55 -56.96
CA ASN B 1627 -12.75 -21.62 -57.38
C ASN B 1627 -13.54 -20.57 -56.62
N SER B 1628 -13.42 -19.31 -57.06
CA SER B 1628 -14.13 -18.22 -56.40
C SER B 1628 -15.61 -18.25 -56.72
N GLY B 1629 -16.01 -18.78 -57.87
CA GLY B 1629 -17.40 -18.76 -58.28
C GLY B 1629 -18.26 -19.87 -57.73
N ILE B 1630 -17.67 -20.87 -57.08
CA ILE B 1630 -18.40 -22.01 -56.54
C ILE B 1630 -18.74 -21.69 -55.08
N PRO B 1631 -20.02 -21.63 -54.71
CA PRO B 1631 -20.37 -21.35 -53.30
C PRO B 1631 -19.89 -22.41 -52.33
N THR B 1632 -19.67 -23.64 -52.80
CA THR B 1632 -19.21 -24.70 -51.90
C THR B 1632 -17.83 -24.38 -51.32
N ALA B 1633 -16.93 -23.85 -52.16
CA ALA B 1633 -15.61 -23.49 -51.68
C ALA B 1633 -15.67 -22.40 -50.62
N ASN B 1634 -16.52 -21.39 -50.84
CA ASN B 1634 -16.67 -20.33 -49.86
C ASN B 1634 -17.27 -20.84 -48.55
N ALA B 1635 -18.25 -21.73 -48.63
CA ALA B 1635 -18.82 -22.31 -47.42
C ALA B 1635 -17.77 -23.11 -46.66
N ASN B 1636 -16.96 -23.89 -47.38
CA ASN B 1636 -15.89 -24.65 -46.75
C ASN B 1636 -14.90 -23.72 -46.06
N GLN B 1637 -14.54 -22.61 -46.73
CA GLN B 1637 -13.61 -21.66 -46.13
C GLN B 1637 -14.19 -21.04 -44.87
N ALA B 1638 -15.47 -20.67 -44.90
CA ALA B 1638 -16.10 -20.10 -43.72
C ALA B 1638 -16.13 -21.08 -42.56
N GLU B 1639 -16.48 -22.34 -42.84
CA GLU B 1639 -16.49 -23.35 -41.79
C GLU B 1639 -15.09 -23.57 -41.21
N ALA B 1640 -14.08 -23.60 -42.09
CA ALA B 1640 -12.71 -23.76 -41.61
C ALA B 1640 -12.28 -22.58 -40.74
N SER B 1641 -12.67 -21.37 -41.13
CA SER B 1641 -12.35 -20.19 -40.33
C SER B 1641 -12.98 -20.27 -38.95
N VAL B 1642 -14.25 -20.67 -38.88
CA VAL B 1642 -14.92 -20.77 -37.59
C VAL B 1642 -14.25 -21.85 -36.73
N MET B 1643 -13.90 -22.98 -37.35
CA MET B 1643 -13.23 -24.04 -36.61
C MET B 1643 -11.89 -23.57 -36.05
N LEU B 1644 -11.11 -22.85 -36.86
CA LEU B 1644 -9.82 -22.33 -36.40
C LEU B 1644 -10.00 -21.36 -35.25
N GLN B 1645 -11.01 -20.48 -35.36
CA GLN B 1645 -11.28 -19.54 -34.27
C GLN B 1645 -11.63 -20.28 -32.98
N ARG B 1646 -12.44 -21.33 -33.09
CA ARG B 1646 -12.82 -22.10 -31.90
C ARG B 1646 -11.59 -22.78 -31.26
N GLN B 1647 -10.72 -23.35 -32.09
CA GLN B 1647 -9.53 -23.99 -31.54
C GLN B 1647 -8.63 -22.97 -30.86
N MET B 1648 -8.48 -21.79 -31.46
CA MET B 1648 -7.69 -20.74 -30.82
C MET B 1648 -8.30 -20.30 -29.50
N TYR B 1649 -9.64 -20.25 -29.45
CA TYR B 1649 -10.31 -19.93 -28.19
C TYR B 1649 -10.00 -20.96 -27.11
N GLU B 1650 -9.98 -22.25 -27.48
CA GLU B 1650 -9.63 -23.28 -26.52
C GLU B 1650 -8.20 -23.12 -26.01
N GLU B 1651 -7.27 -22.82 -26.92
CA GLU B 1651 -5.90 -22.59 -26.50
C GLU B 1651 -5.80 -21.41 -25.53
N THR B 1652 -6.53 -20.33 -25.82
CA THR B 1652 -6.54 -19.18 -24.93
C THR B 1652 -7.10 -19.55 -23.55
N ILE B 1653 -8.13 -20.39 -23.51
CA ILE B 1653 -8.67 -20.83 -22.23
C ILE B 1653 -7.60 -21.57 -21.42
N GLU B 1654 -6.87 -22.47 -22.07
CA GLU B 1654 -5.82 -23.22 -21.37
C GLU B 1654 -4.76 -22.27 -20.81
N LYS B 1655 -4.31 -21.32 -21.63
CA LYS B 1655 -3.29 -20.37 -21.17
C LYS B 1655 -3.82 -19.54 -20.00
N LEU B 1656 -5.08 -19.12 -20.07
CA LEU B 1656 -5.65 -18.32 -19.01
C LEU B 1656 -5.71 -19.09 -17.70
N GLU B 1657 -6.06 -20.37 -17.75
CA GLU B 1657 -6.08 -21.17 -16.54
C GLU B 1657 -4.68 -21.28 -15.92
N ASP B 1658 -3.67 -21.50 -16.75
CA ASP B 1658 -2.30 -21.55 -16.24
C ASP B 1658 -1.94 -20.22 -15.57
N ALA B 1659 -2.23 -19.11 -16.23
CA ALA B 1659 -1.88 -17.80 -15.68
C ALA B 1659 -2.61 -17.54 -14.37
N LYS B 1660 -3.87 -17.97 -14.27
CA LYS B 1660 -4.63 -17.78 -13.03
C LYS B 1660 -4.01 -18.58 -11.89
N ARG B 1661 -3.56 -19.81 -12.15
CA ARG B 1661 -2.90 -20.58 -11.10
C ARG B 1661 -1.64 -19.86 -10.62
N GLN B 1662 -0.84 -19.36 -11.55
CA GLN B 1662 0.36 -18.63 -11.16
C GLN B 1662 0.01 -17.38 -10.35
N GLN B 1663 -1.07 -16.70 -10.73
CA GLN B 1663 -1.50 -15.50 -10.01
C GLN B 1663 -1.88 -15.84 -8.58
N ARG B 1664 -2.61 -16.94 -8.39
CA ARG B 1664 -2.98 -17.35 -7.04
C ARG B 1664 -1.74 -17.62 -6.19
N THR B 1665 -0.75 -18.32 -6.77
CA THR B 1665 0.48 -18.59 -6.03
C THR B 1665 1.16 -17.29 -5.62
N ALA B 1666 1.30 -16.36 -6.56
CA ALA B 1666 1.99 -15.10 -6.28
C ALA B 1666 1.27 -14.28 -5.22
N ILE B 1667 -0.07 -14.22 -5.30
CA ILE B 1667 -0.83 -13.44 -4.34
C ILE B 1667 -0.71 -14.02 -2.95
N THR B 1668 -0.80 -15.35 -2.82
CA THR B 1668 -0.64 -15.97 -1.51
C THR B 1668 0.74 -15.68 -0.93
N LYS B 1669 1.79 -15.78 -1.76
CA LYS B 1669 3.14 -15.50 -1.28
C LYS B 1669 3.27 -14.04 -0.82
N SER B 1670 2.68 -13.11 -1.58
CA SER B 1670 2.75 -11.71 -1.19
C SER B 1670 2.05 -11.45 0.13
N HIS B 1671 0.89 -12.07 0.33
CA HIS B 1671 0.18 -11.91 1.60
C HIS B 1671 1.01 -12.44 2.76
N GLU B 1672 1.64 -13.62 2.58
CA GLU B 1672 2.47 -14.16 3.63
C GLU B 1672 3.63 -13.23 3.97
N ILE B 1673 4.29 -12.68 2.94
CA ILE B 1673 5.42 -11.80 3.18
C ILE B 1673 4.99 -10.54 3.91
N ASP B 1674 3.85 -9.95 3.50
CA ASP B 1674 3.37 -8.75 4.18
C ASP B 1674 3.04 -9.03 5.64
N GLU B 1675 2.40 -10.17 5.91
CA GLU B 1675 2.08 -10.50 7.31
C GLU B 1675 3.34 -10.66 8.14
N GLN B 1676 4.34 -11.38 7.62
CA GLN B 1676 5.57 -11.56 8.36
C GLN B 1676 6.28 -10.23 8.61
N LEU B 1677 6.30 -9.35 7.61
CA LEU B 1677 6.95 -8.05 7.77
C LEU B 1677 6.25 -7.23 8.85
N THR B 1678 4.91 -7.22 8.83
CA THR B 1678 4.18 -6.48 9.85
C THR B 1678 4.47 -7.03 11.24
N GLN B 1679 4.50 -8.35 11.38
CA GLN B 1679 4.77 -8.96 12.67
C GLN B 1679 6.15 -8.56 13.19
N THR B 1680 7.17 -8.68 12.33
CA THR B 1680 8.53 -8.37 12.75
C THR B 1680 8.68 -6.89 13.11
N ALA B 1681 8.12 -6.00 12.29
CA ALA B 1681 8.23 -4.57 12.57
C ALA B 1681 7.51 -4.21 13.87
N GLN B 1682 6.34 -4.82 14.12
CA GLN B 1682 5.63 -4.56 15.37
C GLN B 1682 6.44 -5.03 16.56
N ALA B 1683 7.09 -6.19 16.46
CA ALA B 1683 7.93 -6.66 17.56
C ALA B 1683 9.07 -5.69 17.83
N GLU B 1684 9.74 -5.22 16.76
CA GLU B 1684 10.83 -4.27 16.94
C GLU B 1684 10.36 -2.98 17.59
N GLN B 1685 9.22 -2.44 17.10
CA GLN B 1685 8.71 -1.20 17.65
C GLN B 1685 8.31 -1.35 19.11
N THR B 1686 7.69 -2.48 19.46
CA THR B 1686 7.33 -2.72 20.85
C THR B 1686 8.56 -2.79 21.74
N THR B 1687 9.61 -3.48 21.27
CA THR B 1687 10.84 -3.55 22.06
C THR B 1687 11.43 -2.16 22.28
N LYS B 1688 11.51 -1.36 21.23
CA LYS B 1688 12.08 -0.01 21.36
C LYS B 1688 11.23 0.86 22.28
N ARG B 1689 9.91 0.79 22.15
CA ARG B 1689 9.03 1.59 22.99
C ARG B 1689 9.13 1.18 24.45
N GLN B 1690 9.23 -0.13 24.71
CA GLN B 1690 9.38 -0.59 26.08
C GLN B 1690 10.71 -0.15 26.67
N GLN B 1691 11.78 -0.17 25.87
CA GLN B 1691 13.06 0.33 26.35
C GLN B 1691 12.98 1.82 26.70
N ARG B 1692 12.32 2.60 25.85
CA ARG B 1692 12.18 4.03 26.13
C ARG B 1692 11.34 4.26 27.38
N VAL B 1693 10.28 3.47 27.57
CA VAL B 1693 9.44 3.62 28.74
C VAL B 1693 10.23 3.29 30.00
N ALA B 1694 11.03 2.22 29.96
CA ALA B 1694 11.85 1.89 31.11
C ALA B 1694 12.87 2.98 31.41
N LYS B 1695 13.48 3.55 30.37
CA LYS B 1695 14.41 4.66 30.57
C LYS B 1695 13.72 5.85 31.21
N SER B 1696 12.51 6.17 30.75
CA SER B 1696 11.77 7.30 31.32
C SER B 1696 11.42 7.04 32.78
N GLN B 1697 11.02 5.81 33.11
CA GLN B 1697 10.70 5.48 34.49
C GLN B 1697 11.93 5.58 35.39
N LYS B 1698 13.08 5.12 34.90
CA LYS B 1698 14.31 5.25 35.68
C LYS B 1698 14.69 6.71 35.87
N ARG B 1699 14.53 7.52 34.83
CA ARG B 1699 14.80 8.95 34.96
C ARG B 1699 13.86 9.58 35.98
N ALA B 1700 12.59 9.17 35.97
CA ALA B 1700 11.64 9.68 36.96
C ALA B 1700 12.06 9.30 38.38
N GLU B 1701 12.51 8.05 38.56
CA GLU B 1701 12.99 7.63 39.88
C GLU B 1701 14.17 8.49 40.33
N ARG B 1702 15.16 8.67 39.45
CA ARG B 1702 16.34 9.45 39.80
C ARG B 1702 15.98 10.89 40.11
N GLU B 1703 15.12 11.50 39.29
CA GLU B 1703 14.73 12.89 39.51
C GLU B 1703 13.94 13.06 40.79
N ALA B 1704 13.03 12.12 41.09
CA ALA B 1704 12.25 12.22 42.32
C ALA B 1704 13.13 12.06 43.55
N GLU B 1705 14.08 11.13 43.52
CA GLU B 1705 14.98 10.99 44.65
C GLU B 1705 15.96 12.16 44.73
N ARG B 1706 16.23 12.83 43.61
CA ARG B 1706 17.12 13.99 43.64
C ARG B 1706 16.50 15.14 44.40
N LEU B 1707 15.23 15.45 44.11
CA LEU B 1707 14.52 16.51 44.82
C LEU B 1707 13.75 15.95 46.02
N GLY B 1708 14.42 15.14 46.83
CA GLY B 1708 13.75 14.47 47.93
C GLY B 1708 14.60 14.38 49.18
N LYS B 1709 15.55 15.30 49.34
CA LYS B 1709 16.40 15.31 50.51
C LYS B 1709 16.11 16.50 51.42
N LYS B 1710 16.22 17.71 50.89
CA LYS B 1710 15.96 18.96 51.61
C LYS B 1710 15.97 20.08 50.59
N ARG B 1711 15.65 21.30 51.06
CA ARG B 1711 15.75 22.50 50.25
C ARG B 1711 16.62 23.50 51.03
N ASP B 1712 17.91 23.51 50.72
CA ASP B 1712 18.88 24.33 51.43
C ASP B 1712 19.68 25.22 50.47
N ASN B 1713 19.28 25.27 49.22
CA ASN B 1713 20.00 26.09 48.25
C ASN B 1713 19.38 27.47 48.19
N PRO B 1714 20.17 28.55 48.40
CA PRO B 1714 19.58 29.89 48.54
C PRO B 1714 18.67 30.29 47.38
N CYS B 1715 19.21 30.36 46.16
CA CYS B 1715 18.38 30.55 44.96
C CYS B 1715 18.82 29.53 43.91
N GLN B 1716 18.29 28.31 44.05
CA GLN B 1716 18.43 27.28 43.03
C GLN B 1716 17.17 26.42 42.91
N PHE B 1717 16.12 26.74 43.66
CA PHE B 1717 14.96 25.86 43.81
C PHE B 1717 15.37 24.45 44.18
#